data_5VR3
# 
_entry.id   5VR3 
# 
_audit_conform.dict_name       mmcif_pdbx.dic 
_audit_conform.dict_version    5.387 
_audit_conform.dict_location   http://mmcif.pdb.org/dictionaries/ascii/mmcif_pdbx.dic 
# 
loop_
_database_2.database_id 
_database_2.database_code 
_database_2.pdbx_database_accession 
_database_2.pdbx_DOI 
PDB   5VR3         pdb_00005vr3 10.2210/pdb5vr3/pdb 
WWPDB D_1000227879 ?            ?                   
# 
loop_
_pdbx_audit_revision_history.ordinal 
_pdbx_audit_revision_history.data_content_type 
_pdbx_audit_revision_history.major_revision 
_pdbx_audit_revision_history.minor_revision 
_pdbx_audit_revision_history.revision_date 
1 'Structure model' 1 0 2018-02-14 
2 'Structure model' 1 1 2018-02-28 
3 'Structure model' 1 2 2018-03-07 
4 'Structure model' 1 3 2024-03-13 
# 
_pdbx_audit_revision_details.ordinal             1 
_pdbx_audit_revision_details.revision_ordinal    1 
_pdbx_audit_revision_details.data_content_type   'Structure model' 
_pdbx_audit_revision_details.provider            repository 
_pdbx_audit_revision_details.type                'Initial release' 
_pdbx_audit_revision_details.description         ? 
_pdbx_audit_revision_details.details             ? 
# 
loop_
_pdbx_audit_revision_group.ordinal 
_pdbx_audit_revision_group.revision_ordinal 
_pdbx_audit_revision_group.data_content_type 
_pdbx_audit_revision_group.group 
1 2 'Structure model' 'Database references' 
2 3 'Structure model' 'Database references' 
3 4 'Structure model' 'Data collection'     
4 4 'Structure model' 'Database references' 
# 
loop_
_pdbx_audit_revision_category.ordinal 
_pdbx_audit_revision_category.revision_ordinal 
_pdbx_audit_revision_category.data_content_type 
_pdbx_audit_revision_category.category 
1 2 'Structure model' citation        
2 2 'Structure model' citation_author 
3 3 'Structure model' citation        
4 4 'Structure model' chem_comp_atom  
5 4 'Structure model' chem_comp_bond  
6 4 'Structure model' database_2      
# 
loop_
_pdbx_audit_revision_item.ordinal 
_pdbx_audit_revision_item.revision_ordinal 
_pdbx_audit_revision_item.data_content_type 
_pdbx_audit_revision_item.item 
1 2 'Structure model' '_citation.pdbx_database_id_PubMed'   
2 2 'Structure model' '_citation.title'                     
3 2 'Structure model' '_citation_author.name'               
4 3 'Structure model' '_citation.journal_volume'            
5 3 'Structure model' '_citation.page_first'                
6 3 'Structure model' '_citation.page_last'                 
7 4 'Structure model' '_database_2.pdbx_DOI'                
8 4 'Structure model' '_database_2.pdbx_database_accession' 
# 
_pdbx_database_status.status_code                     REL 
_pdbx_database_status.status_code_sf                  REL 
_pdbx_database_status.status_code_mr                  ? 
_pdbx_database_status.entry_id                        5VR3 
_pdbx_database_status.recvd_initial_deposition_date   2017-05-10 
_pdbx_database_status.SG_entry                        N 
_pdbx_database_status.deposit_site                    RCSB 
_pdbx_database_status.process_site                    RCSB 
_pdbx_database_status.status_code_cs                  ? 
_pdbx_database_status.methods_development_category    ? 
_pdbx_database_status.pdb_format_compatible           Y 
_pdbx_database_status.status_code_nmr_data            ? 
# 
loop_
_audit_author.name 
_audit_author.pdbx_ordinal 
_audit_author.identifier_ORCID 
'Thevakumaran, N.' 1 ?                   
'Maisonneuve, P.'  2 0000-0001-8292-5741 
'Kurinov, I.'      3 ?                   
'Lavoie, H.'       4 ?                   
'Marullo, S.A.'    5 ?                   
'Sahmi, M.'        6 ?                   
'Jin, T.'          7 ?                   
'Therrien, M.'     8 ?                   
'Sicheri, F.'      9 ?                   
# 
_citation.abstract                  ? 
_citation.abstract_id_CAS           ? 
_citation.book_id_ISBN              ? 
_citation.book_publisher            ? 
_citation.book_publisher_city       ? 
_citation.book_title                ? 
_citation.coordinate_linkage        ? 
_citation.country                   UK 
_citation.database_id_Medline       ? 
_citation.details                   ? 
_citation.id                        primary 
_citation.journal_abbrev            Nature 
_citation.journal_id_ASTM           NATUAS 
_citation.journal_id_CSD            0006 
_citation.journal_id_ISSN           1476-4687 
_citation.journal_full              ? 
_citation.journal_issue             ? 
_citation.journal_volume            554 
_citation.language                  ? 
_citation.page_first                549 
_citation.page_last                 553 
_citation.title                     'MEK drives BRAF activation through allosteric control of KSR proteins.' 
_citation.year                      2018 
_citation.database_id_CSD           ? 
_citation.pdbx_database_id_DOI      10.1038/nature25478 
_citation.pdbx_database_id_PubMed   29433126 
_citation.unpublished_flag          ? 
# 
loop_
_citation_author.citation_id 
_citation_author.name 
_citation_author.ordinal 
_citation_author.identifier_ORCID 
primary 'Lavoie, H.'       1 ? 
primary 'Sahmi, M.'        2 ? 
primary 'Maisonneuve, P.'  3 ? 
primary 'Marullo, S.A.'    4 ? 
primary 'Thevakumaran, N.' 5 ? 
primary 'Jin, T.'          6 ? 
primary 'Kurinov, I.'      7 ? 
primary 'Sicheri, F.'      8 ? 
primary 'Therrien, M.'     9 ? 
# 
loop_
_entity.id 
_entity.type 
_entity.src_method 
_entity.pdbx_description 
_entity.formula_weight 
_entity.pdbx_number_of_molecules 
_entity.pdbx_ec 
_entity.pdbx_mutation 
_entity.pdbx_fragment 
_entity.details 
1 polymer     man BRAF          9544.413 1  2.7.11.1 ? 'UNp residues 38-116' ? 
2 non-polymer syn 'SULFATE ION' 96.063   1  ?        ? ?                     ? 
3 water       nat water         18.015   13 ?        ? ?                     ? 
# 
_entity_poly.entity_id                      1 
_entity_poly.type                           'polypeptide(L)' 
_entity_poly.nstd_linkage                   no 
_entity_poly.nstd_monomer                   no 
_entity_poly.pdbx_seq_one_letter_code       
;GAMDPGGGGSSAADPAIPEEVWNIKQMIKLTQEHIEALLDKFGGEHNPPSIYLEAYEEYTSKLDALQQREQQLLESLGNG
TDFSVSSS
;
_entity_poly.pdbx_seq_one_letter_code_can   
;GAMDPGGGGSSAADPAIPEEVWNIKQMIKLTQEHIEALLDKFGGEHNPPSIYLEAYEEYTSKLDALQQREQQLLESLGNG
TDFSVSSS
;
_entity_poly.pdbx_strand_id                 A 
_entity_poly.pdbx_target_identifier         ? 
# 
loop_
_pdbx_entity_nonpoly.entity_id 
_pdbx_entity_nonpoly.name 
_pdbx_entity_nonpoly.comp_id 
2 'SULFATE ION' SO4 
3 water         HOH 
# 
loop_
_entity_poly_seq.entity_id 
_entity_poly_seq.num 
_entity_poly_seq.mon_id 
_entity_poly_seq.hetero 
1 1  GLY n 
1 2  ALA n 
1 3  MET n 
1 4  ASP n 
1 5  PRO n 
1 6  GLY n 
1 7  GLY n 
1 8  GLY n 
1 9  GLY n 
1 10 SER n 
1 11 SER n 
1 12 ALA n 
1 13 ALA n 
1 14 ASP n 
1 15 PRO n 
1 16 ALA n 
1 17 ILE n 
1 18 PRO n 
1 19 GLU n 
1 20 GLU n 
1 21 VAL n 
1 22 TRP n 
1 23 ASN n 
1 24 ILE n 
1 25 LYS n 
1 26 GLN n 
1 27 MET n 
1 28 ILE n 
1 29 LYS n 
1 30 LEU n 
1 31 THR n 
1 32 GLN n 
1 33 GLU n 
1 34 HIS n 
1 35 ILE n 
1 36 GLU n 
1 37 ALA n 
1 38 LEU n 
1 39 LEU n 
1 40 ASP n 
1 41 LYS n 
1 42 PHE n 
1 43 GLY n 
1 44 GLY n 
1 45 GLU n 
1 46 HIS n 
1 47 ASN n 
1 48 PRO n 
1 49 PRO n 
1 50 SER n 
1 51 ILE n 
1 52 TYR n 
1 53 LEU n 
1 54 GLU n 
1 55 ALA n 
1 56 TYR n 
1 57 GLU n 
1 58 GLU n 
1 59 TYR n 
1 60 THR n 
1 61 SER n 
1 62 LYS n 
1 63 LEU n 
1 64 ASP n 
1 65 ALA n 
1 66 LEU n 
1 67 GLN n 
1 68 GLN n 
1 69 ARG n 
1 70 GLU n 
1 71 GLN n 
1 72 GLN n 
1 73 LEU n 
1 74 LEU n 
1 75 GLU n 
1 76 SER n 
1 77 LEU n 
1 78 GLY n 
1 79 ASN n 
1 80 GLY n 
1 81 THR n 
1 82 ASP n 
1 83 PHE n 
1 84 SER n 
1 85 VAL n 
1 86 SER n 
1 87 SER n 
1 88 SER n 
# 
_entity_src_gen.entity_id                          1 
_entity_src_gen.pdbx_src_id                        1 
_entity_src_gen.pdbx_alt_source_flag               sample 
_entity_src_gen.pdbx_seq_type                      'Biological sequence' 
_entity_src_gen.pdbx_beg_seq_num                   1 
_entity_src_gen.pdbx_end_seq_num                   88 
_entity_src_gen.gene_src_common_name               human 
_entity_src_gen.gene_src_genus                     ? 
_entity_src_gen.pdbx_gene_src_gene                 BRAF 
_entity_src_gen.gene_src_species                   ? 
_entity_src_gen.gene_src_strain                    ? 
_entity_src_gen.gene_src_tissue                    ? 
_entity_src_gen.gene_src_tissue_fraction           ? 
_entity_src_gen.gene_src_details                   ? 
_entity_src_gen.pdbx_gene_src_fragment             ? 
_entity_src_gen.pdbx_gene_src_scientific_name      'Homo sapiens' 
_entity_src_gen.pdbx_gene_src_ncbi_taxonomy_id     9606 
_entity_src_gen.pdbx_gene_src_variant              ? 
_entity_src_gen.pdbx_gene_src_cell_line            ? 
_entity_src_gen.pdbx_gene_src_atcc                 ? 
_entity_src_gen.pdbx_gene_src_organ                ? 
_entity_src_gen.pdbx_gene_src_organelle            ? 
_entity_src_gen.pdbx_gene_src_cell                 ? 
_entity_src_gen.pdbx_gene_src_cellular_location    ? 
_entity_src_gen.host_org_common_name               ? 
_entity_src_gen.pdbx_host_org_scientific_name      'Escherichia coli' 
_entity_src_gen.pdbx_host_org_ncbi_taxonomy_id     469008 
_entity_src_gen.host_org_genus                     ? 
_entity_src_gen.pdbx_host_org_gene                 ? 
_entity_src_gen.pdbx_host_org_organ                ? 
_entity_src_gen.host_org_species                   ? 
_entity_src_gen.pdbx_host_org_tissue               ? 
_entity_src_gen.pdbx_host_org_tissue_fraction      ? 
_entity_src_gen.pdbx_host_org_strain               'BL21(DE3)' 
_entity_src_gen.pdbx_host_org_variant              ? 
_entity_src_gen.pdbx_host_org_cell_line            ? 
_entity_src_gen.pdbx_host_org_atcc                 ? 
_entity_src_gen.pdbx_host_org_culture_collection   ? 
_entity_src_gen.pdbx_host_org_cell                 ? 
_entity_src_gen.pdbx_host_org_organelle            ? 
_entity_src_gen.pdbx_host_org_cellular_location    ? 
_entity_src_gen.pdbx_host_org_vector_type          ? 
_entity_src_gen.pdbx_host_org_vector               ? 
_entity_src_gen.host_org_details                   ? 
_entity_src_gen.expression_system_id               ? 
_entity_src_gen.plasmid_name                       'pGEX 2T' 
_entity_src_gen.plasmid_details                    ? 
_entity_src_gen.pdbx_description                   ? 
# 
loop_
_chem_comp.id 
_chem_comp.type 
_chem_comp.mon_nstd_flag 
_chem_comp.name 
_chem_comp.pdbx_synonyms 
_chem_comp.formula 
_chem_comp.formula_weight 
ALA 'L-peptide linking' y ALANINE         ? 'C3 H7 N O2'     89.093  
ARG 'L-peptide linking' y ARGININE        ? 'C6 H15 N4 O2 1' 175.209 
ASN 'L-peptide linking' y ASPARAGINE      ? 'C4 H8 N2 O3'    132.118 
ASP 'L-peptide linking' y 'ASPARTIC ACID' ? 'C4 H7 N O4'     133.103 
GLN 'L-peptide linking' y GLUTAMINE       ? 'C5 H10 N2 O3'   146.144 
GLU 'L-peptide linking' y 'GLUTAMIC ACID' ? 'C5 H9 N O4'     147.129 
GLY 'peptide linking'   y GLYCINE         ? 'C2 H5 N O2'     75.067  
HIS 'L-peptide linking' y HISTIDINE       ? 'C6 H10 N3 O2 1' 156.162 
HOH non-polymer         . WATER           ? 'H2 O'           18.015  
ILE 'L-peptide linking' y ISOLEUCINE      ? 'C6 H13 N O2'    131.173 
LEU 'L-peptide linking' y LEUCINE         ? 'C6 H13 N O2'    131.173 
LYS 'L-peptide linking' y LYSINE          ? 'C6 H15 N2 O2 1' 147.195 
MET 'L-peptide linking' y METHIONINE      ? 'C5 H11 N O2 S'  149.211 
PHE 'L-peptide linking' y PHENYLALANINE   ? 'C9 H11 N O2'    165.189 
PRO 'L-peptide linking' y PROLINE         ? 'C5 H9 N O2'     115.130 
SER 'L-peptide linking' y SERINE          ? 'C3 H7 N O3'     105.093 
SO4 non-polymer         . 'SULFATE ION'   ? 'O4 S -2'        96.063  
THR 'L-peptide linking' y THREONINE       ? 'C4 H9 N O3'     119.119 
TRP 'L-peptide linking' y TRYPTOPHAN      ? 'C11 H12 N2 O2'  204.225 
TYR 'L-peptide linking' y TYROSINE        ? 'C9 H11 N O3'    181.189 
VAL 'L-peptide linking' y VALINE          ? 'C5 H11 N O2'    117.146 
# 
loop_
_pdbx_poly_seq_scheme.asym_id 
_pdbx_poly_seq_scheme.entity_id 
_pdbx_poly_seq_scheme.seq_id 
_pdbx_poly_seq_scheme.mon_id 
_pdbx_poly_seq_scheme.ndb_seq_num 
_pdbx_poly_seq_scheme.pdb_seq_num 
_pdbx_poly_seq_scheme.auth_seq_num 
_pdbx_poly_seq_scheme.pdb_mon_id 
_pdbx_poly_seq_scheme.auth_mon_id 
_pdbx_poly_seq_scheme.pdb_strand_id 
_pdbx_poly_seq_scheme.pdb_ins_code 
_pdbx_poly_seq_scheme.hetero 
A 1 1  GLY 1  27  ?   ?   ?   A . n 
A 1 2  ALA 2  28  ?   ?   ?   A . n 
A 1 3  MET 3  29  ?   ?   ?   A . n 
A 1 4  ASP 4  30  ?   ?   ?   A . n 
A 1 5  PRO 5  31  ?   ?   ?   A . n 
A 1 6  GLY 6  32  ?   ?   ?   A . n 
A 1 7  GLY 7  33  ?   ?   ?   A . n 
A 1 8  GLY 8  34  ?   ?   ?   A . n 
A 1 9  GLY 9  35  ?   ?   ?   A . n 
A 1 10 SER 10 36  ?   ?   ?   A . n 
A 1 11 SER 11 37  ?   ?   ?   A . n 
A 1 12 ALA 12 38  ?   ?   ?   A . n 
A 1 13 ALA 13 39  ?   ?   ?   A . n 
A 1 14 ASP 14 40  ?   ?   ?   A . n 
A 1 15 PRO 15 41  41  PRO PRO A . n 
A 1 16 ALA 16 42  42  ALA ALA A . n 
A 1 17 ILE 17 43  43  ILE ILE A . n 
A 1 18 PRO 18 44  44  PRO PRO A . n 
A 1 19 GLU 19 45  45  GLU GLU A . n 
A 1 20 GLU 20 46  46  GLU GLU A . n 
A 1 21 VAL 21 47  47  VAL VAL A . n 
A 1 22 TRP 22 48  48  TRP TRP A . n 
A 1 23 ASN 23 49  49  ASN ASN A . n 
A 1 24 ILE 24 50  50  ILE ILE A . n 
A 1 25 LYS 25 51  51  LYS LYS A . n 
A 1 26 GLN 26 52  52  GLN GLN A . n 
A 1 27 MET 27 53  53  MET MET A . n 
A 1 28 ILE 28 54  54  ILE ILE A . n 
A 1 29 LYS 29 55  55  LYS LYS A . n 
A 1 30 LEU 30 56  56  LEU LEU A . n 
A 1 31 THR 31 57  57  THR THR A . n 
A 1 32 GLN 32 58  58  GLN GLN A . n 
A 1 33 GLU 33 59  59  GLU GLU A . n 
A 1 34 HIS 34 60  60  HIS HIS A . n 
A 1 35 ILE 35 61  61  ILE ILE A . n 
A 1 36 GLU 36 62  62  GLU GLU A . n 
A 1 37 ALA 37 63  63  ALA ALA A . n 
A 1 38 LEU 38 64  64  LEU LEU A . n 
A 1 39 LEU 39 65  65  LEU LEU A . n 
A 1 40 ASP 40 66  66  ASP ASP A . n 
A 1 41 LYS 41 67  67  LYS LYS A . n 
A 1 42 PHE 42 68  68  PHE PHE A . n 
A 1 43 GLY 43 69  ?   ?   ?   A . n 
A 1 44 GLY 44 70  ?   ?   ?   A . n 
A 1 45 GLU 45 71  71  GLU GLU A . n 
A 1 46 HIS 46 72  72  HIS HIS A . n 
A 1 47 ASN 47 73  73  ASN ASN A . n 
A 1 48 PRO 48 74  74  PRO PRO A . n 
A 1 49 PRO 49 75  75  PRO PRO A . n 
A 1 50 SER 50 76  76  SER SER A . n 
A 1 51 ILE 51 77  77  ILE ILE A . n 
A 1 52 TYR 52 78  78  TYR TYR A . n 
A 1 53 LEU 53 79  79  LEU LEU A . n 
A 1 54 GLU 54 80  80  GLU GLU A . n 
A 1 55 ALA 55 81  81  ALA ALA A . n 
A 1 56 TYR 56 82  82  TYR TYR A . n 
A 1 57 GLU 57 83  83  GLU GLU A . n 
A 1 58 GLU 58 84  84  GLU GLU A . n 
A 1 59 TYR 59 85  85  TYR TYR A . n 
A 1 60 THR 60 86  86  THR THR A . n 
A 1 61 SER 61 87  87  SER SER A . n 
A 1 62 LYS 62 88  88  LYS LYS A . n 
A 1 63 LEU 63 89  89  LEU LEU A . n 
A 1 64 ASP 64 90  90  ASP ASP A . n 
A 1 65 ALA 65 91  91  ALA ALA A . n 
A 1 66 LEU 66 92  92  LEU LEU A . n 
A 1 67 GLN 67 93  93  GLN GLN A . n 
A 1 68 GLN 68 94  94  GLN GLN A . n 
A 1 69 ARG 69 95  95  ARG ARG A . n 
A 1 70 GLU 70 96  96  GLU GLU A . n 
A 1 71 GLN 71 97  97  GLN GLN A . n 
A 1 72 GLN 72 98  98  GLN GLN A . n 
A 1 73 LEU 73 99  99  LEU LEU A . n 
A 1 74 LEU 74 100 100 LEU LEU A . n 
A 1 75 GLU 75 101 101 GLU GLU A . n 
A 1 76 SER 76 102 102 SER SER A . n 
A 1 77 LEU 77 103 ?   ?   ?   A . n 
A 1 78 GLY 78 104 ?   ?   ?   A . n 
A 1 79 ASN 79 105 ?   ?   ?   A . n 
A 1 80 GLY 80 106 ?   ?   ?   A . n 
A 1 81 THR 81 107 ?   ?   ?   A . n 
A 1 82 ASP 82 108 ?   ?   ?   A . n 
A 1 83 PHE 83 109 ?   ?   ?   A . n 
A 1 84 SER 84 110 ?   ?   ?   A . n 
A 1 85 VAL 85 111 ?   ?   ?   A . n 
A 1 86 SER 86 112 ?   ?   ?   A . n 
A 1 87 SER 87 113 ?   ?   ?   A . n 
A 1 88 SER 88 114 ?   ?   ?   A . n 
# 
loop_
_pdbx_nonpoly_scheme.asym_id 
_pdbx_nonpoly_scheme.entity_id 
_pdbx_nonpoly_scheme.mon_id 
_pdbx_nonpoly_scheme.ndb_seq_num 
_pdbx_nonpoly_scheme.pdb_seq_num 
_pdbx_nonpoly_scheme.auth_seq_num 
_pdbx_nonpoly_scheme.pdb_mon_id 
_pdbx_nonpoly_scheme.auth_mon_id 
_pdbx_nonpoly_scheme.pdb_strand_id 
_pdbx_nonpoly_scheme.pdb_ins_code 
B 2 SO4 1  201 1  SO4 SO4 A . 
C 3 HOH 1  301 14 HOH HOH A . 
C 3 HOH 2  302 17 HOH HOH A . 
C 3 HOH 3  303 2  HOH HOH A . 
C 3 HOH 4  304 6  HOH HOH A . 
C 3 HOH 5  305 15 HOH HOH A . 
C 3 HOH 6  306 1  HOH HOH A . 
C 3 HOH 7  307 12 HOH HOH A . 
C 3 HOH 8  308 13 HOH HOH A . 
C 3 HOH 9  309 7  HOH HOH A . 
C 3 HOH 10 310 16 HOH HOH A . 
C 3 HOH 11 311 3  HOH HOH A . 
C 3 HOH 12 312 9  HOH HOH A . 
C 3 HOH 13 313 5  HOH HOH A . 
# 
loop_
_pdbx_unobs_or_zero_occ_atoms.id 
_pdbx_unobs_or_zero_occ_atoms.PDB_model_num 
_pdbx_unobs_or_zero_occ_atoms.polymer_flag 
_pdbx_unobs_or_zero_occ_atoms.occupancy_flag 
_pdbx_unobs_or_zero_occ_atoms.auth_asym_id 
_pdbx_unobs_or_zero_occ_atoms.auth_comp_id 
_pdbx_unobs_or_zero_occ_atoms.auth_seq_id 
_pdbx_unobs_or_zero_occ_atoms.PDB_ins_code 
_pdbx_unobs_or_zero_occ_atoms.auth_atom_id 
_pdbx_unobs_or_zero_occ_atoms.label_alt_id 
_pdbx_unobs_or_zero_occ_atoms.label_asym_id 
_pdbx_unobs_or_zero_occ_atoms.label_comp_id 
_pdbx_unobs_or_zero_occ_atoms.label_seq_id 
_pdbx_unobs_or_zero_occ_atoms.label_atom_id 
1  1 Y 1 A PRO 41 ? CG  ? A PRO 15 CG  
2  1 Y 1 A PRO 41 ? CD  ? A PRO 15 CD  
3  1 Y 1 A GLU 71 ? CG  ? A GLU 45 CG  
4  1 Y 1 A GLU 71 ? CD  ? A GLU 45 CD  
5  1 Y 1 A GLU 71 ? OE1 ? A GLU 45 OE1 
6  1 Y 1 A GLU 71 ? OE2 ? A GLU 45 OE2 
7  1 Y 1 A HIS 72 ? CG  ? A HIS 46 CG  
8  1 Y 1 A HIS 72 ? ND1 ? A HIS 46 ND1 
9  1 Y 1 A HIS 72 ? CD2 ? A HIS 46 CD2 
10 1 Y 1 A HIS 72 ? CE1 ? A HIS 46 CE1 
11 1 Y 1 A HIS 72 ? NE2 ? A HIS 46 NE2 
# 
loop_
_software.citation_id 
_software.classification 
_software.compiler_name 
_software.compiler_version 
_software.contact_author 
_software.contact_author_email 
_software.date 
_software.description 
_software.dependencies 
_software.hardware 
_software.language 
_software.location 
_software.mods 
_software.name 
_software.os 
_software.os_version 
_software.type 
_software.version 
_software.pdbx_ordinal 
? refinement       ? ? ? ? ? ? ? ? ? ? ? PHENIX     ? ? ? '(1.10_2155: ???)' 1 
? 'data reduction' ? ? ? ? ? ? ? ? ? ? ? HKL-2000   ? ? ? .                  2 
? 'data scaling'   ? ? ? ? ? ? ? ? ? ? ? HKL-2000   ? ? ? .                  3 
? phasing          ? ? ? ? ? ? ? ? ? ? ? Arcimboldo ? ? ? .                  4 
# 
_cell.entry_id           5VR3 
_cell.length_a           41.563 
_cell.length_b           41.563 
_cell.length_c           98.855 
_cell.angle_alpha        90.00 
_cell.angle_beta         90.00 
_cell.angle_gamma        120.00 
_cell.Z_PDB              6 
_cell.pdbx_unique_axis   ? 
# 
_symmetry.entry_id                         5VR3 
_symmetry.space_group_name_H-M             'P 31 2 1' 
_symmetry.pdbx_full_space_group_name_H-M   ? 
_symmetry.cell_setting                     ? 
_symmetry.Int_Tables_number                152 
# 
_exptl.absorpt_coefficient_mu     ? 
_exptl.absorpt_correction_T_max   ? 
_exptl.absorpt_correction_T_min   ? 
_exptl.absorpt_correction_type    ? 
_exptl.absorpt_process_details    ? 
_exptl.entry_id                   5VR3 
_exptl.crystals_number            1 
_exptl.details                    ? 
_exptl.method                     'X-RAY DIFFRACTION' 
_exptl.method_details             ? 
# 
_exptl_crystal.colour                      ? 
_exptl_crystal.density_diffrn              ? 
_exptl_crystal.density_Matthews            2.58 
_exptl_crystal.density_method              ? 
_exptl_crystal.density_percent_sol         52.44 
_exptl_crystal.description                 ? 
_exptl_crystal.F_000                       ? 
_exptl_crystal.id                          1 
_exptl_crystal.preparation                 ? 
_exptl_crystal.size_max                    ? 
_exptl_crystal.size_mid                    ? 
_exptl_crystal.size_min                    ? 
_exptl_crystal.size_rad                    ? 
_exptl_crystal.colour_lustre               ? 
_exptl_crystal.colour_modifier             ? 
_exptl_crystal.colour_primary              ? 
_exptl_crystal.density_meas                ? 
_exptl_crystal.density_meas_esd            ? 
_exptl_crystal.density_meas_gt             ? 
_exptl_crystal.density_meas_lt             ? 
_exptl_crystal.density_meas_temp           ? 
_exptl_crystal.density_meas_temp_esd       ? 
_exptl_crystal.density_meas_temp_gt        ? 
_exptl_crystal.density_meas_temp_lt        ? 
_exptl_crystal.pdbx_crystal_image_url      ? 
_exptl_crystal.pdbx_crystal_image_format   ? 
_exptl_crystal.pdbx_mosaicity              ? 
_exptl_crystal.pdbx_mosaicity_esd          ? 
# 
_exptl_crystal_grow.apparatus       ? 
_exptl_crystal_grow.atmosphere      ? 
_exptl_crystal_grow.crystal_id      1 
_exptl_crystal_grow.details         ? 
_exptl_crystal_grow.method          'VAPOR DIFFUSION, HANGING DROP' 
_exptl_crystal_grow.method_ref      ? 
_exptl_crystal_grow.pH              6.5 
_exptl_crystal_grow.pressure        ? 
_exptl_crystal_grow.pressure_esd    ? 
_exptl_crystal_grow.seeding         ? 
_exptl_crystal_grow.seeding_ref     ? 
_exptl_crystal_grow.temp            293.15 
_exptl_crystal_grow.temp_details    ? 
_exptl_crystal_grow.temp_esd        ? 
_exptl_crystal_grow.time            ? 
_exptl_crystal_grow.pdbx_details    '0.1 M Bis-Tris pH 6.5, 2.0 M ammonium sulphate' 
_exptl_crystal_grow.pdbx_pH_range   ? 
# 
_diffrn.ambient_environment    ? 
_diffrn.ambient_temp           100 
_diffrn.ambient_temp_details   ? 
_diffrn.ambient_temp_esd       ? 
_diffrn.crystal_id             1 
_diffrn.crystal_support        ? 
_diffrn.crystal_treatment      ? 
_diffrn.details                ? 
_diffrn.id                     1 
_diffrn.ambient_pressure       ? 
_diffrn.ambient_pressure_esd   ? 
_diffrn.ambient_pressure_gt    ? 
_diffrn.ambient_pressure_lt    ? 
_diffrn.ambient_temp_gt        ? 
_diffrn.ambient_temp_lt        ? 
# 
_diffrn_detector.details                      ? 
_diffrn_detector.detector                     PIXEL 
_diffrn_detector.diffrn_id                    1 
_diffrn_detector.type                         'DECTRIS PILATUS 6M-F' 
_diffrn_detector.area_resol_mean              ? 
_diffrn_detector.dtime                        ? 
_diffrn_detector.pdbx_frames_total            ? 
_diffrn_detector.pdbx_collection_time_total   ? 
_diffrn_detector.pdbx_collection_date         2016-03-29 
# 
_diffrn_radiation.collimation                      ? 
_diffrn_radiation.diffrn_id                        1 
_diffrn_radiation.filter_edge                      ? 
_diffrn_radiation.inhomogeneity                    ? 
_diffrn_radiation.monochromator                    'Si(111)' 
_diffrn_radiation.polarisn_norm                    ? 
_diffrn_radiation.polarisn_ratio                   ? 
_diffrn_radiation.probe                            ? 
_diffrn_radiation.type                             ? 
_diffrn_radiation.xray_symbol                      ? 
_diffrn_radiation.wavelength_id                    1 
_diffrn_radiation.pdbx_monochromatic_or_laue_m_l   M 
_diffrn_radiation.pdbx_wavelength_list             ? 
_diffrn_radiation.pdbx_wavelength                  ? 
_diffrn_radiation.pdbx_diffrn_protocol             'SINGLE WAVELENGTH' 
_diffrn_radiation.pdbx_analyzer                    ? 
_diffrn_radiation.pdbx_scattering_type             x-ray 
# 
_diffrn_radiation_wavelength.id           1 
_diffrn_radiation_wavelength.wavelength   0.97920 
_diffrn_radiation_wavelength.wt           1.0 
# 
_diffrn_source.current                     ? 
_diffrn_source.details                     ? 
_diffrn_source.diffrn_id                   1 
_diffrn_source.power                       ? 
_diffrn_source.size                        ? 
_diffrn_source.source                      SYNCHROTRON 
_diffrn_source.target                      ? 
_diffrn_source.type                        'APS BEAMLINE 24-ID-C' 
_diffrn_source.voltage                     ? 
_diffrn_source.take-off_angle              ? 
_diffrn_source.pdbx_wavelength_list        0.97920 
_diffrn_source.pdbx_wavelength             ? 
_diffrn_source.pdbx_synchrotron_beamline   24-ID-C 
_diffrn_source.pdbx_synchrotron_site       APS 
# 
_reflns.B_iso_Wilson_estimate            ? 
_reflns.entry_id                         5VR3 
_reflns.data_reduction_details           ? 
_reflns.data_reduction_method            ? 
_reflns.d_resolution_high                2.10 
_reflns.d_resolution_low                 50.00 
_reflns.details                          ? 
_reflns.limit_h_max                      ? 
_reflns.limit_h_min                      ? 
_reflns.limit_k_max                      ? 
_reflns.limit_k_min                      ? 
_reflns.limit_l_max                      ? 
_reflns.limit_l_min                      ? 
_reflns.number_all                       ? 
_reflns.number_obs                       5773 
_reflns.observed_criterion               ? 
_reflns.observed_criterion_F_max         ? 
_reflns.observed_criterion_F_min         ? 
_reflns.observed_criterion_I_max         ? 
_reflns.observed_criterion_I_min         ? 
_reflns.observed_criterion_sigma_F       ? 
_reflns.observed_criterion_sigma_I       ? 
_reflns.percent_possible_obs             92.8 
_reflns.R_free_details                   ? 
_reflns.Rmerge_F_all                     ? 
_reflns.Rmerge_F_obs                     ? 
_reflns.Friedel_coverage                 ? 
_reflns.number_gt                        ? 
_reflns.threshold_expression             ? 
_reflns.pdbx_redundancy                  21.9 
_reflns.pdbx_Rmerge_I_obs                ? 
_reflns.pdbx_Rmerge_I_all                ? 
_reflns.pdbx_Rsym_value                  ? 
_reflns.pdbx_netI_over_av_sigmaI         ? 
_reflns.pdbx_netI_over_sigmaI            75 
_reflns.pdbx_res_netI_over_av_sigmaI_2   ? 
_reflns.pdbx_res_netI_over_sigmaI_2      ? 
_reflns.pdbx_chi_squared                 ? 
_reflns.pdbx_scaling_rejects             ? 
_reflns.pdbx_d_res_high_opt              ? 
_reflns.pdbx_d_res_low_opt               ? 
_reflns.pdbx_d_res_opt_method            ? 
_reflns.phase_calculation_details        ? 
_reflns.pdbx_Rrim_I_all                  ? 
_reflns.pdbx_Rpim_I_all                  ? 
_reflns.pdbx_d_opt                       ? 
_reflns.pdbx_number_measured_all         ? 
_reflns.pdbx_diffrn_id                   1 
_reflns.pdbx_ordinal                     1 
_reflns.pdbx_CC_half                     0.986 
_reflns.pdbx_R_split                     ? 
# 
_reflns_shell.d_res_high                  2.10 
_reflns_shell.d_res_low                   2.14 
_reflns_shell.meanI_over_sigI_all         ? 
_reflns_shell.meanI_over_sigI_obs         3.61 
_reflns_shell.number_measured_all         ? 
_reflns_shell.number_measured_obs         ? 
_reflns_shell.number_possible             ? 
_reflns_shell.number_unique_all           ? 
_reflns_shell.number_unique_obs           ? 
_reflns_shell.percent_possible_all        49.2 
_reflns_shell.percent_possible_obs        ? 
_reflns_shell.Rmerge_F_all                ? 
_reflns_shell.Rmerge_F_obs                ? 
_reflns_shell.Rmerge_I_all                ? 
_reflns_shell.Rmerge_I_obs                0.254 
_reflns_shell.meanI_over_sigI_gt          ? 
_reflns_shell.meanI_over_uI_all           ? 
_reflns_shell.meanI_over_uI_gt            ? 
_reflns_shell.number_measured_gt          ? 
_reflns_shell.number_unique_gt            ? 
_reflns_shell.percent_possible_gt         ? 
_reflns_shell.Rmerge_F_gt                 ? 
_reflns_shell.Rmerge_I_gt                 ? 
_reflns_shell.pdbx_redundancy             10.7 
_reflns_shell.pdbx_Rsym_value             ? 
_reflns_shell.pdbx_chi_squared            ? 
_reflns_shell.pdbx_netI_over_sigmaI_all   ? 
_reflns_shell.pdbx_netI_over_sigmaI_obs   ? 
_reflns_shell.pdbx_Rrim_I_all             ? 
_reflns_shell.pdbx_Rpim_I_all             ? 
_reflns_shell.pdbx_rejects                ? 
_reflns_shell.pdbx_ordinal                1 
_reflns_shell.pdbx_diffrn_id              1 
_reflns_shell.pdbx_CC_half                0.986 
_reflns_shell.pdbx_R_split                ? 
# 
_refine.pdbx_refine_id                           'X-RAY DIFFRACTION' 
_refine.entry_id                                 5VR3 
_refine.pdbx_diffrn_id                           1 
_refine.pdbx_TLS_residual_ADP_flag               ? 
_refine.ls_number_reflns_obs                     10045 
_refine.ls_number_reflns_all                     ? 
_refine.pdbx_ls_sigma_I                          ? 
_refine.pdbx_ls_sigma_F                          0.69 
_refine.pdbx_data_cutoff_high_absF               ? 
_refine.pdbx_data_cutoff_low_absF                ? 
_refine.pdbx_data_cutoff_high_rms_absF           ? 
_refine.ls_d_res_low                             35.995 
_refine.ls_d_res_high                            2.102 
_refine.ls_percent_reflns_obs                    90.12 
_refine.ls_R_factor_obs                          0.2102 
_refine.ls_R_factor_all                          ? 
_refine.ls_R_factor_R_work                       0.2095 
_refine.ls_R_factor_R_free                       0.2244 
_refine.ls_R_factor_R_free_error                 ? 
_refine.ls_R_factor_R_free_error_details         ? 
_refine.ls_percent_reflns_R_free                 4.90 
_refine.ls_number_reflns_R_free                  492 
_refine.ls_number_parameters                     ? 
_refine.ls_number_restraints                     ? 
_refine.occupancy_min                            ? 
_refine.occupancy_max                            ? 
_refine.correlation_coeff_Fo_to_Fc               ? 
_refine.correlation_coeff_Fo_to_Fc_free          ? 
_refine.B_iso_mean                               ? 
_refine.aniso_B[1][1]                            ? 
_refine.aniso_B[2][2]                            ? 
_refine.aniso_B[3][3]                            ? 
_refine.aniso_B[1][2]                            ? 
_refine.aniso_B[1][3]                            ? 
_refine.aniso_B[2][3]                            ? 
_refine.solvent_model_details                    'FLAT BULK SOLVENT MODEL' 
_refine.solvent_model_param_ksol                 ? 
_refine.solvent_model_param_bsol                 ? 
_refine.pdbx_solvent_vdw_probe_radii             1.11 
_refine.pdbx_solvent_ion_probe_radii             ? 
_refine.pdbx_solvent_shrinkage_radii             0.90 
_refine.pdbx_ls_cross_valid_method               'FREE R-VALUE' 
_refine.details                                  ? 
_refine.pdbx_starting_model                      ? 
_refine.pdbx_method_to_determine_struct          'AB INITIO PHASING' 
_refine.pdbx_isotropic_thermal_model             ? 
_refine.pdbx_stereochemistry_target_values       ML 
_refine.pdbx_stereochem_target_val_spec_case     ? 
_refine.pdbx_R_Free_selection_details            ? 
_refine.pdbx_overall_ESU_R                       ? 
_refine.pdbx_overall_ESU_R_Free                  ? 
_refine.overall_SU_ML                            0.25 
_refine.pdbx_overall_phase_error                 36.55 
_refine.overall_SU_B                             ? 
_refine.overall_SU_R_Cruickshank_DPI             ? 
_refine.pdbx_overall_SU_R_free_Cruickshank_DPI   ? 
_refine.pdbx_overall_SU_R_Blow_DPI               ? 
_refine.pdbx_overall_SU_R_free_Blow_DPI          ? 
# 
_refine_hist.pdbx_refine_id                   'X-RAY DIFFRACTION' 
_refine_hist.cycle_id                         LAST 
_refine_hist.pdbx_number_atoms_protein        492 
_refine_hist.pdbx_number_atoms_nucleic_acid   0 
_refine_hist.pdbx_number_atoms_ligand         5 
_refine_hist.number_atoms_solvent             13 
_refine_hist.number_atoms_total               510 
_refine_hist.d_res_high                       2.102 
_refine_hist.d_res_low                        35.995 
# 
loop_
_refine_ls_restr.type 
_refine_ls_restr.dev_ideal 
_refine_ls_restr.dev_ideal_target 
_refine_ls_restr.weight 
_refine_ls_restr.number 
_refine_ls_restr.pdbx_refine_id 
_refine_ls_restr.pdbx_restraint_function 
f_bond_d           0.008  ? ? 504 'X-RAY DIFFRACTION' ? 
f_angle_d          0.800  ? ? 682 'X-RAY DIFFRACTION' ? 
f_dihedral_angle_d 19.147 ? ? 311 'X-RAY DIFFRACTION' ? 
f_chiral_restr     0.044  ? ? 76  'X-RAY DIFFRACTION' ? 
f_plane_restr      0.004  ? ? 87  'X-RAY DIFFRACTION' ? 
# 
loop_
_refine_ls_shell.pdbx_refine_id 
_refine_ls_shell.pdbx_total_number_of_bins_used 
_refine_ls_shell.d_res_high 
_refine_ls_shell.d_res_low 
_refine_ls_shell.number_reflns_R_work 
_refine_ls_shell.R_factor_R_work 
_refine_ls_shell.percent_reflns_obs 
_refine_ls_shell.R_factor_R_free 
_refine_ls_shell.R_factor_R_free_error 
_refine_ls_shell.percent_reflns_R_free 
_refine_ls_shell.number_reflns_R_free 
_refine_ls_shell.number_reflns_all 
_refine_ls_shell.R_factor_all 
_refine_ls_shell.R_factor_obs 
_refine_ls_shell.number_reflns_obs 
'X-RAY DIFFRACTION' . 2.1015 2.3130  1742 0.2617 65.00  0.3203 . . 73  . . . . 
'X-RAY DIFFRACTION' . 2.3130 2.6476  2537 0.2683 97.00  0.3323 . . 143 . . . . 
'X-RAY DIFFRACTION' . 2.6476 3.3353  2640 0.2419 100.00 0.2649 . . 126 . . . . 
'X-RAY DIFFRACTION' . 3.3353 35.9999 2634 0.1874 100.00 0.1986 . . 150 . . . . 
# 
_struct.entry_id                     5VR3 
_struct.title                        'Crystal structure of the BRS domain of BRAF' 
_struct.pdbx_model_details           ? 
_struct.pdbx_formula_weight          ? 
_struct.pdbx_formula_weight_method   ? 
_struct.pdbx_model_type_details      ? 
_struct.pdbx_CASP_flag               N 
# 
_struct_keywords.entry_id        5VR3 
_struct_keywords.text            'BRAF, TRANSFERASE' 
_struct_keywords.pdbx_keywords   TRANSFERASE 
# 
loop_
_struct_asym.id 
_struct_asym.pdbx_blank_PDB_chainid_flag 
_struct_asym.pdbx_modified 
_struct_asym.entity_id 
_struct_asym.details 
A N N 1 ? 
B N N 2 ? 
C N N 3 ? 
# 
_struct_ref.id                         1 
_struct_ref.db_name                    UNP 
_struct_ref.db_code                    G3RLM7_GORGO 
_struct_ref.pdbx_db_accession          G3RLM7 
_struct_ref.pdbx_db_isoform            ? 
_struct_ref.entity_id                  1 
_struct_ref.pdbx_seq_one_letter_code   SSAADPAIPEEVWNIKQMIKLTQEHIEALLDKFGGEHNPPSIYLEAYEEYTSKLDALQQREQQLLESLGNGTDFSVSSS 
_struct_ref.pdbx_align_begin           38 
# 
_struct_ref_seq.align_id                      1 
_struct_ref_seq.ref_id                        1 
_struct_ref_seq.pdbx_PDB_id_code              5VR3 
_struct_ref_seq.pdbx_strand_id                A 
_struct_ref_seq.seq_align_beg                 10 
_struct_ref_seq.pdbx_seq_align_beg_ins_code   ? 
_struct_ref_seq.seq_align_end                 88 
_struct_ref_seq.pdbx_seq_align_end_ins_code   ? 
_struct_ref_seq.pdbx_db_accession             G3RLM7 
_struct_ref_seq.db_align_beg                  38 
_struct_ref_seq.pdbx_db_align_beg_ins_code    ? 
_struct_ref_seq.db_align_end                  116 
_struct_ref_seq.pdbx_db_align_end_ins_code    ? 
_struct_ref_seq.pdbx_auth_seq_align_beg       36 
_struct_ref_seq.pdbx_auth_seq_align_end       114 
# 
loop_
_struct_ref_seq_dif.align_id 
_struct_ref_seq_dif.pdbx_pdb_id_code 
_struct_ref_seq_dif.mon_id 
_struct_ref_seq_dif.pdbx_pdb_strand_id 
_struct_ref_seq_dif.seq_num 
_struct_ref_seq_dif.pdbx_pdb_ins_code 
_struct_ref_seq_dif.pdbx_seq_db_name 
_struct_ref_seq_dif.pdbx_seq_db_accession_code 
_struct_ref_seq_dif.db_mon_id 
_struct_ref_seq_dif.pdbx_seq_db_seq_num 
_struct_ref_seq_dif.details 
_struct_ref_seq_dif.pdbx_auth_seq_num 
_struct_ref_seq_dif.pdbx_ordinal 
1 5VR3 GLY A 1 ? UNP G3RLM7 ? ? 'expression tag' 27 1 
1 5VR3 ALA A 2 ? UNP G3RLM7 ? ? 'expression tag' 28 2 
1 5VR3 MET A 3 ? UNP G3RLM7 ? ? 'expression tag' 29 3 
1 5VR3 ASP A 4 ? UNP G3RLM7 ? ? 'expression tag' 30 4 
1 5VR3 PRO A 5 ? UNP G3RLM7 ? ? 'expression tag' 31 5 
1 5VR3 GLY A 6 ? UNP G3RLM7 ? ? 'expression tag' 32 6 
1 5VR3 GLY A 7 ? UNP G3RLM7 ? ? 'expression tag' 33 7 
1 5VR3 GLY A 8 ? UNP G3RLM7 ? ? 'expression tag' 34 8 
1 5VR3 GLY A 9 ? UNP G3RLM7 ? ? 'expression tag' 35 9 
# 
_pdbx_struct_assembly.id                   1 
_pdbx_struct_assembly.details              author_defined_assembly 
_pdbx_struct_assembly.method_details       ? 
_pdbx_struct_assembly.oligomeric_details   monomeric 
_pdbx_struct_assembly.oligomeric_count     1 
# 
_pdbx_struct_assembly_gen.assembly_id       1 
_pdbx_struct_assembly_gen.oper_expression   1 
_pdbx_struct_assembly_gen.asym_id_list      A,B,C 
# 
_pdbx_struct_assembly_auth_evidence.id                     1 
_pdbx_struct_assembly_auth_evidence.assembly_id            1 
_pdbx_struct_assembly_auth_evidence.experimental_support   none 
_pdbx_struct_assembly_auth_evidence.details                ? 
# 
_pdbx_struct_oper_list.id                   1 
_pdbx_struct_oper_list.type                 'identity operation' 
_pdbx_struct_oper_list.name                 1_555 
_pdbx_struct_oper_list.symmetry_operation   x,y,z 
_pdbx_struct_oper_list.matrix[1][1]         1.0000000000 
_pdbx_struct_oper_list.matrix[1][2]         0.0000000000 
_pdbx_struct_oper_list.matrix[1][3]         0.0000000000 
_pdbx_struct_oper_list.vector[1]            0.0000000000 
_pdbx_struct_oper_list.matrix[2][1]         0.0000000000 
_pdbx_struct_oper_list.matrix[2][2]         1.0000000000 
_pdbx_struct_oper_list.matrix[2][3]         0.0000000000 
_pdbx_struct_oper_list.vector[2]            0.0000000000 
_pdbx_struct_oper_list.matrix[3][1]         0.0000000000 
_pdbx_struct_oper_list.matrix[3][2]         0.0000000000 
_pdbx_struct_oper_list.matrix[3][3]         1.0000000000 
_pdbx_struct_oper_list.vector[3]            0.0000000000 
# 
loop_
_struct_conf.conf_type_id 
_struct_conf.id 
_struct_conf.pdbx_PDB_helix_id 
_struct_conf.beg_label_comp_id 
_struct_conf.beg_label_asym_id 
_struct_conf.beg_label_seq_id 
_struct_conf.pdbx_beg_PDB_ins_code 
_struct_conf.end_label_comp_id 
_struct_conf.end_label_asym_id 
_struct_conf.end_label_seq_id 
_struct_conf.pdbx_end_PDB_ins_code 
_struct_conf.beg_auth_comp_id 
_struct_conf.beg_auth_asym_id 
_struct_conf.beg_auth_seq_id 
_struct_conf.end_auth_comp_id 
_struct_conf.end_auth_asym_id 
_struct_conf.end_auth_seq_id 
_struct_conf.pdbx_PDB_helix_class 
_struct_conf.details 
_struct_conf.pdbx_PDB_helix_length 
HELX_P HELX_P1 AA1 PRO A 18 ? ASP A 40 ? PRO A 44 ASP A 66  1 ? 23 
HELX_P HELX_P2 AA2 PRO A 49 ? LEU A 74 ? PRO A 75 LEU A 100 1 ? 26 
# 
_struct_conf_type.id          HELX_P 
_struct_conf_type.criteria    ? 
_struct_conf_type.reference   ? 
# 
_struct_site.id                   AC1 
_struct_site.pdbx_evidence_code   Software 
_struct_site.pdbx_auth_asym_id    A 
_struct_site.pdbx_auth_comp_id    SO4 
_struct_site.pdbx_auth_seq_id     201 
_struct_site.pdbx_auth_ins_code   ? 
_struct_site.pdbx_num_residues    5 
_struct_site.details              'binding site for residue SO4 A 201' 
# 
loop_
_struct_site_gen.id 
_struct_site_gen.site_id 
_struct_site_gen.pdbx_num_res 
_struct_site_gen.label_comp_id 
_struct_site_gen.label_asym_id 
_struct_site_gen.label_seq_id 
_struct_site_gen.pdbx_auth_ins_code 
_struct_site_gen.auth_comp_id 
_struct_site_gen.auth_asym_id 
_struct_site_gen.auth_seq_id 
_struct_site_gen.label_atom_id 
_struct_site_gen.label_alt_id 
_struct_site_gen.symmetry 
_struct_site_gen.details 
1 AC1 5 LYS A 25 ? LYS A 51  . ? 3_664 ? 
2 AC1 5 LYS A 29 ? LYS A 55  . ? 3_664 ? 
3 AC1 5 PRO A 49 ? PRO A 75  . ? 1_555 ? 
4 AC1 5 SER A 50 ? SER A 76  . ? 1_555 ? 
5 AC1 5 HOH C .  ? HOH A 304 . ? 1_555 ? 
# 
loop_
_pdbx_validate_torsion.id 
_pdbx_validate_torsion.PDB_model_num 
_pdbx_validate_torsion.auth_comp_id 
_pdbx_validate_torsion.auth_asym_id 
_pdbx_validate_torsion.auth_seq_id 
_pdbx_validate_torsion.PDB_ins_code 
_pdbx_validate_torsion.label_alt_id 
_pdbx_validate_torsion.phi 
_pdbx_validate_torsion.psi 
1 1 ASP A 66  ? ? -65.34  8.30  
2 1 ASN A 73  ? ? -114.43 67.95 
3 1 LEU A 100 ? ? -83.49  39.05 
# 
loop_
_pdbx_struct_special_symmetry.id 
_pdbx_struct_special_symmetry.PDB_model_num 
_pdbx_struct_special_symmetry.auth_asym_id 
_pdbx_struct_special_symmetry.auth_comp_id 
_pdbx_struct_special_symmetry.auth_seq_id 
_pdbx_struct_special_symmetry.PDB_ins_code 
_pdbx_struct_special_symmetry.label_asym_id 
_pdbx_struct_special_symmetry.label_comp_id 
_pdbx_struct_special_symmetry.label_seq_id 
1 1 A HOH 311 ? C HOH . 
2 1 A HOH 313 ? C HOH . 
# 
loop_
_pdbx_refine_tls.pdbx_refine_id 
_pdbx_refine_tls.id 
_pdbx_refine_tls.details 
_pdbx_refine_tls.method 
_pdbx_refine_tls.origin_x 
_pdbx_refine_tls.origin_y 
_pdbx_refine_tls.origin_z 
_pdbx_refine_tls.T[1][1] 
_pdbx_refine_tls.T[2][2] 
_pdbx_refine_tls.T[3][3] 
_pdbx_refine_tls.T[1][2] 
_pdbx_refine_tls.T[1][3] 
_pdbx_refine_tls.T[2][3] 
_pdbx_refine_tls.L[1][1] 
_pdbx_refine_tls.L[2][2] 
_pdbx_refine_tls.L[3][3] 
_pdbx_refine_tls.L[1][2] 
_pdbx_refine_tls.L[1][3] 
_pdbx_refine_tls.L[2][3] 
_pdbx_refine_tls.S[1][1] 
_pdbx_refine_tls.S[1][2] 
_pdbx_refine_tls.S[1][3] 
_pdbx_refine_tls.S[2][1] 
_pdbx_refine_tls.S[2][2] 
_pdbx_refine_tls.S[2][3] 
_pdbx_refine_tls.S[3][1] 
_pdbx_refine_tls.S[3][2] 
_pdbx_refine_tls.S[3][3] 
'X-RAY DIFFRACTION' 1 ? refined -1.3524 -5.8164 -0.1635  0.5110 0.4539 0.5959 0.1279  0.1622  0.1167 7.9584 2.9929 5.2558 -0.3515 0.9742  1.6994 -0.2668 -0.1172 -0.7740 -0.8452 0.4405  0.1132  1.0581  -0.4194 -0.3198 
'X-RAY DIFFRACTION' 2 ? refined -1.8622 14.3547 -15.3562 1.1604 1.0602 1.3889 -0.1600 -0.2778 0.4534 1.1835 8.6529 4.4289 -2.5527 -1.9834 4.5931 1.5510  0.1322  0.1394  -0.8729 -0.6083 -2.8648 -0.0171 0.2103  -0.9595 
'X-RAY DIFFRACTION' 3 ? refined 1.4307  2.7048  3.1207   0.7876 0.4973 0.5976 0.0063  -0.0623 0.1515 7.9477 0.7722 2.5583 -1.4240 2.6674  0.3968 -1.0116 0.1283  0.7772  1.0027  -0.2237 -0.9059 -0.6145 0.4117  1.1304 
# 
loop_
_pdbx_refine_tls_group.pdbx_refine_id 
_pdbx_refine_tls_group.id 
_pdbx_refine_tls_group.refine_tls_id 
_pdbx_refine_tls_group.beg_auth_asym_id 
_pdbx_refine_tls_group.beg_auth_seq_id 
_pdbx_refine_tls_group.beg_label_asym_id 
_pdbx_refine_tls_group.beg_label_seq_id 
_pdbx_refine_tls_group.end_auth_asym_id 
_pdbx_refine_tls_group.end_auth_seq_id 
_pdbx_refine_tls_group.end_label_asym_id 
_pdbx_refine_tls_group.end_label_seq_id 
_pdbx_refine_tls_group.selection 
_pdbx_refine_tls_group.selection_details 
'X-RAY DIFFRACTION' 1 1 ? ? ? ? ? ? ? ? ? 
;chain 'A' and (resid 41 through 67 )
;
'X-RAY DIFFRACTION' 2 2 ? ? ? ? ? ? ? ? ? 
;chain 'A' and (resid 68 through 75 )
;
'X-RAY DIFFRACTION' 3 3 ? ? ? ? ? ? ? ? ? 
;chain 'A' and (resid 76 through 102 )
;
# 
loop_
_pdbx_unobs_or_zero_occ_residues.id 
_pdbx_unobs_or_zero_occ_residues.PDB_model_num 
_pdbx_unobs_or_zero_occ_residues.polymer_flag 
_pdbx_unobs_or_zero_occ_residues.occupancy_flag 
_pdbx_unobs_or_zero_occ_residues.auth_asym_id 
_pdbx_unobs_or_zero_occ_residues.auth_comp_id 
_pdbx_unobs_or_zero_occ_residues.auth_seq_id 
_pdbx_unobs_or_zero_occ_residues.PDB_ins_code 
_pdbx_unobs_or_zero_occ_residues.label_asym_id 
_pdbx_unobs_or_zero_occ_residues.label_comp_id 
_pdbx_unobs_or_zero_occ_residues.label_seq_id 
1  1 Y 1 A GLY 27  ? A GLY 1  
2  1 Y 1 A ALA 28  ? A ALA 2  
3  1 Y 1 A MET 29  ? A MET 3  
4  1 Y 1 A ASP 30  ? A ASP 4  
5  1 Y 1 A PRO 31  ? A PRO 5  
6  1 Y 1 A GLY 32  ? A GLY 6  
7  1 Y 1 A GLY 33  ? A GLY 7  
8  1 Y 1 A GLY 34  ? A GLY 8  
9  1 Y 1 A GLY 35  ? A GLY 9  
10 1 Y 1 A SER 36  ? A SER 10 
11 1 Y 1 A SER 37  ? A SER 11 
12 1 Y 1 A ALA 38  ? A ALA 12 
13 1 Y 1 A ALA 39  ? A ALA 13 
14 1 Y 1 A ASP 40  ? A ASP 14 
15 1 Y 1 A GLY 69  ? A GLY 43 
16 1 Y 1 A GLY 70  ? A GLY 44 
17 1 Y 1 A LEU 103 ? A LEU 77 
18 1 Y 1 A GLY 104 ? A GLY 78 
19 1 Y 1 A ASN 105 ? A ASN 79 
20 1 Y 1 A GLY 106 ? A GLY 80 
21 1 Y 1 A THR 107 ? A THR 81 
22 1 Y 1 A ASP 108 ? A ASP 82 
23 1 Y 1 A PHE 109 ? A PHE 83 
24 1 Y 1 A SER 110 ? A SER 84 
25 1 Y 1 A VAL 111 ? A VAL 85 
26 1 Y 1 A SER 112 ? A SER 86 
27 1 Y 1 A SER 113 ? A SER 87 
28 1 Y 1 A SER 114 ? A SER 88 
# 
loop_
_chem_comp_atom.comp_id 
_chem_comp_atom.atom_id 
_chem_comp_atom.type_symbol 
_chem_comp_atom.pdbx_aromatic_flag 
_chem_comp_atom.pdbx_stereo_config 
_chem_comp_atom.pdbx_ordinal 
ALA N    N N N 1   
ALA CA   C N S 2   
ALA C    C N N 3   
ALA O    O N N 4   
ALA CB   C N N 5   
ALA OXT  O N N 6   
ALA H    H N N 7   
ALA H2   H N N 8   
ALA HA   H N N 9   
ALA HB1  H N N 10  
ALA HB2  H N N 11  
ALA HB3  H N N 12  
ALA HXT  H N N 13  
ARG N    N N N 14  
ARG CA   C N S 15  
ARG C    C N N 16  
ARG O    O N N 17  
ARG CB   C N N 18  
ARG CG   C N N 19  
ARG CD   C N N 20  
ARG NE   N N N 21  
ARG CZ   C N N 22  
ARG NH1  N N N 23  
ARG NH2  N N N 24  
ARG OXT  O N N 25  
ARG H    H N N 26  
ARG H2   H N N 27  
ARG HA   H N N 28  
ARG HB2  H N N 29  
ARG HB3  H N N 30  
ARG HG2  H N N 31  
ARG HG3  H N N 32  
ARG HD2  H N N 33  
ARG HD3  H N N 34  
ARG HE   H N N 35  
ARG HH11 H N N 36  
ARG HH12 H N N 37  
ARG HH21 H N N 38  
ARG HH22 H N N 39  
ARG HXT  H N N 40  
ASN N    N N N 41  
ASN CA   C N S 42  
ASN C    C N N 43  
ASN O    O N N 44  
ASN CB   C N N 45  
ASN CG   C N N 46  
ASN OD1  O N N 47  
ASN ND2  N N N 48  
ASN OXT  O N N 49  
ASN H    H N N 50  
ASN H2   H N N 51  
ASN HA   H N N 52  
ASN HB2  H N N 53  
ASN HB3  H N N 54  
ASN HD21 H N N 55  
ASN HD22 H N N 56  
ASN HXT  H N N 57  
ASP N    N N N 58  
ASP CA   C N S 59  
ASP C    C N N 60  
ASP O    O N N 61  
ASP CB   C N N 62  
ASP CG   C N N 63  
ASP OD1  O N N 64  
ASP OD2  O N N 65  
ASP OXT  O N N 66  
ASP H    H N N 67  
ASP H2   H N N 68  
ASP HA   H N N 69  
ASP HB2  H N N 70  
ASP HB3  H N N 71  
ASP HD2  H N N 72  
ASP HXT  H N N 73  
GLN N    N N N 74  
GLN CA   C N S 75  
GLN C    C N N 76  
GLN O    O N N 77  
GLN CB   C N N 78  
GLN CG   C N N 79  
GLN CD   C N N 80  
GLN OE1  O N N 81  
GLN NE2  N N N 82  
GLN OXT  O N N 83  
GLN H    H N N 84  
GLN H2   H N N 85  
GLN HA   H N N 86  
GLN HB2  H N N 87  
GLN HB3  H N N 88  
GLN HG2  H N N 89  
GLN HG3  H N N 90  
GLN HE21 H N N 91  
GLN HE22 H N N 92  
GLN HXT  H N N 93  
GLU N    N N N 94  
GLU CA   C N S 95  
GLU C    C N N 96  
GLU O    O N N 97  
GLU CB   C N N 98  
GLU CG   C N N 99  
GLU CD   C N N 100 
GLU OE1  O N N 101 
GLU OE2  O N N 102 
GLU OXT  O N N 103 
GLU H    H N N 104 
GLU H2   H N N 105 
GLU HA   H N N 106 
GLU HB2  H N N 107 
GLU HB3  H N N 108 
GLU HG2  H N N 109 
GLU HG3  H N N 110 
GLU HE2  H N N 111 
GLU HXT  H N N 112 
GLY N    N N N 113 
GLY CA   C N N 114 
GLY C    C N N 115 
GLY O    O N N 116 
GLY OXT  O N N 117 
GLY H    H N N 118 
GLY H2   H N N 119 
GLY HA2  H N N 120 
GLY HA3  H N N 121 
GLY HXT  H N N 122 
HIS N    N N N 123 
HIS CA   C N S 124 
HIS C    C N N 125 
HIS O    O N N 126 
HIS CB   C N N 127 
HIS CG   C Y N 128 
HIS ND1  N Y N 129 
HIS CD2  C Y N 130 
HIS CE1  C Y N 131 
HIS NE2  N Y N 132 
HIS OXT  O N N 133 
HIS H    H N N 134 
HIS H2   H N N 135 
HIS HA   H N N 136 
HIS HB2  H N N 137 
HIS HB3  H N N 138 
HIS HD1  H N N 139 
HIS HD2  H N N 140 
HIS HE1  H N N 141 
HIS HE2  H N N 142 
HIS HXT  H N N 143 
HOH O    O N N 144 
HOH H1   H N N 145 
HOH H2   H N N 146 
ILE N    N N N 147 
ILE CA   C N S 148 
ILE C    C N N 149 
ILE O    O N N 150 
ILE CB   C N S 151 
ILE CG1  C N N 152 
ILE CG2  C N N 153 
ILE CD1  C N N 154 
ILE OXT  O N N 155 
ILE H    H N N 156 
ILE H2   H N N 157 
ILE HA   H N N 158 
ILE HB   H N N 159 
ILE HG12 H N N 160 
ILE HG13 H N N 161 
ILE HG21 H N N 162 
ILE HG22 H N N 163 
ILE HG23 H N N 164 
ILE HD11 H N N 165 
ILE HD12 H N N 166 
ILE HD13 H N N 167 
ILE HXT  H N N 168 
LEU N    N N N 169 
LEU CA   C N S 170 
LEU C    C N N 171 
LEU O    O N N 172 
LEU CB   C N N 173 
LEU CG   C N N 174 
LEU CD1  C N N 175 
LEU CD2  C N N 176 
LEU OXT  O N N 177 
LEU H    H N N 178 
LEU H2   H N N 179 
LEU HA   H N N 180 
LEU HB2  H N N 181 
LEU HB3  H N N 182 
LEU HG   H N N 183 
LEU HD11 H N N 184 
LEU HD12 H N N 185 
LEU HD13 H N N 186 
LEU HD21 H N N 187 
LEU HD22 H N N 188 
LEU HD23 H N N 189 
LEU HXT  H N N 190 
LYS N    N N N 191 
LYS CA   C N S 192 
LYS C    C N N 193 
LYS O    O N N 194 
LYS CB   C N N 195 
LYS CG   C N N 196 
LYS CD   C N N 197 
LYS CE   C N N 198 
LYS NZ   N N N 199 
LYS OXT  O N N 200 
LYS H    H N N 201 
LYS H2   H N N 202 
LYS HA   H N N 203 
LYS HB2  H N N 204 
LYS HB3  H N N 205 
LYS HG2  H N N 206 
LYS HG3  H N N 207 
LYS HD2  H N N 208 
LYS HD3  H N N 209 
LYS HE2  H N N 210 
LYS HE3  H N N 211 
LYS HZ1  H N N 212 
LYS HZ2  H N N 213 
LYS HZ3  H N N 214 
LYS HXT  H N N 215 
MET N    N N N 216 
MET CA   C N S 217 
MET C    C N N 218 
MET O    O N N 219 
MET CB   C N N 220 
MET CG   C N N 221 
MET SD   S N N 222 
MET CE   C N N 223 
MET OXT  O N N 224 
MET H    H N N 225 
MET H2   H N N 226 
MET HA   H N N 227 
MET HB2  H N N 228 
MET HB3  H N N 229 
MET HG2  H N N 230 
MET HG3  H N N 231 
MET HE1  H N N 232 
MET HE2  H N N 233 
MET HE3  H N N 234 
MET HXT  H N N 235 
PHE N    N N N 236 
PHE CA   C N S 237 
PHE C    C N N 238 
PHE O    O N N 239 
PHE CB   C N N 240 
PHE CG   C Y N 241 
PHE CD1  C Y N 242 
PHE CD2  C Y N 243 
PHE CE1  C Y N 244 
PHE CE2  C Y N 245 
PHE CZ   C Y N 246 
PHE OXT  O N N 247 
PHE H    H N N 248 
PHE H2   H N N 249 
PHE HA   H N N 250 
PHE HB2  H N N 251 
PHE HB3  H N N 252 
PHE HD1  H N N 253 
PHE HD2  H N N 254 
PHE HE1  H N N 255 
PHE HE2  H N N 256 
PHE HZ   H N N 257 
PHE HXT  H N N 258 
PRO N    N N N 259 
PRO CA   C N S 260 
PRO C    C N N 261 
PRO O    O N N 262 
PRO CB   C N N 263 
PRO CG   C N N 264 
PRO CD   C N N 265 
PRO OXT  O N N 266 
PRO H    H N N 267 
PRO HA   H N N 268 
PRO HB2  H N N 269 
PRO HB3  H N N 270 
PRO HG2  H N N 271 
PRO HG3  H N N 272 
PRO HD2  H N N 273 
PRO HD3  H N N 274 
PRO HXT  H N N 275 
SER N    N N N 276 
SER CA   C N S 277 
SER C    C N N 278 
SER O    O N N 279 
SER CB   C N N 280 
SER OG   O N N 281 
SER OXT  O N N 282 
SER H    H N N 283 
SER H2   H N N 284 
SER HA   H N N 285 
SER HB2  H N N 286 
SER HB3  H N N 287 
SER HG   H N N 288 
SER HXT  H N N 289 
SO4 S    S N N 290 
SO4 O1   O N N 291 
SO4 O2   O N N 292 
SO4 O3   O N N 293 
SO4 O4   O N N 294 
THR N    N N N 295 
THR CA   C N S 296 
THR C    C N N 297 
THR O    O N N 298 
THR CB   C N R 299 
THR OG1  O N N 300 
THR CG2  C N N 301 
THR OXT  O N N 302 
THR H    H N N 303 
THR H2   H N N 304 
THR HA   H N N 305 
THR HB   H N N 306 
THR HG1  H N N 307 
THR HG21 H N N 308 
THR HG22 H N N 309 
THR HG23 H N N 310 
THR HXT  H N N 311 
TRP N    N N N 312 
TRP CA   C N S 313 
TRP C    C N N 314 
TRP O    O N N 315 
TRP CB   C N N 316 
TRP CG   C Y N 317 
TRP CD1  C Y N 318 
TRP CD2  C Y N 319 
TRP NE1  N Y N 320 
TRP CE2  C Y N 321 
TRP CE3  C Y N 322 
TRP CZ2  C Y N 323 
TRP CZ3  C Y N 324 
TRP CH2  C Y N 325 
TRP OXT  O N N 326 
TRP H    H N N 327 
TRP H2   H N N 328 
TRP HA   H N N 329 
TRP HB2  H N N 330 
TRP HB3  H N N 331 
TRP HD1  H N N 332 
TRP HE1  H N N 333 
TRP HE3  H N N 334 
TRP HZ2  H N N 335 
TRP HZ3  H N N 336 
TRP HH2  H N N 337 
TRP HXT  H N N 338 
TYR N    N N N 339 
TYR CA   C N S 340 
TYR C    C N N 341 
TYR O    O N N 342 
TYR CB   C N N 343 
TYR CG   C Y N 344 
TYR CD1  C Y N 345 
TYR CD2  C Y N 346 
TYR CE1  C Y N 347 
TYR CE2  C Y N 348 
TYR CZ   C Y N 349 
TYR OH   O N N 350 
TYR OXT  O N N 351 
TYR H    H N N 352 
TYR H2   H N N 353 
TYR HA   H N N 354 
TYR HB2  H N N 355 
TYR HB3  H N N 356 
TYR HD1  H N N 357 
TYR HD2  H N N 358 
TYR HE1  H N N 359 
TYR HE2  H N N 360 
TYR HH   H N N 361 
TYR HXT  H N N 362 
VAL N    N N N 363 
VAL CA   C N S 364 
VAL C    C N N 365 
VAL O    O N N 366 
VAL CB   C N N 367 
VAL CG1  C N N 368 
VAL CG2  C N N 369 
VAL OXT  O N N 370 
VAL H    H N N 371 
VAL H2   H N N 372 
VAL HA   H N N 373 
VAL HB   H N N 374 
VAL HG11 H N N 375 
VAL HG12 H N N 376 
VAL HG13 H N N 377 
VAL HG21 H N N 378 
VAL HG22 H N N 379 
VAL HG23 H N N 380 
VAL HXT  H N N 381 
# 
loop_
_chem_comp_bond.comp_id 
_chem_comp_bond.atom_id_1 
_chem_comp_bond.atom_id_2 
_chem_comp_bond.value_order 
_chem_comp_bond.pdbx_aromatic_flag 
_chem_comp_bond.pdbx_stereo_config 
_chem_comp_bond.pdbx_ordinal 
ALA N   CA   sing N N 1   
ALA N   H    sing N N 2   
ALA N   H2   sing N N 3   
ALA CA  C    sing N N 4   
ALA CA  CB   sing N N 5   
ALA CA  HA   sing N N 6   
ALA C   O    doub N N 7   
ALA C   OXT  sing N N 8   
ALA CB  HB1  sing N N 9   
ALA CB  HB2  sing N N 10  
ALA CB  HB3  sing N N 11  
ALA OXT HXT  sing N N 12  
ARG N   CA   sing N N 13  
ARG N   H    sing N N 14  
ARG N   H2   sing N N 15  
ARG CA  C    sing N N 16  
ARG CA  CB   sing N N 17  
ARG CA  HA   sing N N 18  
ARG C   O    doub N N 19  
ARG C   OXT  sing N N 20  
ARG CB  CG   sing N N 21  
ARG CB  HB2  sing N N 22  
ARG CB  HB3  sing N N 23  
ARG CG  CD   sing N N 24  
ARG CG  HG2  sing N N 25  
ARG CG  HG3  sing N N 26  
ARG CD  NE   sing N N 27  
ARG CD  HD2  sing N N 28  
ARG CD  HD3  sing N N 29  
ARG NE  CZ   sing N N 30  
ARG NE  HE   sing N N 31  
ARG CZ  NH1  sing N N 32  
ARG CZ  NH2  doub N N 33  
ARG NH1 HH11 sing N N 34  
ARG NH1 HH12 sing N N 35  
ARG NH2 HH21 sing N N 36  
ARG NH2 HH22 sing N N 37  
ARG OXT HXT  sing N N 38  
ASN N   CA   sing N N 39  
ASN N   H    sing N N 40  
ASN N   H2   sing N N 41  
ASN CA  C    sing N N 42  
ASN CA  CB   sing N N 43  
ASN CA  HA   sing N N 44  
ASN C   O    doub N N 45  
ASN C   OXT  sing N N 46  
ASN CB  CG   sing N N 47  
ASN CB  HB2  sing N N 48  
ASN CB  HB3  sing N N 49  
ASN CG  OD1  doub N N 50  
ASN CG  ND2  sing N N 51  
ASN ND2 HD21 sing N N 52  
ASN ND2 HD22 sing N N 53  
ASN OXT HXT  sing N N 54  
ASP N   CA   sing N N 55  
ASP N   H    sing N N 56  
ASP N   H2   sing N N 57  
ASP CA  C    sing N N 58  
ASP CA  CB   sing N N 59  
ASP CA  HA   sing N N 60  
ASP C   O    doub N N 61  
ASP C   OXT  sing N N 62  
ASP CB  CG   sing N N 63  
ASP CB  HB2  sing N N 64  
ASP CB  HB3  sing N N 65  
ASP CG  OD1  doub N N 66  
ASP CG  OD2  sing N N 67  
ASP OD2 HD2  sing N N 68  
ASP OXT HXT  sing N N 69  
GLN N   CA   sing N N 70  
GLN N   H    sing N N 71  
GLN N   H2   sing N N 72  
GLN CA  C    sing N N 73  
GLN CA  CB   sing N N 74  
GLN CA  HA   sing N N 75  
GLN C   O    doub N N 76  
GLN C   OXT  sing N N 77  
GLN CB  CG   sing N N 78  
GLN CB  HB2  sing N N 79  
GLN CB  HB3  sing N N 80  
GLN CG  CD   sing N N 81  
GLN CG  HG2  sing N N 82  
GLN CG  HG3  sing N N 83  
GLN CD  OE1  doub N N 84  
GLN CD  NE2  sing N N 85  
GLN NE2 HE21 sing N N 86  
GLN NE2 HE22 sing N N 87  
GLN OXT HXT  sing N N 88  
GLU N   CA   sing N N 89  
GLU N   H    sing N N 90  
GLU N   H2   sing N N 91  
GLU CA  C    sing N N 92  
GLU CA  CB   sing N N 93  
GLU CA  HA   sing N N 94  
GLU C   O    doub N N 95  
GLU C   OXT  sing N N 96  
GLU CB  CG   sing N N 97  
GLU CB  HB2  sing N N 98  
GLU CB  HB3  sing N N 99  
GLU CG  CD   sing N N 100 
GLU CG  HG2  sing N N 101 
GLU CG  HG3  sing N N 102 
GLU CD  OE1  doub N N 103 
GLU CD  OE2  sing N N 104 
GLU OE2 HE2  sing N N 105 
GLU OXT HXT  sing N N 106 
GLY N   CA   sing N N 107 
GLY N   H    sing N N 108 
GLY N   H2   sing N N 109 
GLY CA  C    sing N N 110 
GLY CA  HA2  sing N N 111 
GLY CA  HA3  sing N N 112 
GLY C   O    doub N N 113 
GLY C   OXT  sing N N 114 
GLY OXT HXT  sing N N 115 
HIS N   CA   sing N N 116 
HIS N   H    sing N N 117 
HIS N   H2   sing N N 118 
HIS CA  C    sing N N 119 
HIS CA  CB   sing N N 120 
HIS CA  HA   sing N N 121 
HIS C   O    doub N N 122 
HIS C   OXT  sing N N 123 
HIS CB  CG   sing N N 124 
HIS CB  HB2  sing N N 125 
HIS CB  HB3  sing N N 126 
HIS CG  ND1  sing Y N 127 
HIS CG  CD2  doub Y N 128 
HIS ND1 CE1  doub Y N 129 
HIS ND1 HD1  sing N N 130 
HIS CD2 NE2  sing Y N 131 
HIS CD2 HD2  sing N N 132 
HIS CE1 NE2  sing Y N 133 
HIS CE1 HE1  sing N N 134 
HIS NE2 HE2  sing N N 135 
HIS OXT HXT  sing N N 136 
HOH O   H1   sing N N 137 
HOH O   H2   sing N N 138 
ILE N   CA   sing N N 139 
ILE N   H    sing N N 140 
ILE N   H2   sing N N 141 
ILE CA  C    sing N N 142 
ILE CA  CB   sing N N 143 
ILE CA  HA   sing N N 144 
ILE C   O    doub N N 145 
ILE C   OXT  sing N N 146 
ILE CB  CG1  sing N N 147 
ILE CB  CG2  sing N N 148 
ILE CB  HB   sing N N 149 
ILE CG1 CD1  sing N N 150 
ILE CG1 HG12 sing N N 151 
ILE CG1 HG13 sing N N 152 
ILE CG2 HG21 sing N N 153 
ILE CG2 HG22 sing N N 154 
ILE CG2 HG23 sing N N 155 
ILE CD1 HD11 sing N N 156 
ILE CD1 HD12 sing N N 157 
ILE CD1 HD13 sing N N 158 
ILE OXT HXT  sing N N 159 
LEU N   CA   sing N N 160 
LEU N   H    sing N N 161 
LEU N   H2   sing N N 162 
LEU CA  C    sing N N 163 
LEU CA  CB   sing N N 164 
LEU CA  HA   sing N N 165 
LEU C   O    doub N N 166 
LEU C   OXT  sing N N 167 
LEU CB  CG   sing N N 168 
LEU CB  HB2  sing N N 169 
LEU CB  HB3  sing N N 170 
LEU CG  CD1  sing N N 171 
LEU CG  CD2  sing N N 172 
LEU CG  HG   sing N N 173 
LEU CD1 HD11 sing N N 174 
LEU CD1 HD12 sing N N 175 
LEU CD1 HD13 sing N N 176 
LEU CD2 HD21 sing N N 177 
LEU CD2 HD22 sing N N 178 
LEU CD2 HD23 sing N N 179 
LEU OXT HXT  sing N N 180 
LYS N   CA   sing N N 181 
LYS N   H    sing N N 182 
LYS N   H2   sing N N 183 
LYS CA  C    sing N N 184 
LYS CA  CB   sing N N 185 
LYS CA  HA   sing N N 186 
LYS C   O    doub N N 187 
LYS C   OXT  sing N N 188 
LYS CB  CG   sing N N 189 
LYS CB  HB2  sing N N 190 
LYS CB  HB3  sing N N 191 
LYS CG  CD   sing N N 192 
LYS CG  HG2  sing N N 193 
LYS CG  HG3  sing N N 194 
LYS CD  CE   sing N N 195 
LYS CD  HD2  sing N N 196 
LYS CD  HD3  sing N N 197 
LYS CE  NZ   sing N N 198 
LYS CE  HE2  sing N N 199 
LYS CE  HE3  sing N N 200 
LYS NZ  HZ1  sing N N 201 
LYS NZ  HZ2  sing N N 202 
LYS NZ  HZ3  sing N N 203 
LYS OXT HXT  sing N N 204 
MET N   CA   sing N N 205 
MET N   H    sing N N 206 
MET N   H2   sing N N 207 
MET CA  C    sing N N 208 
MET CA  CB   sing N N 209 
MET CA  HA   sing N N 210 
MET C   O    doub N N 211 
MET C   OXT  sing N N 212 
MET CB  CG   sing N N 213 
MET CB  HB2  sing N N 214 
MET CB  HB3  sing N N 215 
MET CG  SD   sing N N 216 
MET CG  HG2  sing N N 217 
MET CG  HG3  sing N N 218 
MET SD  CE   sing N N 219 
MET CE  HE1  sing N N 220 
MET CE  HE2  sing N N 221 
MET CE  HE3  sing N N 222 
MET OXT HXT  sing N N 223 
PHE N   CA   sing N N 224 
PHE N   H    sing N N 225 
PHE N   H2   sing N N 226 
PHE CA  C    sing N N 227 
PHE CA  CB   sing N N 228 
PHE CA  HA   sing N N 229 
PHE C   O    doub N N 230 
PHE C   OXT  sing N N 231 
PHE CB  CG   sing N N 232 
PHE CB  HB2  sing N N 233 
PHE CB  HB3  sing N N 234 
PHE CG  CD1  doub Y N 235 
PHE CG  CD2  sing Y N 236 
PHE CD1 CE1  sing Y N 237 
PHE CD1 HD1  sing N N 238 
PHE CD2 CE2  doub Y N 239 
PHE CD2 HD2  sing N N 240 
PHE CE1 CZ   doub Y N 241 
PHE CE1 HE1  sing N N 242 
PHE CE2 CZ   sing Y N 243 
PHE CE2 HE2  sing N N 244 
PHE CZ  HZ   sing N N 245 
PHE OXT HXT  sing N N 246 
PRO N   CA   sing N N 247 
PRO N   CD   sing N N 248 
PRO N   H    sing N N 249 
PRO CA  C    sing N N 250 
PRO CA  CB   sing N N 251 
PRO CA  HA   sing N N 252 
PRO C   O    doub N N 253 
PRO C   OXT  sing N N 254 
PRO CB  CG   sing N N 255 
PRO CB  HB2  sing N N 256 
PRO CB  HB3  sing N N 257 
PRO CG  CD   sing N N 258 
PRO CG  HG2  sing N N 259 
PRO CG  HG3  sing N N 260 
PRO CD  HD2  sing N N 261 
PRO CD  HD3  sing N N 262 
PRO OXT HXT  sing N N 263 
SER N   CA   sing N N 264 
SER N   H    sing N N 265 
SER N   H2   sing N N 266 
SER CA  C    sing N N 267 
SER CA  CB   sing N N 268 
SER CA  HA   sing N N 269 
SER C   O    doub N N 270 
SER C   OXT  sing N N 271 
SER CB  OG   sing N N 272 
SER CB  HB2  sing N N 273 
SER CB  HB3  sing N N 274 
SER OG  HG   sing N N 275 
SER OXT HXT  sing N N 276 
SO4 S   O1   doub N N 277 
SO4 S   O2   doub N N 278 
SO4 S   O3   sing N N 279 
SO4 S   O4   sing N N 280 
THR N   CA   sing N N 281 
THR N   H    sing N N 282 
THR N   H2   sing N N 283 
THR CA  C    sing N N 284 
THR CA  CB   sing N N 285 
THR CA  HA   sing N N 286 
THR C   O    doub N N 287 
THR C   OXT  sing N N 288 
THR CB  OG1  sing N N 289 
THR CB  CG2  sing N N 290 
THR CB  HB   sing N N 291 
THR OG1 HG1  sing N N 292 
THR CG2 HG21 sing N N 293 
THR CG2 HG22 sing N N 294 
THR CG2 HG23 sing N N 295 
THR OXT HXT  sing N N 296 
TRP N   CA   sing N N 297 
TRP N   H    sing N N 298 
TRP N   H2   sing N N 299 
TRP CA  C    sing N N 300 
TRP CA  CB   sing N N 301 
TRP CA  HA   sing N N 302 
TRP C   O    doub N N 303 
TRP C   OXT  sing N N 304 
TRP CB  CG   sing N N 305 
TRP CB  HB2  sing N N 306 
TRP CB  HB3  sing N N 307 
TRP CG  CD1  doub Y N 308 
TRP CG  CD2  sing Y N 309 
TRP CD1 NE1  sing Y N 310 
TRP CD1 HD1  sing N N 311 
TRP CD2 CE2  doub Y N 312 
TRP CD2 CE3  sing Y N 313 
TRP NE1 CE2  sing Y N 314 
TRP NE1 HE1  sing N N 315 
TRP CE2 CZ2  sing Y N 316 
TRP CE3 CZ3  doub Y N 317 
TRP CE3 HE3  sing N N 318 
TRP CZ2 CH2  doub Y N 319 
TRP CZ2 HZ2  sing N N 320 
TRP CZ3 CH2  sing Y N 321 
TRP CZ3 HZ3  sing N N 322 
TRP CH2 HH2  sing N N 323 
TRP OXT HXT  sing N N 324 
TYR N   CA   sing N N 325 
TYR N   H    sing N N 326 
TYR N   H2   sing N N 327 
TYR CA  C    sing N N 328 
TYR CA  CB   sing N N 329 
TYR CA  HA   sing N N 330 
TYR C   O    doub N N 331 
TYR C   OXT  sing N N 332 
TYR CB  CG   sing N N 333 
TYR CB  HB2  sing N N 334 
TYR CB  HB3  sing N N 335 
TYR CG  CD1  doub Y N 336 
TYR CG  CD2  sing Y N 337 
TYR CD1 CE1  sing Y N 338 
TYR CD1 HD1  sing N N 339 
TYR CD2 CE2  doub Y N 340 
TYR CD2 HD2  sing N N 341 
TYR CE1 CZ   doub Y N 342 
TYR CE1 HE1  sing N N 343 
TYR CE2 CZ   sing Y N 344 
TYR CE2 HE2  sing N N 345 
TYR CZ  OH   sing N N 346 
TYR OH  HH   sing N N 347 
TYR OXT HXT  sing N N 348 
VAL N   CA   sing N N 349 
VAL N   H    sing N N 350 
VAL N   H2   sing N N 351 
VAL CA  C    sing N N 352 
VAL CA  CB   sing N N 353 
VAL CA  HA   sing N N 354 
VAL C   O    doub N N 355 
VAL C   OXT  sing N N 356 
VAL CB  CG1  sing N N 357 
VAL CB  CG2  sing N N 358 
VAL CB  HB   sing N N 359 
VAL CG1 HG11 sing N N 360 
VAL CG1 HG12 sing N N 361 
VAL CG1 HG13 sing N N 362 
VAL CG2 HG21 sing N N 363 
VAL CG2 HG22 sing N N 364 
VAL CG2 HG23 sing N N 365 
VAL OXT HXT  sing N N 366 
# 
_atom_sites.entry_id                    5VR3 
_atom_sites.fract_transf_matrix[1][1]   -0.02718102 
_atom_sites.fract_transf_matrix[1][2]   -0.00460505 
_atom_sites.fract_transf_matrix[1][3]   0.00343933 
_atom_sites.fract_transf_matrix[2][1]   -0.01335726 
_atom_sites.fract_transf_matrix[2][2]   -0.01756741 
_atom_sites.fract_transf_matrix[2][3]   -0.01687629 
_atom_sites.fract_transf_matrix[3][1]   0.00209053 
_atom_sites.fract_transf_matrix[3][2]   -0.00763737 
_atom_sites.fract_transf_matrix[3][3]   0.00629553 
_atom_sites.fract_transf_vector[1]      0.811891 
_atom_sites.fract_transf_vector[2]      0.384565 
_atom_sites.fract_transf_vector[3]      0.214508 
# 
loop_
_atom_type.symbol 
C 
N 
O 
S 
# 
loop_
_atom_site.group_PDB 
_atom_site.id 
_atom_site.type_symbol 
_atom_site.label_atom_id 
_atom_site.label_alt_id 
_atom_site.label_comp_id 
_atom_site.label_asym_id 
_atom_site.label_entity_id 
_atom_site.label_seq_id 
_atom_site.pdbx_PDB_ins_code 
_atom_site.Cartn_x 
_atom_site.Cartn_y 
_atom_site.Cartn_z 
_atom_site.occupancy 
_atom_site.B_iso_or_equiv 
_atom_site.pdbx_formal_charge 
_atom_site.auth_seq_id 
_atom_site.auth_comp_id 
_atom_site.auth_asym_id 
_atom_site.auth_atom_id 
_atom_site.pdbx_PDB_model_num 
ATOM   1   N N   . PRO A 1 15 ? -0.134  -19.161 14.370  1.00 121.72 ? 41  PRO A N   1 
ATOM   2   C CA  . PRO A 1 15 ? 0.932   -20.067 14.813  1.00 122.36 ? 41  PRO A CA  1 
ATOM   3   C C   . PRO A 1 15 ? 2.221   -19.315 15.085  1.00 119.27 ? 41  PRO A C   1 
ATOM   4   O O   . PRO A 1 15 ? 2.189   -18.273 15.745  1.00 125.69 ? 41  PRO A O   1 
ATOM   5   C CB  . PRO A 1 15 ? 1.099   -21.024 13.628  1.00 117.07 ? 41  PRO A CB  1 
ATOM   6   N N   . ALA A 1 16 ? 3.339   -19.841 14.580  1.00 107.51 ? 42  ALA A N   1 
ATOM   7   C CA  . ALA A 1 16 ? 4.604   -19.126 14.683  1.00 94.66  ? 42  ALA A CA  1 
ATOM   8   C C   . ALA A 1 16 ? 4.481   -17.721 14.099  1.00 97.73  ? 42  ALA A C   1 
ATOM   9   O O   . ALA A 1 16 ? 4.882   -16.736 14.725  1.00 92.20  ? 42  ALA A O   1 
ATOM   10  C CB  . ALA A 1 16 ? 5.704   -19.912 13.973  1.00 97.10  ? 42  ALA A CB  1 
ATOM   11  N N   . ILE A 1 17 ? 3.912   -17.601 12.903  1.00 102.64 ? 43  ILE A N   1 
ATOM   12  C CA  . ILE A 1 17 ? 3.685   -16.313 12.262  1.00 77.15  ? 43  ILE A CA  1 
ATOM   13  C C   . ILE A 1 17 ? 2.269   -15.855 12.622  1.00 81.64  ? 43  ILE A C   1 
ATOM   14  O O   . ILE A 1 17 ? 1.314   -16.596 12.342  1.00 81.13  ? 43  ILE A O   1 
ATOM   15  C CB  . ILE A 1 17 ? 3.848   -16.385 10.740  1.00 75.03  ? 43  ILE A CB  1 
ATOM   16  C CG1 . ILE A 1 17 ? 5.277   -16.771 10.361  1.00 76.22  ? 43  ILE A CG1 1 
ATOM   17  C CG2 . ILE A 1 17 ? 3.540   -15.041 10.112  1.00 68.75  ? 43  ILE A CG2 1 
ATOM   18  C CD1 . ILE A 1 17 ? 6.314   -15.824 10.907  1.00 82.12  ? 43  ILE A CD1 1 
ATOM   19  N N   . PRO A 1 18 ? 2.101   -14.677 13.225  1.00 80.72  ? 44  PRO A N   1 
ATOM   20  C CA  . PRO A 1 18 ? 0.755   -14.118 13.422  1.00 77.39  ? 44  PRO A CA  1 
ATOM   21  C C   . PRO A 1 18 ? -0.025  -14.057 12.120  1.00 78.98  ? 44  PRO A C   1 
ATOM   22  O O   . PRO A 1 18 ? 0.481   -13.597 11.085  1.00 68.67  ? 44  PRO A O   1 
ATOM   23  C CB  . PRO A 1 18 ? 1.041   -12.711 13.955  1.00 74.97  ? 44  PRO A CB  1 
ATOM   24  C CG  . PRO A 1 18 ? 2.365   -12.833 14.618  1.00 74.27  ? 44  PRO A CG  1 
ATOM   25  C CD  . PRO A 1 18 ? 3.145   -13.808 13.796  1.00 72.61  ? 44  PRO A CD  1 
ATOM   26  N N   . GLU A 1 19 ? -1.289  -14.492 12.183  1.00 77.02  ? 45  GLU A N   1 
ATOM   27  C CA  . GLU A 1 19 ? -2.138  -14.409 11.003  1.00 85.16  ? 45  GLU A CA  1 
ATOM   28  C C   . GLU A 1 19 ? -2.185  -12.984 10.447  1.00 79.50  ? 45  GLU A C   1 
ATOM   29  O O   . GLU A 1 19 ? -2.368  -12.790 9.236   1.00 78.82  ? 45  GLU A O   1 
ATOM   30  C CB  . GLU A 1 19 ? -3.535  -14.935 11.350  1.00 93.98  ? 45  GLU A CB  1 
ATOM   31  C CG  . GLU A 1 19 ? -4.676  -14.447 10.452  1.00 110.90 ? 45  GLU A CG  1 
ATOM   32  C CD  . GLU A 1 19 ? -4.662  -15.041 9.051   1.00 130.09 ? 45  GLU A CD  1 
ATOM   33  O OE1 . GLU A 1 19 ? -3.791  -15.891 8.753   1.00 137.38 ? 45  GLU A OE1 1 
ATOM   34  O OE2 . GLU A 1 19 ? -5.538  -14.650 8.243   1.00 131.82 ? 45  GLU A OE2 1 
ATOM   35  N N   . GLU A 1 20 ? -1.963  -11.980 11.306  1.00 74.72  ? 46  GLU A N   1 
ATOM   36  C CA  . GLU A 1 20 ? -2.066  -10.587 10.880  1.00 80.04  ? 46  GLU A CA  1 
ATOM   37  C C   . GLU A 1 20 ? -0.992  -10.229 9.859   1.00 76.84  ? 46  GLU A C   1 
ATOM   38  O O   . GLU A 1 20 ? -1.223  -9.376  8.998   1.00 71.23  ? 46  GLU A O   1 
ATOM   39  C CB  . GLU A 1 20 ? -1.978  -9.663  12.096  1.00 90.15  ? 46  GLU A CB  1 
ATOM   40  C CG  . GLU A 1 20 ? -2.634  -8.297  11.897  1.00 112.57 ? 46  GLU A CG  1 
ATOM   41  C CD  . GLU A 1 20 ? -2.120  -7.245  12.871  1.00 128.73 ? 46  GLU A CD  1 
ATOM   42  O OE1 . GLU A 1 20 ? -1.730  -6.148  12.418  1.00 131.09 ? 46  GLU A OE1 1 
ATOM   43  O OE2 . GLU A 1 20 ? -2.095  -7.517  14.091  1.00 134.63 ? 46  GLU A OE2 1 
ATOM   44  N N   . VAL A 1 21 ? 0.187   -10.851 9.951   1.00 76.07  ? 47  VAL A N   1 
ATOM   45  C CA  . VAL A 1 21 ? 1.246   -10.626 8.964   1.00 65.41  ? 47  VAL A CA  1 
ATOM   46  C C   . VAL A 1 21 ? 0.758   -10.991 7.565   1.00 74.00  ? 47  VAL A C   1 
ATOM   47  O O   . VAL A 1 21 ? 0.940   -10.232 6.598   1.00 67.97  ? 47  VAL A O   1 
ATOM   48  C CB  . VAL A 1 21 ? 2.500   -11.431 9.346   1.00 70.16  ? 47  VAL A CB  1 
ATOM   49  C CG1 . VAL A 1 21 ? 3.540   -11.335 8.256   1.00 65.06  ? 47  VAL A CG1 1 
ATOM   50  C CG2 . VAL A 1 21 ? 3.050   -10.946 10.671  1.00 73.49  ? 47  VAL A CG2 1 
ATOM   51  N N   . TRP A 1 22 ? 0.127   -12.162 7.447   1.00 63.89  ? 48  TRP A N   1 
ATOM   52  C CA  . TRP A 1 22 ? -0.424  -12.637 6.182   1.00 62.40  ? 48  TRP A CA  1 
ATOM   53  C C   . TRP A 1 22 ? -1.517  -11.714 5.667   1.00 67.36  ? 48  TRP A C   1 
ATOM   54  O O   . TRP A 1 22 ? -1.606  -11.450 4.459   1.00 57.30  ? 48  TRP A O   1 
ATOM   55  C CB  . TRP A 1 22 ? -0.976  -14.048 6.363   1.00 66.19  ? 48  TRP A CB  1 
ATOM   56  C CG  . TRP A 1 22 ? 0.039   -15.049 6.758   1.00 71.55  ? 48  TRP A CG  1 
ATOM   57  C CD1 . TRP A 1 22 ? 0.089   -15.780 7.930   1.00 70.07  ? 48  TRP A CD1 1 
ATOM   58  C CD2 . TRP A 1 22 ? 1.166   -15.455 5.984   1.00 74.62  ? 48  TRP A CD2 1 
ATOM   59  N NE1 . TRP A 1 22 ? 1.173   -16.610 7.907   1.00 79.32  ? 48  TRP A NE1 1 
ATOM   60  C CE2 . TRP A 1 22 ? 1.852   -16.436 6.731   1.00 83.81  ? 48  TRP A CE2 1 
ATOM   61  C CE3 . TRP A 1 22 ? 1.664   -15.086 4.729   1.00 83.27  ? 48  TRP A CE3 1 
ATOM   62  C CZ2 . TRP A 1 22 ? 3.010   -17.051 6.267   1.00 86.38  ? 48  TRP A CZ2 1 
ATOM   63  C CZ3 . TRP A 1 22 ? 2.815   -15.697 4.271   1.00 87.71  ? 48  TRP A CZ3 1 
ATOM   64  C CH2 . TRP A 1 22 ? 3.475   -16.667 5.033   1.00 86.59  ? 48  TRP A CH2 1 
ATOM   65  N N   . ASN A 1 23 ? -2.365  -11.219 6.573   1.00 61.76  ? 49  ASN A N   1 
ATOM   66  C CA  . ASN A 1 23 ? -3.427  -10.307 6.179   1.00 61.20  ? 49  ASN A CA  1 
ATOM   67  C C   . ASN A 1 23 ? -2.856  -8.976  5.707   1.00 70.53  ? 49  ASN A C   1 
ATOM   68  O O   . ASN A 1 23 ? -3.335  -8.406  4.720   1.00 64.38  ? 49  ASN A O   1 
ATOM   69  C CB  . ASN A 1 23 ? -4.393  -10.111 7.344   1.00 60.88  ? 49  ASN A CB  1 
ATOM   70  C CG  . ASN A 1 23 ? -5.147  -11.383 7.692   1.00 73.74  ? 49  ASN A CG  1 
ATOM   71  O OD1 . ASN A 1 23 ? -5.353  -12.248 6.833   1.00 78.33  ? 49  ASN A OD1 1 
ATOM   72  N ND2 . ASN A 1 23 ? -5.593  -11.487 8.944   1.00 60.63  ? 49  ASN A ND2 1 
ATOM   73  N N   . ILE A 1 24 ? -1.815  -8.480  6.382   1.00 64.24  ? 50  ILE A N   1 
ATOM   74  C CA  . ILE A 1 24 ? -1.137  -7.271  5.920   1.00 69.51  ? 50  ILE A CA  1 
ATOM   75  C C   . ILE A 1 24 ? -0.483  -7.506  4.568   1.00 68.13  ? 50  ILE A C   1 
ATOM   76  O O   . ILE A 1 24 ? -0.583  -6.671  3.667   1.00 67.05  ? 50  ILE A O   1 
ATOM   77  C CB  . ILE A 1 24 ? -0.118  -6.794  6.966   1.00 62.69  ? 50  ILE A CB  1 
ATOM   78  C CG1 . ILE A 1 24 ? -0.867  -6.135  8.116   1.00 56.52  ? 50  ILE A CG1 1 
ATOM   79  C CG2 . ILE A 1 24 ? 0.910   -5.841  6.330   1.00 56.61  ? 50  ILE A CG2 1 
ATOM   80  C CD1 . ILE A 1 24 ? 0.000   -5.889  9.312   1.00 63.74  ? 50  ILE A CD1 1 
ATOM   81  N N   . LYS A 1 25 ? 0.180   -8.642  4.394   1.00 61.73  ? 51  LYS A N   1 
ATOM   82  C CA  . LYS A 1 25 ? 0.775   -8.929  3.090   1.00 70.31  ? 51  LYS A CA  1 
ATOM   83  C C   . LYS A 1 25 ? -0.282  -8.874  1.994   1.00 65.47  ? 51  LYS A C   1 
ATOM   84  O O   . LYS A 1 25 ? -0.016  -8.373  0.900   1.00 65.70  ? 51  LYS A O   1 
ATOM   85  C CB  . LYS A 1 25 ? 1.479   -10.289 3.102   1.00 69.53  ? 51  LYS A CB  1 
ATOM   86  C CG  . LYS A 1 25 ? 2.803   -10.303 3.854   1.00 70.90  ? 51  LYS A CG  1 
ATOM   87  C CD  . LYS A 1 25 ? 3.599   -11.589 3.605   1.00 74.92  ? 51  LYS A CD  1 
ATOM   88  C CE  . LYS A 1 25 ? 4.423   -11.491 2.339   1.00 91.95  ? 51  LYS A CE  1 
ATOM   89  N NZ  . LYS A 1 25 ? 5.530   -10.492 2.459   1.00 89.13  ? 51  LYS A NZ  1 
ATOM   90  N N   . GLN A 1 26 ? -1.506  -9.343  2.292   1.00 57.70  ? 52  GLN A N   1 
ATOM   91  C CA  . GLN A 1 26 ? -2.582  -9.260  1.309   1.00 68.40  ? 52  GLN A CA  1 
ATOM   92  C C   . GLN A 1 26 ? -2.999  -7.821  1.061   1.00 64.22  ? 52  GLN A C   1 
ATOM   93  O O   . GLN A 1 26 ? -3.301  -7.454  -0.076  1.00 62.57  ? 52  GLN A O   1 
ATOM   94  C CB  . GLN A 1 26 ? -3.780  -10.088 1.755   1.00 70.66  ? 52  GLN A CB  1 
ATOM   95  C CG  . GLN A 1 26 ? -3.593  -11.581 1.534   1.00 88.55  ? 52  GLN A CG  1 
ATOM   96  C CD  . GLN A 1 26 ? -3.299  -11.902 0.082   1.00 114.09 ? 52  GLN A CD  1 
ATOM   97  O OE1 . GLN A 1 26 ? -4.031  -11.483 -0.815  1.00 124.47 ? 52  GLN A OE1 1 
ATOM   98  N NE2 . GLN A 1 26 ? -2.207  -12.624 -0.160  1.00 120.43 ? 52  GLN A NE2 1 
ATOM   99  N N   . MET A 1 27 ? -3.041  -6.996  2.111   1.00 64.25  ? 53  MET A N   1 
ATOM   100 C CA  . MET A 1 27 ? -3.391  -5.590  1.942   1.00 61.26  ? 53  MET A CA  1 
ATOM   101 C C   . MET A 1 27 ? -2.303  -4.834  1.188   1.00 66.23  ? 53  MET A C   1 
ATOM   102 O O   . MET A 1 27 ? -2.596  -3.949  0.374   1.00 60.85  ? 53  MET A O   1 
ATOM   103 C CB  . MET A 1 27 ? -3.635  -4.942  3.304   1.00 54.09  ? 53  MET A CB  1 
ATOM   104 C CG  . MET A 1 27 ? -4.946  -5.313  3.946   1.00 62.82  ? 53  MET A CG  1 
ATOM   105 S SD  . MET A 1 27 ? -6.423  -4.909  2.957   1.00 72.23  ? 53  MET A SD  1 
ATOM   106 C CE  . MET A 1 27 ? -6.051  -3.207  2.478   1.00 70.05  ? 53  MET A CE  1 
ATOM   107 N N   . ILE A 1 28 ? -1.045  -5.181  1.438   1.00 58.81  ? 54  ILE A N   1 
ATOM   108 C CA  . ILE A 1 28 ? 0.058   -4.595  0.689   1.00 62.35  ? 54  ILE A CA  1 
ATOM   109 C C   . ILE A 1 28 ? -0.109  -4.852  -0.806  1.00 66.96  ? 54  ILE A C   1 
ATOM   110 O O   . ILE A 1 28 ? -0.058  -3.919  -1.619  1.00 56.11  ? 54  ILE A O   1 
ATOM   111 C CB  . ILE A 1 28 ? 1.394   -5.126  1.231   1.00 60.07  ? 54  ILE A CB  1 
ATOM   112 C CG1 . ILE A 1 28 ? 1.694   -4.463  2.591   1.00 51.61  ? 54  ILE A CG1 1 
ATOM   113 C CG2 . ILE A 1 28 ? 2.515   -4.955  0.208   1.00 52.98  ? 54  ILE A CG2 1 
ATOM   114 C CD1 . ILE A 1 28 ? 3.007   -5.039  3.282   1.00 47.19  ? 54  ILE A CD1 1 
ATOM   115 N N   . LYS A 1 29 ? -0.364  -6.109  -1.192  1.00 57.14  ? 55  LYS A N   1 
ATOM   116 C CA  . LYS A 1 29 ? -0.532  -6.409  -2.617  1.00 57.71  ? 55  LYS A CA  1 
ATOM   117 C C   . LYS A 1 29 ? -1.734  -5.663  -3.216  1.00 61.43  ? 55  LYS A C   1 
ATOM   118 O O   . LYS A 1 29 ? -1.644  -5.149  -4.336  1.00 56.06  ? 55  LYS A O   1 
ATOM   119 C CB  . LYS A 1 29 ? -0.661  -7.915  -2.842  1.00 63.15  ? 55  LYS A CB  1 
ATOM   120 C CG  . LYS A 1 29 ? 0.620   -8.720  -2.497  1.00 84.24  ? 55  LYS A CG  1 
ATOM   121 C CD  . LYS A 1 29 ? 0.352   -10.226 -2.426  0.80 94.69  ? 55  LYS A CD  1 
ATOM   122 C CE  . LYS A 1 29 ? 1.502   -10.998 -1.747  1.00 99.88  ? 55  LYS A CE  1 
ATOM   123 N NZ  . LYS A 1 29 ? 1.095   -12.384 -1.330  1.00 110.00 ? 55  LYS A NZ  1 
ATOM   124 N N   . LEU A 1 30 ? -2.860  -5.573  -2.487  1.00 56.43  ? 56  LEU A N   1 
ATOM   125 C CA  . LEU A 1 30 ? -3.997  -4.801  -3.007  1.00 62.11  ? 56  LEU A CA  1 
ATOM   126 C C   . LEU A 1 30 ? -3.650  -3.328  -3.168  1.00 66.63  ? 56  LEU A C   1 
ATOM   127 O O   . LEU A 1 30 ? -4.133  -2.662  -4.103  1.00 64.50  ? 56  LEU A O   1 
ATOM   128 C CB  . LEU A 1 30 ? -5.212  -4.926  -2.091  1.00 58.55  ? 56  LEU A CB  1 
ATOM   129 C CG  . LEU A 1 30 ? -5.964  -6.244  -2.234  1.00 84.78  ? 56  LEU A CG  1 
ATOM   130 C CD1 . LEU A 1 30 ? -7.119  -6.324  -1.253  1.00 80.48  ? 56  LEU A CD1 1 
ATOM   131 C CD2 . LEU A 1 30 ? -6.445  -6.378  -3.669  1.00 93.63  ? 56  LEU A CD2 1 
ATOM   132 N N   . THR A 1 31 ? -2.852  -2.792  -2.238  1.00 55.61  ? 57  THR A N   1 
ATOM   133 C CA  . THR A 1 31 ? -2.474  -1.385  -2.304  1.00 61.65  ? 57  THR A CA  1 
ATOM   134 C C   . THR A 1 31 ? -1.539  -1.129  -3.481  1.00 66.52  ? 57  THR A C   1 
ATOM   135 O O   . THR A 1 31 ? -1.729  -0.167  -4.233  1.00 59.39  ? 57  THR A O   1 
ATOM   136 C CB  . THR A 1 31 ? -1.858  -0.967  -0.970  1.00 58.12  ? 57  THR A CB  1 
ATOM   137 O OG1 . THR A 1 31 ? -2.770  -1.306  0.084   1.00 55.94  ? 57  THR A OG1 1 
ATOM   138 C CG2 . THR A 1 31 ? -1.613  0.528   -0.927  1.00 57.92  ? 57  THR A CG2 1 
ATOM   139 N N   . GLN A 1 32 ? -0.562  -2.010  -3.695  1.00 54.86  ? 58  GLN A N   1 
ATOM   140 C CA  . GLN A 1 32 ? 0.303   -1.887  -4.862  1.00 58.96  ? 58  GLN A CA  1 
ATOM   141 C C   . GLN A 1 32 ? -0.504  -1.967  -6.151  1.00 70.33  ? 58  GLN A C   1 
ATOM   142 O O   . GLN A 1 32 ? -0.252  -1.211  -7.093  1.00 66.95  ? 58  GLN A O   1 
ATOM   143 C CB  . GLN A 1 32 ? 1.384   -2.970  -4.850  1.00 54.86  ? 58  GLN A CB  1 
ATOM   144 C CG  . GLN A 1 32 ? 2.301   -2.899  -3.654  1.00 68.26  ? 58  GLN A CG  1 
ATOM   145 C CD  . GLN A 1 32 ? 3.129   -4.171  -3.483  1.00 84.06  ? 58  GLN A CD  1 
ATOM   146 O OE1 . GLN A 1 32 ? 2.849   -5.209  -4.092  1.00 83.74  ? 58  GLN A OE1 1 
ATOM   147 N NE2 . GLN A 1 32 ? 4.146   -4.093  -2.647  1.00 95.35  ? 58  GLN A NE2 1 
ATOM   148 N N   . GLU A 1 33 ? -1.465  -2.893  -6.218  1.00 56.97  ? 59  GLU A N   1 
ATOM   149 C CA  . GLU A 1 33 ? -2.303  -2.989  -7.408  1.00 69.41  ? 59  GLU A CA  1 
ATOM   150 C C   . GLU A 1 33 ? -3.120  -1.721  -7.597  1.00 67.91  ? 59  GLU A C   1 
ATOM   151 O O   . GLU A 1 33 ? -3.261  -1.227  -8.721  1.00 65.91  ? 59  GLU A O   1 
ATOM   152 C CB  . GLU A 1 33 ? -3.225  -4.207  -7.322  1.00 66.51  ? 59  GLU A CB  1 
ATOM   153 C CG  . GLU A 1 33 ? -2.507  -5.561  -7.440  1.00 82.85  ? 59  GLU A CG  1 
ATOM   154 C CD  . GLU A 1 33 ? -3.407  -6.742  -7.062  1.00 99.94  ? 59  GLU A CD  1 
ATOM   155 O OE1 . GLU A 1 33 ? -4.353  -6.550  -6.261  1.00 103.83 ? 59  GLU A OE1 1 
ATOM   156 O OE2 . GLU A 1 33 ? -3.169  -7.860  -7.570  1.00 102.56 ? 59  GLU A OE2 1 
ATOM   157 N N   . HIS A 1 34 ? -3.663  -1.183  -6.502  1.00 61.79  ? 60  HIS A N   1 
ATOM   158 C CA  . HIS A 1 34 ? -4.387  0.080   -6.559  1.00 62.22  ? 60  HIS A CA  1 
ATOM   159 C C   . HIS A 1 34 ? -3.478  1.211   -7.043  1.00 69.34  ? 60  HIS A C   1 
ATOM   160 O O   . HIS A 1 34 ? -3.865  2.007   -7.903  1.00 66.11  ? 60  HIS A O   1 
ATOM   161 C CB  . HIS A 1 34 ? -4.967  0.393   -5.181  1.00 57.60  ? 60  HIS A CB  1 
ATOM   162 C CG  . HIS A 1 34 ? -6.064  1.410   -5.195  1.00 69.58  ? 60  HIS A CG  1 
ATOM   163 N ND1 . HIS A 1 34 ? -6.874  1.619   -6.290  1.00 67.51  ? 60  HIS A ND1 1 
ATOM   164 C CD2 . HIS A 1 34 ? -6.498  2.266   -4.240  1.00 78.59  ? 60  HIS A CD2 1 
ATOM   165 C CE1 . HIS A 1 34 ? -7.752  2.565   -6.013  1.00 71.36  ? 60  HIS A CE1 1 
ATOM   166 N NE2 . HIS A 1 34 ? -7.543  2.978   -4.776  1.00 77.59  ? 60  HIS A NE2 1 
ATOM   167 N N   . ILE A 1 35 ? -2.261  1.294   -6.498  1.00 62.98  ? 61  ILE A N   1 
ATOM   168 C CA  . ILE A 1 35 ? -1.288  2.276   -6.961  1.00 62.25  ? 61  ILE A CA  1 
ATOM   169 C C   . ILE A 1 35 ? -1.009  2.090   -8.441  1.00 71.21  ? 61  ILE A C   1 
ATOM   170 O O   . ILE A 1 35 ? -0.913  3.065   -9.193  1.00 65.66  ? 61  ILE A O   1 
ATOM   171 C CB  . ILE A 1 35 ? 0.006   2.197   -6.134  1.00 60.58  ? 61  ILE A CB  1 
ATOM   172 C CG1 . ILE A 1 35 ? -0.263  2.733   -4.731  1.00 59.90  ? 61  ILE A CG1 1 
ATOM   173 C CG2 . ILE A 1 35 ? 1.107   3.007   -6.805  1.00 65.39  ? 61  ILE A CG2 1 
ATOM   174 C CD1 . ILE A 1 35 ? 0.817   2.370   -3.739  1.00 57.24  ? 61  ILE A CD1 1 
ATOM   175 N N   . GLU A 1 36 ? -0.883  0.846   -8.893  1.00 67.74  ? 62  GLU A N   1 
ATOM   176 C CA  . GLU A 1 36 ? -0.614  0.646   -10.310 1.00 72.44  ? 62  GLU A CA  1 
ATOM   177 C C   . GLU A 1 36 ? -1.794  1.111   -11.160 1.00 76.69  ? 62  GLU A C   1 
ATOM   178 O O   . GLU A 1 36 ? -1.597  1.721   -12.220 1.00 78.65  ? 62  GLU A O   1 
ATOM   179 C CB  . GLU A 1 36 ? -0.268  -0.818  -10.581 1.00 84.68  ? 62  GLU A CB  1 
ATOM   180 C CG  . GLU A 1 36 ? 1.051   -1.265  -9.945  1.00 105.99 ? 62  GLU A CG  1 
ATOM   181 C CD  . GLU A 1 36 ? 1.141   -2.778  -9.765  1.00 125.14 ? 62  GLU A CD  1 
ATOM   182 O OE1 . GLU A 1 36 ? 0.420   -3.507  -10.483 1.00 130.97 ? 62  GLU A OE1 1 
ATOM   183 O OE2 . GLU A 1 36 ? 1.926   -3.235  -8.901  1.00 129.50 ? 62  GLU A OE2 1 
ATOM   184 N N   . ALA A 1 37 ? -3.028  0.881   -10.690 1.00 63.62  ? 63  ALA A N   1 
ATOM   185 C CA  . ALA A 1 37 ? -4.200  1.336   -11.443 1.00 75.59  ? 63  ALA A CA  1 
ATOM   186 C C   . ALA A 1 37 ? -4.254  2.857   -11.503 1.00 79.63  ? 63  ALA A C   1 
ATOM   187 O O   . ALA A 1 37 ? -4.587  3.440   -12.544 1.00 86.40  ? 63  ALA A O   1 
ATOM   188 C CB  . ALA A 1 37 ? -5.481  0.780   -10.817 1.00 69.47  ? 63  ALA A CB  1 
ATOM   189 N N   . LEU A 1 38 ? -3.932  3.511   -10.386 1.00 73.71  ? 64  LEU A N   1 
ATOM   190 C CA  . LEU A 1 38 ? -3.791  4.962   -10.357 1.00 76.79  ? 64  LEU A CA  1 
ATOM   191 C C   . LEU A 1 38 ? -2.796  5.451   -11.404 1.00 75.06  ? 64  LEU A C   1 
ATOM   192 O O   . LEU A 1 38 ? -3.088  6.381   -12.161 1.00 79.52  ? 64  LEU A O   1 
ATOM   193 C CB  . LEU A 1 38 ? -3.355  5.392   -8.964  1.00 68.81  ? 64  LEU A CB  1 
ATOM   194 C CG  . LEU A 1 38 ? -4.348  6.255   -8.222  1.00 76.37  ? 64  LEU A CG  1 
ATOM   195 C CD1 . LEU A 1 38 ? -3.649  6.766   -7.016  1.00 84.53  ? 64  LEU A CD1 1 
ATOM   196 C CD2 . LEU A 1 38 ? -4.835  7.405   -9.106  1.00 55.33  ? 64  LEU A CD2 1 
ATOM   197 N N   . LEU A 1 39 ? -1.599  4.848   -11.447 1.00 69.54  ? 65  LEU A N   1 
ATOM   198 C CA  . LEU A 1 39 ? -0.597  5.289   -12.413 1.00 65.77  ? 65  LEU A CA  1 
ATOM   199 C C   . LEU A 1 39 ? -1.049  5.024   -13.839 1.00 85.56  ? 65  LEU A C   1 
ATOM   200 O O   . LEU A 1 39 ? -0.760  5.823   -14.739 1.00 102.13 ? 65  LEU A O   1 
ATOM   201 C CB  . LEU A 1 39 ? 0.753   4.612   -12.158 1.00 64.53  ? 65  LEU A CB  1 
ATOM   202 C CG  . LEU A 1 39 ? 1.383   4.847   -10.775 1.00 78.61  ? 65  LEU A CG  1 
ATOM   203 C CD1 . LEU A 1 39 ? 2.776   4.209   -10.631 1.00 71.81  ? 65  LEU A CD1 1 
ATOM   204 C CD2 . LEU A 1 39 ? 1.441   6.350   -10.488 1.00 90.86  ? 65  LEU A CD2 1 
ATOM   205 N N   . ASP A 1 40 ? -1.775  3.937   -14.060 1.00 80.75  ? 66  ASP A N   1 
ATOM   206 C CA  . ASP A 1 40 ? -2.357  3.637   -15.361 1.00 98.54  ? 66  ASP A CA  1 
ATOM   207 C C   . ASP A 1 40 ? -3.452  4.678   -15.796 1.00 117.72 ? 66  ASP A C   1 
ATOM   208 O O   . ASP A 1 40 ? -4.148  4.495   -16.803 1.00 128.99 ? 66  ASP A O   1 
ATOM   209 C CB  . ASP A 1 40 ? -2.928  2.219   -15.345 1.00 109.79 ? 66  ASP A CB  1 
ATOM   210 C CG  . ASP A 1 40 ? -3.309  1.726   -16.729 1.00 132.39 ? 66  ASP A CG  1 
ATOM   211 O OD1 . ASP A 1 40 ? -2.406  1.574   -17.581 1.00 145.13 ? 66  ASP A OD1 1 
ATOM   212 O OD2 . ASP A 1 40 ? -4.514  1.488   -16.968 1.00 140.18 ? 66  ASP A OD2 1 
ATOM   213 N N   . LYS A 1 41 ? -3.641  5.787   -15.082 1.00 117.65 ? 67  LYS A N   1 
ATOM   214 C CA  . LYS A 1 41 ? -4.516  6.861   -15.535 1.00 112.50 ? 67  LYS A CA  1 
ATOM   215 C C   . LYS A 1 41 ? -3.788  8.195   -15.505 1.00 112.77 ? 67  LYS A C   1 
ATOM   216 O O   . LYS A 1 41 ? -4.381  9.220   -15.170 1.00 122.92 ? 67  LYS A O   1 
ATOM   217 C CB  . LYS A 1 41 ? -5.796  6.911   -14.708 1.00 104.90 ? 67  LYS A CB  1 
ATOM   218 C CG  . LYS A 1 41 ? -6.641  5.661   -14.861 1.00 100.77 ? 67  LYS A CG  1 
ATOM   219 C CD  . LYS A 1 41 ? -7.957  5.776   -14.129 1.00 105.36 ? 67  LYS A CD  1 
ATOM   220 C CE  . LYS A 1 41 ? -8.782  4.517   -14.312 1.00 108.57 ? 67  LYS A CE  1 
ATOM   221 N NZ  . LYS A 1 41 ? -10.194 4.739   -13.901 1.00 109.59 ? 67  LYS A NZ  1 
ATOM   222 N N   . PHE A 1 42 ? -2.498  8.190   -15.839 1.00 129.44 ? 68  PHE A N   1 
ATOM   223 C CA  . PHE A 1 42 ? -1.735  9.421   -16.007 1.00 129.39 ? 68  PHE A CA  1 
ATOM   224 C C   . PHE A 1 42 ? -1.417  9.621   -17.483 1.00 132.25 ? 68  PHE A C   1 
ATOM   225 O O   . PHE A 1 42 ? -0.607  8.903   -18.067 1.00 136.40 ? 68  PHE A O   1 
ATOM   226 C CB  . PHE A 1 42 ? -0.440  9.402   -15.187 1.00 131.66 ? 68  PHE A CB  1 
ATOM   227 C CG  . PHE A 1 42 ? -0.642  9.645   -13.712 1.00 136.63 ? 68  PHE A CG  1 
ATOM   228 C CD1 . PHE A 1 42 ? 0.430   9.948   -12.892 1.00 132.11 ? 68  PHE A CD1 1 
ATOM   229 C CD2 . PHE A 1 42 ? -1.901  9.559   -13.140 1.00 139.72 ? 68  PHE A CD2 1 
ATOM   230 C CE1 . PHE A 1 42 ? 0.244   10.167  -11.540 1.00 131.45 ? 68  PHE A CE1 1 
ATOM   231 C CE2 . PHE A 1 42 ? -2.083  9.767   -11.786 1.00 131.64 ? 68  PHE A CE2 1 
ATOM   232 C CZ  . PHE A 1 42 ? -1.016  10.077  -10.991 1.00 128.79 ? 68  PHE A CZ  1 
ATOM   233 N N   . GLU A 1 45 ? -2.868  13.026  -18.887 1.00 121.14 ? 71  GLU A N   1 
ATOM   234 C CA  . GLU A 1 45 ? -1.535  12.440  -18.971 1.00 127.51 ? 71  GLU A CA  1 
ATOM   235 C C   . GLU A 1 45 ? -0.446  13.510  -18.997 1.00 139.85 ? 71  GLU A C   1 
ATOM   236 O O   . GLU A 1 45 ? 0.709   13.243  -18.654 1.00 139.85 ? 71  GLU A O   1 
ATOM   237 C CB  . GLU A 1 45 ? -1.422  11.543  -20.205 1.00 124.52 ? 71  GLU A CB  1 
ATOM   238 N N   . HIS A 1 46 ? -0.822  14.725  -19.402 1.00 144.72 ? 72  HIS A N   1 
ATOM   239 C CA  . HIS A 1 46 ? 0.121   15.839  -19.489 1.00 149.60 ? 72  HIS A CA  1 
ATOM   240 C C   . HIS A 1 46 ? 0.204   16.617  -18.173 1.00 144.00 ? 72  HIS A C   1 
ATOM   241 O O   . HIS A 1 46 ? 1.276   16.701  -17.561 1.00 146.29 ? 72  HIS A O   1 
ATOM   242 C CB  . HIS A 1 46 ? -0.272  16.760  -20.652 1.00 149.08 ? 72  HIS A CB  1 
ATOM   243 N N   . ASN A 1 47 ? -0.927  17.190  -17.729 1.00 132.34 ? 73  ASN A N   1 
ATOM   244 C CA  . ASN A 1 47 ? -1.073  17.920  -16.467 1.00 119.61 ? 73  ASN A CA  1 
ATOM   245 C C   . ASN A 1 47 ? -2.025  17.149  -15.555 1.00 103.01 ? 73  ASN A C   1 
ATOM   246 O O   . ASN A 1 47 ? -3.133  17.627  -15.266 1.00 92.25  ? 73  ASN A O   1 
ATOM   247 C CB  . ASN A 1 47 ? -1.600  19.342  -16.716 1.00 113.94 ? 73  ASN A CB  1 
ATOM   248 C CG  . ASN A 1 47 ? -1.591  20.223  -15.457 1.00 107.45 ? 73  ASN A CG  1 
ATOM   249 O OD1 . ASN A 1 47 ? -0.723  20.096  -14.596 1.00 110.78 ? 73  ASN A OD1 1 
ATOM   250 N ND2 . ASN A 1 47 ? -2.555  21.130  -15.364 1.00 98.27  ? 73  ASN A ND2 1 
ATOM   251 N N   . PRO A 1 48 ? -1.629  15.972  -15.071 1.00 103.47 ? 74  PRO A N   1 
ATOM   252 C CA  . PRO A 1 48 ? -2.597  15.084  -14.434 1.00 96.40  ? 74  PRO A CA  1 
ATOM   253 C C   . PRO A 1 48 ? -3.274  15.763  -13.262 1.00 89.53  ? 74  PRO A C   1 
ATOM   254 O O   . PRO A 1 48 ? -2.667  16.603  -12.567 1.00 90.78  ? 74  PRO A O   1 
ATOM   255 C CB  . PRO A 1 48 ? -1.741  13.888  -13.992 1.00 100.43 ? 74  PRO A CB  1 
ATOM   256 C CG  . PRO A 1 48 ? -0.546  13.930  -14.903 1.00 103.83 ? 74  PRO A CG  1 
ATOM   257 C CD  . PRO A 1 48 ? -0.274  15.392  -15.062 1.00 99.74  ? 74  PRO A CD  1 
ATOM   258 N N   . PRO A 1 49 ? -4.552  15.455  -13.021 1.00 86.14  ? 75  PRO A N   1 
ATOM   259 C CA  . PRO A 1 49 ? -5.327  16.162  -11.987 1.00 83.59  ? 75  PRO A CA  1 
ATOM   260 C C   . PRO A 1 49 ? -4.756  15.981  -10.592 1.00 98.45  ? 75  PRO A C   1 
ATOM   261 O O   . PRO A 1 49 ? -4.267  14.907  -10.225 1.00 85.59  ? 75  PRO A O   1 
ATOM   262 C CB  . PRO A 1 49 ? -6.711  15.517  -12.082 1.00 86.81  ? 75  PRO A CB  1 
ATOM   263 C CG  . PRO A 1 49 ? -6.747  14.927  -13.439 1.00 97.41  ? 75  PRO A CG  1 
ATOM   264 C CD  . PRO A 1 49 ? -5.376  14.504  -13.779 1.00 99.57  ? 75  PRO A CD  1 
ATOM   265 N N   . SER A 1 50 ? -4.855  17.054  -9.802  1.00 75.62  ? 76  SER A N   1 
ATOM   266 C CA  . SER A 1 50 ? -4.423  16.975  -8.410  1.00 77.43  ? 76  SER A CA  1 
ATOM   267 C C   . SER A 1 50 ? -5.087  15.813  -7.675  1.00 73.11  ? 76  SER A C   1 
ATOM   268 O O   . SER A 1 50 ? -4.464  15.197  -6.796  1.00 74.40  ? 76  SER A O   1 
ATOM   269 C CB  . SER A 1 50 ? -4.711  18.304  -7.719  1.00 84.75  ? 76  SER A CB  1 
ATOM   270 O OG  . SER A 1 50 ? -3.901  19.329  -8.265  1.00 96.78  ? 76  SER A OG  1 
ATOM   271 N N   . ILE A 1 51 ? -6.331  15.472  -8.035  1.00 74.42  ? 77  ILE A N   1 
ATOM   272 C CA  . ILE A 1 51 ? -7.035  14.406  -7.320  1.00 79.30  ? 77  ILE A CA  1 
ATOM   273 C C   . ILE A 1 51 ? -6.335  13.056  -7.514  1.00 75.47  ? 77  ILE A C   1 
ATOM   274 O O   . ILE A 1 51 ? -6.290  12.230  -6.589  1.00 72.87  ? 77  ILE A O   1 
ATOM   275 C CB  . ILE A 1 51 ? -8.517  14.384  -7.755  1.00 78.96  ? 77  ILE A CB  1 
ATOM   276 C CG1 . ILE A 1 51 ? -9.335  13.385  -6.932  1.00 73.62  ? 77  ILE A CG1 1 
ATOM   277 C CG2 . ILE A 1 51 ? -8.666  14.122  -9.251  1.00 78.27  ? 77  ILE A CG2 1 
ATOM   278 C CD1 . ILE A 1 51 ? -10.817 13.398  -7.297  1.00 66.36  ? 77  ILE A CD1 1 
ATOM   279 N N   . TYR A 1 52 ? -5.759  12.816  -8.702  1.00 70.42  ? 78  TYR A N   1 
ATOM   280 C CA  . TYR A 1 52 ? -4.965  11.606  -8.913  1.00 78.45  ? 78  TYR A CA  1 
ATOM   281 C C   . TYR A 1 52 ? -3.674  11.653  -8.112  1.00 74.80  ? 78  TYR A C   1 
ATOM   282 O O   . TYR A 1 52 ? -3.321  10.689  -7.439  1.00 67.73  ? 78  TYR A O   1 
ATOM   283 C CB  . TYR A 1 52 ? -4.625  11.416  -10.392 1.00 79.77  ? 78  TYR A CB  1 
ATOM   284 C CG  . TYR A 1 52 ? -5.791  11.183  -11.335 1.00 87.40  ? 78  TYR A CG  1 
ATOM   285 C CD1 . TYR A 1 52 ? -7.082  10.982  -10.864 1.00 84.80  ? 78  TYR A CD1 1 
ATOM   286 C CD2 . TYR A 1 52 ? -5.590  11.158  -12.711 1.00 91.22  ? 78  TYR A CD2 1 
ATOM   287 C CE1 . TYR A 1 52 ? -8.134  10.773  -11.734 1.00 91.07  ? 78  TYR A CE1 1 
ATOM   288 C CE2 . TYR A 1 52 ? -6.635  10.956  -13.590 1.00 88.77  ? 78  TYR A CE2 1 
ATOM   289 C CZ  . TYR A 1 52 ? -7.901  10.764  -13.098 1.00 91.84  ? 78  TYR A CZ  1 
ATOM   290 O OH  . TYR A 1 52 ? -8.941  10.556  -13.973 1.00 100.16 ? 78  TYR A OH  1 
ATOM   291 N N   . LEU A 1 53 ? -2.942  12.762  -8.203  1.00 67.78  ? 79  LEU A N   1 
ATOM   292 C CA  . LEU A 1 53 ? -1.654  12.870  -7.519  1.00 65.70  ? 79  LEU A CA  1 
ATOM   293 C C   . LEU A 1 53 ? -1.826  12.772  -6.017  1.00 80.58  ? 79  LEU A C   1 
ATOM   294 O O   . LEU A 1 53 ? -0.972  12.207  -5.322  1.00 69.65  ? 79  LEU A O   1 
ATOM   295 C CB  . LEU A 1 53 ? -0.975  14.191  -7.884  1.00 71.25  ? 79  LEU A CB  1 
ATOM   296 C CG  . LEU A 1 53 ? -0.605  14.397  -9.348  1.00 85.59  ? 79  LEU A CG  1 
ATOM   297 C CD1 . LEU A 1 53 ? 0.077   15.750  -9.508  1.00 84.73  ? 79  LEU A CD1 1 
ATOM   298 C CD2 . LEU A 1 53 ? 0.268   13.283  -9.855  1.00 85.83  ? 79  LEU A CD2 1 
ATOM   299 N N   . GLU A 1 54 ? -2.926  13.317  -5.496  1.00 64.02  ? 80  GLU A N   1 
ATOM   300 C CA  . GLU A 1 54 ? -3.176  13.236  -4.063  1.00 63.14  ? 80  GLU A CA  1 
ATOM   301 C C   . GLU A 1 54 ? -3.502  11.807  -3.651  1.00 64.29  ? 80  GLU A C   1 
ATOM   302 O O   . GLU A 1 54 ? -3.084  11.356  -2.578  1.00 66.18  ? 80  GLU A O   1 
ATOM   303 C CB  . GLU A 1 54 ? -4.320  14.166  -3.663  1.00 64.28  ? 80  GLU A CB  1 
ATOM   304 C CG  . GLU A 1 54 ? -3.947  15.647  -3.584  1.00 92.79  ? 80  GLU A CG  1 
ATOM   305 C CD  . GLU A 1 54 ? -5.144  16.521  -3.258  1.00 103.25 ? 80  GLU A CD  1 
ATOM   306 O OE1 . GLU A 1 54 ? -6.289  16.075  -3.505  1.00 104.06 ? 80  GLU A OE1 1 
ATOM   307 O OE2 . GLU A 1 54 ? -4.946  17.644  -2.749  1.00 114.09 ? 80  GLU A OE2 1 
ATOM   308 N N   . ALA A 1 55 ? -4.266  11.090  -4.479  1.00 61.61  ? 81  ALA A N   1 
ATOM   309 C CA  . ALA A 1 55 ? -4.549  9.691   -4.181  1.00 61.02  ? 81  ALA A CA  1 
ATOM   310 C C   . ALA A 1 55 ? -3.278  8.865   -4.225  1.00 63.79  ? 81  ALA A C   1 
ATOM   311 O O   . ALA A 1 55 ? -3.088  7.949   -3.412  1.00 59.35  ? 81  ALA A O   1 
ATOM   312 C CB  . ALA A 1 55 ? -5.580  9.138   -5.166  1.00 58.91  ? 81  ALA A CB  1 
ATOM   313 N N   . TYR A 1 56 ? -2.399  9.164   -5.183  1.00 54.62  ? 82  TYR A N   1 
ATOM   314 C CA  . TYR A 1 56 ? -1.124  8.459   -5.231  1.00 66.79  ? 82  TYR A CA  1 
ATOM   315 C C   . TYR A 1 56 ? -0.353  8.637   -3.929  1.00 78.92  ? 82  TYR A C   1 
ATOM   316 O O   . TYR A 1 56 ? 0.169   7.664   -3.366  1.00 64.43  ? 82  TYR A O   1 
ATOM   317 C CB  . TYR A 1 56 ? -0.312  8.939   -6.431  1.00 62.93  ? 82  TYR A CB  1 
ATOM   318 C CG  . TYR A 1 56 ? 1.072   8.326   -6.481  1.00 68.44  ? 82  TYR A CG  1 
ATOM   319 C CD1 . TYR A 1 56 ? 1.275   7.037   -6.964  1.00 76.27  ? 82  TYR A CD1 1 
ATOM   320 C CD2 . TYR A 1 56 ? 2.170   9.033   -6.028  1.00 74.67  ? 82  TYR A CD2 1 
ATOM   321 C CE1 . TYR A 1 56 ? 2.543   6.483   -7.011  1.00 69.12  ? 82  TYR A CE1 1 
ATOM   322 C CE2 . TYR A 1 56 ? 3.424   8.489   -6.065  1.00 84.29  ? 82  TYR A CE2 1 
ATOM   323 C CZ  . TYR A 1 56 ? 3.608   7.214   -6.549  1.00 68.06  ? 82  TYR A CZ  1 
ATOM   324 O OH  . TYR A 1 56 ? 4.889   6.729   -6.588  1.00 72.12  ? 82  TYR A OH  1 
ATOM   325 N N   . GLU A 1 57 ? -0.324  9.860   -3.404  1.00 58.22  ? 83  GLU A N   1 
ATOM   326 C CA  . GLU A 1 57 ? 0.384   10.096  -2.156  1.00 63.82  ? 83  GLU A CA  1 
ATOM   327 C C   . GLU A 1 57 ? -0.305  9.396   -0.988  1.00 73.01  ? 83  GLU A C   1 
ATOM   328 O O   . GLU A 1 57 ? 0.367   8.923   -0.065  1.00 73.44  ? 83  GLU A O   1 
ATOM   329 C CB  . GLU A 1 57 ? 0.497   11.591  -1.890  1.00 67.91  ? 83  GLU A CB  1 
ATOM   330 C CG  . GLU A 1 57 ? 1.869   12.002  -1.379  1.00 97.21  ? 83  GLU A CG  1 
ATOM   331 C CD  . GLU A 1 57 ? 2.477   13.147  -2.173  1.00 120.64 ? 83  GLU A CD  1 
ATOM   332 O OE1 . GLU A 1 57 ? 1.733   14.069  -2.584  1.00 122.16 ? 83  GLU A OE1 1 
ATOM   333 O OE2 . GLU A 1 57 ? 3.708   13.122  -2.387  1.00 130.28 ? 83  GLU A OE2 1 
ATOM   334 N N   . GLU A 1 58 ? -1.641  9.311   -1.027  1.00 66.62  ? 84  GLU A N   1 
ATOM   335 C CA  . GLU A 1 58 ? -2.409  8.687   0.045   1.00 63.76  ? 84  GLU A CA  1 
ATOM   336 C C   . GLU A 1 58 ? -2.122  7.197   0.122   1.00 68.19  ? 84  GLU A C   1 
ATOM   337 O O   . GLU A 1 58 ? -1.989  6.644   1.220   1.00 62.48  ? 84  GLU A O   1 
ATOM   338 C CB  . GLU A 1 58 ? -3.908  8.926   -0.176  1.00 69.74  ? 84  GLU A CB  1 
ATOM   339 C CG  . GLU A 1 58 ? -4.845  8.304   0.872   1.00 80.09  ? 84  GLU A CG  1 
ATOM   340 C CD  . GLU A 1 58 ? -6.307  8.198   0.401   1.00 89.75  ? 84  GLU A CD  1 
ATOM   341 O OE1 . GLU A 1 58 ? -7.114  7.519   1.086   1.00 89.87  ? 84  GLU A OE1 1 
ATOM   342 O OE2 . GLU A 1 58 ? -6.651  8.786   -0.652  1.00 90.33  ? 84  GLU A OE2 1 
ATOM   343 N N   . TYR A 1 59 ? -2.051  6.531   -1.037  1.00 61.88  ? 85  TYR A N   1 
ATOM   344 C CA  . TYR A 1 59 ? -1.879  5.089   -1.075  1.00 67.54  ? 85  TYR A CA  1 
ATOM   345 C C   . TYR A 1 59 ? -0.418  4.699   -0.902  1.00 74.17  ? 85  TYR A C   1 
ATOM   346 O O   . TYR A 1 59 ? -0.128  3.647   -0.318  1.00 66.10  ? 85  TYR A O   1 
ATOM   347 C CB  . TYR A 1 59 ? -2.437  4.513   -2.384  1.00 58.84  ? 85  TYR A CB  1 
ATOM   348 C CG  . TYR A 1 59 ? -3.856  4.948   -2.758  1.00 72.35  ? 85  TYR A CG  1 
ATOM   349 C CD1 . TYR A 1 59 ? -4.794  5.329   -1.797  1.00 71.42  ? 85  TYR A CD1 1 
ATOM   350 C CD2 . TYR A 1 59 ? -4.255  4.961   -4.094  1.00 79.33  ? 85  TYR A CD2 1 
ATOM   351 C CE1 . TYR A 1 59 ? -6.094  5.723   -2.172  1.00 80.16  ? 85  TYR A CE1 1 
ATOM   352 C CE2 . TYR A 1 59 ? -5.534  5.344   -4.474  1.00 83.46  ? 85  TYR A CE2 1 
ATOM   353 C CZ  . TYR A 1 59 ? -6.455  5.732   -3.520  1.00 86.63  ? 85  TYR A CZ  1 
ATOM   354 O OH  . TYR A 1 59 ? -7.726  6.129   -3.939  1.00 77.66  ? 85  TYR A OH  1 
ATOM   355 N N   . THR A 1 60 ? 0.519   5.528   -1.359  1.00 59.14  ? 86  THR A N   1 
ATOM   356 C CA  . THR A 1 60 ? 1.903   5.259   -0.983  1.00 60.80  ? 86  THR A CA  1 
ATOM   357 C C   . THR A 1 60 ? 2.092   5.399   0.527   1.00 76.11  ? 86  THR A C   1 
ATOM   358 O O   . THR A 1 60 ? 2.768   4.571   1.154   1.00 76.39  ? 86  THR A O   1 
ATOM   359 C CB  . THR A 1 60 ? 2.859   6.159   -1.758  1.00 66.98  ? 86  THR A CB  1 
ATOM   360 O OG1 . THR A 1 60 ? 2.491   7.536   -1.588  1.00 72.15  ? 86  THR A OG1 1 
ATOM   361 C CG2 . THR A 1 60 ? 2.800   5.809   -3.228  1.00 70.20  ? 86  THR A CG2 1 
ATOM   362 N N   . SER A 1 61 ? 1.463   6.409   1.141   1.00 68.16  ? 87  SER A N   1 
ATOM   363 C CA  . SER A 1 61 ? 1.497   6.504   2.599   1.00 72.83  ? 87  SER A CA  1 
ATOM   364 C C   . SER A 1 61 ? 0.882   5.273   3.248   1.00 62.71  ? 87  SER A C   1 
ATOM   365 O O   . SER A 1 61 ? 1.443   4.717   4.196   1.00 67.87  ? 87  SER A O   1 
ATOM   366 C CB  . SER A 1 61 ? 0.785   7.764   3.069   1.00 76.92  ? 87  SER A CB  1 
ATOM   367 O OG  . SER A 1 61 ? 1.536   8.900   2.713   1.00 100.78 ? 87  SER A OG  1 
ATOM   368 N N   . LYS A 1 62 ? -0.271  4.821   2.746   1.00 60.07  ? 88  LYS A N   1 
ATOM   369 C CA  . LYS A 1 62 ? -0.877  3.618   3.313   1.00 59.84  ? 88  LYS A CA  1 
ATOM   370 C C   . LYS A 1 62 ? 0.057   2.419   3.174   1.00 73.85  ? 88  LYS A C   1 
ATOM   371 O O   . LYS A 1 62 ? 0.148   1.569   4.081   1.00 70.17  ? 88  LYS A O   1 
ATOM   372 C CB  . LYS A 1 62 ? -2.224  3.348   2.639   1.00 64.29  ? 88  LYS A CB  1 
ATOM   373 C CG  . LYS A 1 62 ? -2.867  2.032   3.047   1.00 85.70  ? 88  LYS A CG  1 
ATOM   374 C CD  . LYS A 1 62 ? -4.370  2.070   2.838   1.00 104.59 ? 88  LYS A CD  1 
ATOM   375 C CE  . LYS A 1 62 ? -5.055  0.895   3.525   1.00 107.59 ? 88  LYS A CE  1 
ATOM   376 N NZ  . LYS A 1 62 ? -6.540  0.976   3.397   1.00 101.85 ? 88  LYS A NZ  1 
ATOM   377 N N   . LEU A 1 63 ? 0.784   2.348   2.055   1.00 69.53  ? 89  LEU A N   1 
ATOM   378 C CA  . LEU A 1 63 ? 1.752   1.275   1.856   1.00 63.84  ? 89  LEU A CA  1 
ATOM   379 C C   . LEU A 1 63 ? 2.846   1.312   2.927   1.00 74.74  ? 89  LEU A C   1 
ATOM   380 O O   . LEU A 1 63 ? 3.165   0.285   3.539   1.00 68.29  ? 89  LEU A O   1 
ATOM   381 C CB  . LEU A 1 63 ? 2.346   1.389   0.458   1.00 65.78  ? 89  LEU A CB  1 
ATOM   382 C CG  . LEU A 1 63 ? 3.074   0.206   -0.152  1.00 72.99  ? 89  LEU A CG  1 
ATOM   383 C CD1 . LEU A 1 63 ? 2.230   -1.058  -0.077  1.00 62.48  ? 89  LEU A CD1 1 
ATOM   384 C CD2 . LEU A 1 63 ? 3.365   0.564   -1.606  1.00 75.36  ? 89  LEU A CD2 1 
ATOM   385 N N   . ASP A 1 64 ? 3.429   2.494   3.175   1.00 65.88  ? 90  ASP A N   1 
ATOM   386 C CA  . ASP A 1 64 ? 4.422   2.619   4.239   1.00 79.99  ? 90  ASP A CA  1 
ATOM   387 C C   . ASP A 1 64 ? 3.831   2.259   5.587   1.00 70.42  ? 90  ASP A C   1 
ATOM   388 O O   . ASP A 1 64 ? 4.536   1.749   6.459   1.00 72.20  ? 90  ASP A O   1 
ATOM   389 C CB  . ASP A 1 64 ? 4.987   4.038   4.294   1.00 90.22  ? 90  ASP A CB  1 
ATOM   390 C CG  . ASP A 1 64 ? 5.755   4.406   3.047   1.00 118.32 ? 90  ASP A CG  1 
ATOM   391 O OD1 . ASP A 1 64 ? 6.270   3.481   2.376   1.00 121.92 ? 90  ASP A OD1 1 
ATOM   392 O OD2 . ASP A 1 64 ? 5.840   5.619   2.735   1.00 132.72 ? 90  ASP A OD2 1 
ATOM   393 N N   . ALA A 1 65 ? 2.549   2.558   5.795   1.00 69.14  ? 91  ALA A N   1 
ATOM   394 C CA  . ALA A 1 65 ? 1.910   2.185   7.054   1.00 68.62  ? 91  ALA A CA  1 
ATOM   395 C C   . ALA A 1 65 ? 1.843   0.677   7.196   1.00 68.60  ? 91  ALA A C   1 
ATOM   396 O O   . ALA A 1 65 ? 2.155   0.128   8.262   1.00 68.64  ? 91  ALA A O   1 
ATOM   397 C CB  . ALA A 1 65 ? 0.508   2.785   7.135   1.00 71.64  ? 91  ALA A CB  1 
ATOM   398 N N   . LEU A 1 66 ? 1.436   -0.018  6.130   1.00 65.82  ? 92  LEU A N   1 
ATOM   399 C CA  . LEU A 1 66 ? 1.269   -1.467  6.229   1.00 63.36  ? 92  LEU A CA  1 
ATOM   400 C C   . LEU A 1 66 ? 2.608   -2.151  6.475   1.00 70.19  ? 92  LEU A C   1 
ATOM   401 O O   . LEU A 1 66 ? 2.710   -3.081  7.287   1.00 72.30  ? 92  LEU A O   1 
ATOM   402 C CB  . LEU A 1 66 ? 0.608   -2.005  4.962   1.00 58.10  ? 92  LEU A CB  1 
ATOM   403 C CG  . LEU A 1 66 ? -0.873  -1.667  4.760   1.00 61.16  ? 92  LEU A CG  1 
ATOM   404 C CD1 . LEU A 1 66 ? -1.309  -2.014  3.339   1.00 63.32  ? 92  LEU A CD1 1 
ATOM   405 C CD2 . LEU A 1 66 ? -1.693  -2.428  5.783   1.00 52.23  ? 92  LEU A CD2 1 
ATOM   406 N N   . GLN A 1 67 ? 3.652   -1.664  5.806   1.00 69.77  ? 93  GLN A N   1 
ATOM   407 C CA  . GLN A 1 67 ? 4.976   -2.250  5.910   1.00 78.02  ? 93  GLN A CA  1 
ATOM   408 C C   . GLN A 1 67 ? 5.572   -2.075  7.305   1.00 75.67  ? 93  GLN A C   1 
ATOM   409 O O   . GLN A 1 67 ? 6.243   -2.984  7.798   1.00 83.97  ? 93  GLN A O   1 
ATOM   410 C CB  . GLN A 1 67 ? 5.869   -1.647  4.830   1.00 62.97  ? 93  GLN A CB  1 
ATOM   411 C CG  . GLN A 1 67 ? 5.556   -2.235  3.469   1.00 80.40  ? 93  GLN A CG  1 
ATOM   412 C CD  . GLN A 1 67 ? 6.504   -1.772  2.387   1.00 101.20 ? 93  GLN A CD  1 
ATOM   413 O OE1 . GLN A 1 67 ? 7.038   -0.667  2.446   1.00 110.48 ? 93  GLN A OE1 1 
ATOM   414 N NE2 . GLN A 1 67 ? 6.725   -2.622  1.390   1.00 105.04 ? 93  GLN A NE2 1 
ATOM   415 N N   . GLN A 1 68 ? 5.346   -0.927  7.955   1.00 76.77  ? 94  GLN A N   1 
ATOM   416 C CA  . GLN A 1 68 ? 5.824   -0.761  9.326   1.00 85.98  ? 94  GLN A CA  1 
ATOM   417 C C   . GLN A 1 68 ? 5.076   -1.678  10.285  1.00 79.57  ? 94  GLN A C   1 
ATOM   418 O O   . GLN A 1 68 ? 5.683   -2.296  11.166  1.00 78.15  ? 94  GLN A O   1 
ATOM   419 C CB  . GLN A 1 68 ? 5.676   0.692   9.777   1.00 94.21  ? 94  GLN A CB  1 
ATOM   420 C CG  . GLN A 1 68 ? 6.697   1.644   9.191   1.00 122.16 ? 94  GLN A CG  1 
ATOM   421 C CD  . GLN A 1 68 ? 6.394   3.112   9.505   1.00 146.89 ? 94  GLN A CD  1 
ATOM   422 O OE1 . GLN A 1 68 ? 5.237   3.496   9.709   1.00 154.81 ? 94  GLN A OE1 1 
ATOM   423 N NE2 . GLN A 1 68 ? 7.438   3.936   9.541   1.00 152.61 ? 94  GLN A NE2 1 
ATOM   424 N N   . ARG A 1 69 ? 3.755   -1.757  10.149  1.00 73.19  ? 95  ARG A N   1 
ATOM   425 C CA  . ARG A 1 69 ? 2.980   -2.675  10.972  1.00 75.53  ? 95  ARG A CA  1 
ATOM   426 C C   . ARG A 1 69 ? 3.502   -4.101  10.829  1.00 79.78  ? 95  ARG A C   1 
ATOM   427 O O   . ARG A 1 69 ? 3.649   -4.826  11.824  1.00 79.25  ? 95  ARG A O   1 
ATOM   428 C CB  . ARG A 1 69 ? 1.506   -2.582  10.580  1.00 82.21  ? 95  ARG A CB  1 
ATOM   429 C CG  . ARG A 1 69 ? 0.512   -3.265  11.518  1.00 104.58 ? 95  ARG A CG  1 
ATOM   430 C CD  . ARG A 1 69 ? -0.910  -2.845  11.103  1.00 122.48 ? 95  ARG A CD  1 
ATOM   431 N NE  . ARG A 1 69 ? -1.954  -3.781  11.523  1.00 131.88 ? 95  ARG A NE  1 
ATOM   432 C CZ  . ARG A 1 69 ? -3.239  -3.661  11.200  1.00 128.57 ? 95  ARG A CZ  1 
ATOM   433 N NH1 . ARG A 1 69 ? -3.643  -2.640  10.451  1.00 127.26 ? 95  ARG A NH1 1 
ATOM   434 N NH2 . ARG A 1 69 ? -4.119  -4.563  11.623  1.00 126.05 ? 95  ARG A NH2 1 
ATOM   435 N N   . GLU A 1 70 ? 3.844   -4.501  9.603   1.00 59.17  ? 96  GLU A N   1 
ATOM   436 C CA  . GLU A 1 70 ? 4.363   -5.841  9.388   1.00 65.86  ? 96  GLU A CA  1 
ATOM   437 C C   . GLU A 1 70 ? 5.721   -6.009  10.052  1.00 81.36  ? 96  GLU A C   1 
ATOM   438 O O   . GLU A 1 70 ? 5.924   -6.946  10.833  1.00 79.49  ? 96  GLU A O   1 
ATOM   439 C CB  . GLU A 1 70 ? 4.463   -6.132  7.903   1.00 62.29  ? 96  GLU A CB  1 
ATOM   440 C CG  . GLU A 1 70 ? 4.589   -7.612  7.610   1.00 71.08  ? 96  GLU A CG  1 
ATOM   441 C CD  . GLU A 1 70 ? 5.040   -7.849  6.199   1.00 81.98  ? 96  GLU A CD  1 
ATOM   442 O OE1 . GLU A 1 70 ? 5.341   -9.013  5.844   1.00 81.35  ? 96  GLU A OE1 1 
ATOM   443 O OE2 . GLU A 1 70 ? 5.096   -6.853  5.445   1.00 91.41  ? 96  GLU A OE2 1 
ATOM   444 N N   . GLN A 1 71 ? 6.669   -5.114  9.753   1.00 79.13  ? 97  GLN A N   1 
ATOM   445 C CA  . GLN A 1 71 ? 7.992   -5.252  10.350  1.00 87.13  ? 97  GLN A CA  1 
ATOM   446 C C   . GLN A 1 71 ? 7.916   -5.209  11.873  1.00 90.63  ? 97  GLN A C   1 
ATOM   447 O O   . GLN A 1 71 ? 8.700   -5.888  12.554  1.00 86.50  ? 97  GLN A O   1 
ATOM   448 C CB  . GLN A 1 71 ? 8.939   -4.178  9.814   1.00 90.98  ? 97  GLN A CB  1 
ATOM   449 C CG  . GLN A 1 71 ? 8.810   -2.847  10.522  1.00 107.59 ? 97  GLN A CG  1 
ATOM   450 C CD  . GLN A 1 71 ? 10.113  -2.089  10.576  1.00 119.97 ? 97  GLN A CD  1 
ATOM   451 O OE1 . GLN A 1 71 ? 10.856  -2.036  9.594   1.00 125.44 ? 97  GLN A OE1 1 
ATOM   452 N NE2 . GLN A 1 71 ? 10.406  -1.501  11.734  1.00 123.41 ? 97  GLN A NE2 1 
ATOM   453 N N   . GLN A 1 72 ? 6.942   -4.477  12.423  1.00 76.29  ? 98  GLN A N   1 
ATOM   454 C CA  . GLN A 1 72 ? 6.754   -4.477  13.868  1.00 84.13  ? 98  GLN A CA  1 
ATOM   455 C C   . GLN A 1 72 ? 6.166   -5.791  14.376  1.00 90.05  ? 98  GLN A C   1 
ATOM   456 O O   . GLN A 1 72 ? 6.442   -6.188  15.512  1.00 89.78  ? 98  GLN A O   1 
ATOM   457 C CB  . GLN A 1 72 ? 5.850   -3.322  14.292  1.00 91.42  ? 98  GLN A CB  1 
ATOM   458 C CG  . GLN A 1 72 ? 6.002   -2.945  15.756  1.00 105.82 ? 98  GLN A CG  1 
ATOM   459 C CD  . GLN A 1 72 ? 4.876   -2.068  16.261  1.00 115.54 ? 98  GLN A CD  1 
ATOM   460 O OE1 . GLN A 1 72 ? 4.065   -1.558  15.475  1.00 111.76 ? 98  GLN A OE1 1 
ATOM   461 N NE2 . GLN A 1 72 ? 4.813   -1.887  17.585  1.00 119.48 ? 98  GLN A NE2 1 
ATOM   462 N N   . LEU A 1 73 ? 5.338   -6.471  13.579  1.00 93.51  ? 99  LEU A N   1 
ATOM   463 C CA  . LEU A 1 73 ? 4.847   -7.769  14.015  1.00 86.13  ? 99  LEU A CA  1 
ATOM   464 C C   . LEU A 1 73 ? 5.934   -8.828  13.952  1.00 87.73  ? 99  LEU A C   1 
ATOM   465 O O   . LEU A 1 73 ? 5.841   -9.832  14.655  1.00 83.30  ? 99  LEU A O   1 
ATOM   466 C CB  . LEU A 1 73 ? 3.653   -8.213  13.176  1.00 76.99  ? 99  LEU A CB  1 
ATOM   467 C CG  . LEU A 1 73 ? 2.373   -7.391  13.342  1.00 84.49  ? 99  LEU A CG  1 
ATOM   468 C CD1 . LEU A 1 73 ? 1.294   -7.850  12.368  1.00 84.93  ? 99  LEU A CD1 1 
ATOM   469 C CD2 . LEU A 1 73 ? 1.880   -7.461  14.784  1.00 81.45  ? 99  LEU A CD2 1 
ATOM   470 N N   . LEU A 1 74 ? 6.961   -8.628  13.139  1.00 82.95  ? 100 LEU A N   1 
ATOM   471 C CA  . LEU A 1 74 ? 7.974   -9.650  12.943  1.00 78.83  ? 100 LEU A CA  1 
ATOM   472 C C   . LEU A 1 74 ? 9.057   -9.645  14.022  1.00 94.71  ? 100 LEU A C   1 
ATOM   473 O O   . LEU A 1 74 ? 10.236  -9.862  13.734  1.00 100.56 ? 100 LEU A O   1 
ATOM   474 C CB  . LEU A 1 74 ? 8.578   -9.499  11.550  1.00 74.76  ? 100 LEU A CB  1 
ATOM   475 C CG  . LEU A 1 74 ? 7.597   -9.784  10.401  1.00 84.65  ? 100 LEU A CG  1 
ATOM   476 C CD1 . LEU A 1 74 ? 8.279   -9.755  9.058   1.00 84.91  ? 100 LEU A CD1 1 
ATOM   477 C CD2 . LEU A 1 74 ? 6.913   -11.131 10.611  1.00 87.05  ? 100 LEU A CD2 1 
ATOM   478 N N   . GLU A 1 75 ? 8.685   -9.416  15.277  1.00 103.28 ? 101 GLU A N   1 
ATOM   479 C CA  . GLU A 1 75 ? 9.597   -9.646  16.402  1.00 114.78 ? 101 GLU A CA  1 
ATOM   480 C C   . GLU A 1 75 ? 9.373   -11.050 16.959  1.00 112.10 ? 101 GLU A C   1 
ATOM   481 O O   . GLU A 1 75 ? 8.816   -11.257 18.035  1.00 130.24 ? 101 GLU A O   1 
ATOM   482 C CB  . GLU A 1 75 ? 9.398   -8.573  17.459  1.00 118.72 ? 101 GLU A CB  1 
ATOM   483 C CG  . GLU A 1 75 ? 8.819   -7.281  16.899  1.00 117.07 ? 101 GLU A CG  1 
ATOM   484 C CD  . GLU A 1 75 ? 9.717   -6.567  15.886  1.00 120.87 ? 101 GLU A CD  1 
ATOM   485 O OE1 . GLU A 1 75 ? 10.431  -7.218  15.092  1.00 117.54 ? 101 GLU A OE1 1 
ATOM   486 O OE2 . GLU A 1 75 ? 9.700   -5.319  15.878  1.00 128.27 ? 101 GLU A OE2 1 
ATOM   487 N N   . SER A 1 76 ? 9.829   -12.024 16.177  1.00 110.66 ? 102 SER A N   1 
ATOM   488 C CA  . SER A 1 76 ? 9.657   -13.432 16.495  1.00 110.92 ? 102 SER A CA  1 
ATOM   489 C C   . SER A 1 76 ? 10.856  -13.964 17.256  1.00 118.98 ? 102 SER A C   1 
ATOM   490 O O   . SER A 1 76 ? 11.869  -14.315 16.647  1.00 121.25 ? 102 SER A O   1 
ATOM   491 C CB  . SER A 1 76 ? 9.457   -14.249 15.216  1.00 107.23 ? 102 SER A CB  1 
ATOM   492 O OG  . SER A 1 76 ? 8.400   -13.748 14.424  1.00 101.58 ? 102 SER A OG  1 
HETATM 493 S S   . SO4 B 2 .  ? -5.909  20.478  -10.929 1.00 110.11 ? 201 SO4 A S   1 
HETATM 494 O O1  . SO4 B 2 .  ? -6.872  21.373  -11.557 1.00 120.38 ? 201 SO4 A O1  1 
HETATM 495 O O2  . SO4 B 2 .  ? -4.828  20.179  -11.877 1.00 94.31  ? 201 SO4 A O2  1 
HETATM 496 O O3  . SO4 B 2 .  ? -5.391  21.120  -9.714  1.00 108.05 ? 201 SO4 A O3  1 
HETATM 497 O O4  . SO4 B 2 .  ? -6.597  19.239  -10.577 1.00 114.90 ? 201 SO4 A O4  1 
HETATM 498 O O   . HOH C 3 .  ? 6.587   -11.771 17.427  1.00 98.70  ? 301 HOH A O   1 
HETATM 499 O O   . HOH C 3 .  ? -6.170  -5.877  12.150  1.00 86.47  ? 302 HOH A O   1 
HETATM 500 O O   . HOH C 3 .  ? -5.240  -9.595  10.618  1.00 64.29  ? 303 HOH A O   1 
HETATM 501 O O   . HOH C 3 .  ? -8.085  17.365  -9.429  1.00 58.64  ? 304 HOH A O   1 
HETATM 502 O O   . HOH C 3 .  ? -9.739  4.852   -5.185  1.00 65.87  ? 305 HOH A O   1 
HETATM 503 O O   . HOH C 3 .  ? -7.611  12.057  -4.228  1.00 58.98  ? 306 HOH A O   1 
HETATM 504 O O   . HOH C 3 .  ? -0.685  -13.285 2.272   1.00 76.98  ? 307 HOH A O   1 
HETATM 505 O O   . HOH C 3 .  ? 7.495   7.658   -5.513  1.00 78.71  ? 308 HOH A O   1 
HETATM 506 O O   . HOH C 3 .  ? -2.389  22.826  -12.836 1.00 61.76  ? 309 HOH A O   1 
HETATM 507 O O   . HOH C 3 .  ? -6.691  -3.496  -5.849  1.00 71.85  ? 310 HOH A O   1 
HETATM 508 O O   . HOH C 3 .  ? -7.541  -1.489  -6.900  0.50 62.06  ? 311 HOH A O   1 
HETATM 509 O O   . HOH C 3 .  ? -2.646  -11.730 14.519  1.00 73.25  ? 312 HOH A O   1 
HETATM 510 O O   . HOH C 3 .  ? -7.515  -3.217  -9.006  0.50 71.95  ? 313 HOH A O   1 
# 
loop_
_atom_site_anisotrop.id 
_atom_site_anisotrop.type_symbol 
_atom_site_anisotrop.pdbx_label_atom_id 
_atom_site_anisotrop.pdbx_label_alt_id 
_atom_site_anisotrop.pdbx_label_comp_id 
_atom_site_anisotrop.pdbx_label_asym_id 
_atom_site_anisotrop.pdbx_label_seq_id 
_atom_site_anisotrop.pdbx_PDB_ins_code 
_atom_site_anisotrop.U[1][1] 
_atom_site_anisotrop.U[2][2] 
_atom_site_anisotrop.U[3][3] 
_atom_site_anisotrop.U[1][2] 
_atom_site_anisotrop.U[1][3] 
_atom_site_anisotrop.U[2][3] 
_atom_site_anisotrop.pdbx_auth_seq_id 
_atom_site_anisotrop.pdbx_auth_comp_id 
_atom_site_anisotrop.pdbx_auth_asym_id 
_atom_site_anisotrop.pdbx_auth_atom_id 
1   N N   . PRO A 15 ? 1.5726 1.3682 1.6842 0.2040  0.1176  0.6776  41  PRO A N   
2   C CA  . PRO A 15 ? 1.6090 1.3352 1.7048 0.2402  0.1027  0.6906  41  PRO A CA  
3   C C   . PRO A 15 ? 1.5465 1.3371 1.6482 0.3026  0.1043  0.6532  41  PRO A C   
4   O O   . PRO A 15 ? 1.5819 1.5029 1.6909 0.3187  0.1165  0.6482  41  PRO A O   
5   C CB  . PRO A 15 ? 1.5951 1.1641 1.6890 0.2253  0.0901  0.6679  41  PRO A CB  
6   N N   . ALA A 16 ? 1.4268 1.1305 1.5276 0.3357  0.0914  0.6220  42  ALA A N   
7   C CA  . ALA A 16 ? 1.2411 1.0039 1.3514 0.3888  0.0928  0.5746  42  ALA A CA  
8   C C   . ALA A 16 ? 1.2471 1.0919 1.3745 0.3875  0.1122  0.5249  42  ALA A C   
9   O O   . ALA A 16 ? 1.1378 1.0944 1.2708 0.4115  0.1204  0.5060  42  ALA A O   
10  C CB  . ALA A 16 ? 1.3069 0.9617 1.4205 0.4160  0.0755  0.5385  42  ALA A CB  
11  N N   . ILE A 17 ? 1.3256 1.1145 1.4598 0.3576  0.1182  0.5016  43  ILE A N   
12  C CA  . ILE A 17 ? 0.9769 0.8301 1.1244 0.3525  0.1343  0.4595  43  ILE A CA  
13  C C   . ILE A 17 ? 1.0104 0.9303 1.1614 0.3154  0.1425  0.4989  43  ILE A C   
14  O O   . ILE A 17 ? 1.0265 0.8840 1.1720 0.2720  0.1382  0.5318  43  ILE A O   
15  C CB  . ILE A 17 ? 0.9790 0.7426 1.1292 0.3414  0.1362  0.4112  43  ILE A CB  
16  C CG1 . ILE A 17 ? 1.0093 0.7265 1.1601 0.3764  0.1277  0.3642  43  ILE A CG1 
17  C CG2 . ILE A 17 ? 0.8743 0.7030 1.0347 0.3337  0.1513  0.3744  43  ILE A CG2 
18  C CD1 . ILE A 17 ? 1.0483 0.8652 1.2068 0.4081  0.1309  0.3278  43  ILE A CD1 
19  N N   . PRO A 18 ? 0.9528 0.9997 1.1145 0.3274  0.1523  0.4909  44  PRO A N   
20  C CA  . PRO A 18 ? 0.8828 1.0042 1.0534 0.2936  0.1585  0.5171  44  PRO A CA  
21  C C   . PRO A 18 ? 0.9237 0.9788 1.0983 0.2554  0.1598  0.5043  44  PRO A C   
22  O O   . PRO A 18 ? 0.8055 0.8195 0.9841 0.2679  0.1628  0.4572  44  PRO A O   
23  C CB  . PRO A 18 ? 0.8035 1.0560 0.9889 0.3231  0.1663  0.4827  44  PRO A CB  
24  C CG  . PRO A 18 ? 0.7953 1.0570 0.9695 0.3615  0.1635  0.4622  44  PRO A CG  
25  C CD  . PRO A 18 ? 0.8206 0.9518 0.9863 0.3677  0.1555  0.4506  44  PRO A CD  
26  N N   . GLU A 19 ? 0.8997 0.9533 1.0733 0.2044  0.1578  0.5419  45  GLU A N   
27  C CA  . GLU A 19 ? 1.0179 1.0223 1.1956 0.1616  0.1578  0.5281  45  GLU A CA  
28  C C   . GLU A 19 ? 0.9180 0.9947 1.1079 0.1718  0.1614  0.4722  45  GLU A C   
29  O O   . GLU A 19 ? 0.9280 0.9520 1.1150 0.1517  0.1587  0.4331  45  GLU A O   
30  C CB  . GLU A 19 ? 1.1207 1.1476 1.3023 0.1032  0.1541  0.5669  45  GLU A CB  
31  C CG  . GLU A 19 ? 1.3252 1.3688 1.5198 0.0579  0.1543  0.5517  45  GLU A CG  
32  C CD  . GLU A 19 ? 1.6131 1.5298 1.7999 0.0324  0.1462  0.5188  45  GLU A CD  
33  O OE1 . GLU A 19 ? 1.7463 1.5530 1.9207 0.0495  0.1437  0.5166  45  GLU A OE1 
34  O OE2 . GLU A 19 ? 1.6276 1.5596 1.8214 -0.0029 0.1409  0.4922  45  GLU A OE2 
35  N N   . GLU A 20 ? 0.8135 1.0084 1.0169 0.2044  0.1661  0.4643  46  GLU A N   
36  C CA  . GLU A 20 ? 0.8523 1.1156 1.0734 0.2129  0.1675  0.4130  46  GLU A CA  
37  C C   . GLU A 20 ? 0.8354 1.0321 1.0522 0.2363  0.1700  0.3609  46  GLU A C   
38  O O   . GLU A 20 ? 0.7609 0.9623 0.9831 0.2260  0.1695  0.3231  46  GLU A O   
39  C CB  . GLU A 20 ? 0.9279 1.3282 1.1692 0.2454  0.1709  0.4119  46  GLU A CB  
40  C CG  . GLU A 20 ? 1.1793 1.6577 1.4400 0.2377  0.1671  0.3709  46  GLU A CG  
41  C CD  . GLU A 20 ? 1.3903 1.8941 1.6067 0.2437  0.1498  0.3213  46  GLU A CD  
42  O OE1 . GLU A 20 ? 1.4370 1.9047 1.6391 0.2357  0.1358  0.2593  46  GLU A OE1 
43  O OE2 . GLU A 20 ? 1.4497 2.0117 1.6542 0.2553  0.1503  0.3480  46  GLU A OE2 
44  N N   . VAL A 21 ? 0.8478 0.9872 1.0555 0.2687  0.1729  0.3594  47  VAL A N   
45  C CA  . VAL A 21 ? 0.7338 0.8132 0.9383 0.2889  0.1781  0.3097  47  VAL A CA  
46  C C   . VAL A 21 ? 0.8795 0.8674 1.0650 0.2497  0.1757  0.2918  47  VAL A C   
47  O O   . VAL A 21 ? 0.8060 0.7880 0.9886 0.2462  0.1800  0.2500  47  VAL A O   
48  C CB  . VAL A 21 ? 0.8134 0.8487 1.0039 0.3137  0.1758  0.3021  47  VAL A CB  
49  C CG1 . VAL A 21 ? 0.7717 0.7491 0.9511 0.3165  0.1776  0.2442  47  VAL A CG1 
50  C CG2 . VAL A 21 ? 0.8254 0.9528 1.0142 0.3306  0.1717  0.2978  47  VAL A CG2 
51  N N   . TRP A 22 ? 0.7795 0.6964 0.9517 0.2186  0.1683  0.3241  48  TRP A N   
52  C CA  . TRP A 22 ? 0.7940 0.6276 0.9494 0.1787  0.1630  0.3062  48  TRP A CA  
53  C C   . TRP A 22 ? 0.8371 0.7271 0.9950 0.1457  0.1586  0.2939  48  TRP A C   
54  O O   . TRP A 22 ? 0.7272 0.5807 0.8693 0.1300  0.1568  0.2585  48  TRP A O   
55  C CB  . TRP A 22 ? 0.8697 0.6254 1.0200 0.1490  0.1543  0.3466  48  TRP A CB  
56  C CG  . TRP A 22 ? 0.9626 0.6455 1.1106 0.1819  0.1544  0.3604  48  TRP A CG  
57  C CD1 . TRP A 22 ? 0.9425 0.6241 1.0958 0.1930  0.1509  0.4168  48  TRP A CD1 
58  C CD2 . TRP A 22 ? 1.0310 0.6331 1.1713 0.2106  0.1568  0.3181  48  TRP A CD2 
59  N NE1 . TRP A 22 ? 1.0863 0.6945 1.2331 0.2234  0.1447  0.4020  48  TRP A NE1 
60  C CE2 . TRP A 22 ? 1.1612 0.7193 1.3040 0.2373  0.1495  0.3433  48  TRP A CE2 
61  C CE3 . TRP A 22 ? 1.1542 0.7269 1.2828 0.2141  0.1627  0.2577  48  TRP A CE3 
62  C CZ2 . TRP A 22 ? 1.2166 0.7111 1.3544 0.2656  0.1440  0.3022  48  TRP A CZ2 
63  C CZ3 . TRP A 22 ? 1.2351 0.7366 1.3610 0.2474  0.1658  0.2251  48  TRP A CZ3 
64  C CH2 . TRP A 22 ? 1.2291 0.7005 1.3604 0.2699  0.1528  0.2421  48  TRP A CH2 
65  N N   . ASN A 23 ? 0.7286 0.7126 0.9054 0.1368  0.1561  0.3226  49  ASN A N   
66  C CA  . ASN A 23 ? 0.6976 0.7440 0.8837 0.1116  0.1493  0.3107  49  ASN A CA  
67  C C   . ASN A 23 ? 0.8026 0.8847 0.9927 0.1391  0.1533  0.2686  49  ASN A C   
68  O O   . ASN A 23 ? 0.7294 0.8049 0.9116 0.1210  0.1466  0.2458  49  ASN A O   
69  C CB  . ASN A 23 ? 0.6516 0.7997 0.8620 0.1006  0.1473  0.3475  49  ASN A CB  
70  C CG  . ASN A 23 ? 0.8267 0.9406 1.0345 0.0610  0.1441  0.3939  49  ASN A CG  
71  O OD1 . ASN A 23 ? 0.9212 0.9402 1.1149 0.0298  0.1381  0.3910  49  ASN A OD1 
72  N ND2 . ASN A 23 ? 0.6287 0.8235 0.8514 0.0596  0.1484  0.4360  49  ASN A ND2 
73  N N   . ILE A 24 ? 0.7064 0.8249 0.9096 0.1820  0.1633  0.2586  50  ILE A N   
74  C CA  . ILE A 24 ? 0.7629 0.9042 0.9742 0.2053  0.1691  0.2186  50  ILE A CA  
75  C C   . ILE A 24 ? 0.7853 0.8362 0.9672 0.1991  0.1744  0.1894  50  ILE A C   
76  O O   . ILE A 24 ? 0.7746 0.8240 0.9490 0.1907  0.1738  0.1658  50  ILE A O   
77  C CB  . ILE A 24 ? 0.6600 0.8461 0.8759 0.2335  0.1695  0.2031  50  ILE A CB  
78  C CG1 . ILE A 24 ? 0.5531 0.8209 0.7734 0.2234  0.1543  0.2087  50  ILE A CG1 
79  C CG2 . ILE A 24 ? 0.5999 0.7575 0.7935 0.2251  0.1607  0.1491  50  ILE A CG2 
80  C CD1 . ILE A 24 ? 0.6433 0.9326 0.8460 0.2320  0.1438  0.1906  50  ILE A CD1 
81  N N   . LYS A 25 ? 0.7352 0.7110 0.8995 0.2040  0.1792  0.1906  51  LYS A N   
82  C CA  . LYS A 25 ? 0.8795 0.7768 1.0152 0.1982  0.1852  0.1574  51  LYS A CA  
83  C C   . LYS A 25 ? 0.8350 0.7064 0.9461 0.1565  0.1741  0.1521  51  LYS A C   
84  O O   . LYS A 25 ? 0.8519 0.7038 0.9406 0.1513  0.1784  0.1230  51  LYS A O   
85  C CB  . LYS A 25 ? 0.8995 0.7174 1.0248 0.2095  0.1880  0.1583  51  LYS A CB  
86  C CG  . LYS A 25 ? 0.9044 0.7406 1.0490 0.2577  0.1991  0.1510  51  LYS A CG  
87  C CD  . LYS A 25 ? 0.9878 0.7365 1.1222 0.2732  0.2001  0.1418  51  LYS A CD  
88  C CE  . LYS A 25 ? 1.2212 0.9380 1.3345 0.2696  0.2069  0.0876  51  LYS A CE  
89  N NZ  . LYS A 25 ? 1.1565 0.9542 1.2759 0.2734  0.2029  0.0550  51  LYS A NZ  
90  N N   . GLN A 26 ? 0.7323 0.6122 0.8480 0.1255  0.1595  0.1809  52  GLN A N   
91  C CA  . GLN A 26 ? 0.8774 0.7463 0.9750 0.0866  0.1454  0.1743  52  GLN A CA  
92  C C   . GLN A 26 ? 0.7993 0.7370 0.9039 0.0898  0.1407  0.1661  52  GLN A C   
93  O O   . GLN A 26 ? 0.7932 0.7126 0.8715 0.0732  0.1336  0.1479  52  GLN A O   
94  C CB  . GLN A 26 ? 0.9013 0.7726 1.0108 0.0511  0.1317  0.2061  52  GLN A CB  
95  C CG  . GLN A 26 ? 1.1640 0.9394 1.2610 0.0347  0.1306  0.2092  52  GLN A CG  
96  C CD  . GLN A 26 ? 1.5238 1.2254 1.5857 0.0232  0.1283  0.1667  52  GLN A CD  
97  O OE1 . GLN A 26 ? 1.6559 1.3721 1.7012 -0.0019 0.1171  0.1503  52  GLN A OE1 
98  N NE2 . GLN A 26 ? 1.6323 1.2611 1.6822 0.0445  0.1381  0.1465  52  GLN A NE2 
99  N N   . MET A 27 ? 0.7615 0.7786 0.9013 0.1117  0.1427  0.1788  53  MET A N   
100 C CA  . MET A 27 ? 0.6988 0.7753 0.8533 0.1195  0.1365  0.1689  53  MET A CA  
101 C C   . MET A 27 ? 0.7762 0.8246 0.9156 0.1383  0.1491  0.1413  53  MET A C   
102 O O   . MET A 27 ? 0.7105 0.7625 0.8392 0.1314  0.1421  0.1324  53  MET A O   
103 C CB  . MET A 27 ? 0.5616 0.7314 0.7620 0.1412  0.1359  0.1818  53  MET A CB  
104 C CG  . MET A 27 ? 0.6479 0.8722 0.8668 0.1185  0.1232  0.2083  53  MET A CG  
105 S SD  . MET A 27 ? 0.7632 1.0033 0.9778 0.0841  0.0993  0.2054  53  MET A SD  
106 C CE  . MET A 27 ? 0.7242 0.9877 0.9496 0.1140  0.0954  0.1792  53  MET A CE  
107 N N   . ILE A 28 ? 0.6912 0.7132 0.8304 0.1616  0.1675  0.1294  54  ILE A N   
108 C CA  . ILE A 28 ? 0.7486 0.7457 0.8746 0.1747  0.1835  0.1023  54  ILE A CA  
109 C C   . ILE A 28 ? 0.8438 0.7807 0.9195 0.1482  0.1816  0.0899  54  ILE A C   
110 O O   . ILE A 28 ? 0.7108 0.6502 0.7711 0.1430  0.1829  0.0818  54  ILE A O   
111 C CB  . ILE A 28 ? 0.7203 0.7044 0.8577 0.2039  0.2021  0.0896  54  ILE A CB  
112 C CG1 . ILE A 28 ? 0.5841 0.6341 0.7427 0.2028  0.1793  0.0863  54  ILE A CG1 
113 C CG2 . ILE A 28 ? 0.6523 0.5981 0.7627 0.2015  0.2146  0.0579  54  ILE A CG2 
114 C CD1 . ILE A 28 ? 0.5310 0.5757 0.6864 0.2107  0.1742  0.0699  54  ILE A CD1 
115 N N   . LYS A 29 ? 0.7463 0.6291 0.7954 0.1300  0.1770  0.0890  55  LYS A N   
116 C CA  . LYS A 29 ? 0.7868 0.6196 0.7863 0.1055  0.1739  0.0707  55  LYS A CA  
117 C C   . LYS A 29 ? 0.8291 0.6900 0.8150 0.0818  0.1530  0.0822  55  LYS A C   
118 O O   . LYS A 29 ? 0.7779 0.6262 0.7258 0.0729  0.1535  0.0706  55  LYS A O   
119 C CB  . LYS A 29 ? 0.8826 0.6522 0.8647 0.0902  0.1695  0.0629  55  LYS A CB  
120 C CG  . LYS A 29 ? 1.1607 0.8896 1.1505 0.1176  0.1881  0.0463  55  LYS A CG  
121 C CD  . LYS A 29 ? 1.3162 0.9786 1.3029 0.1049  0.1788  0.0467  55  LYS A CD  
122 C CE  . LYS A 29 ? 1.3865 1.0153 1.3933 0.1397  0.1916  0.0412  55  LYS A CE  
123 N NZ  . LYS A 29 ? 1.5326 1.0981 1.5487 0.1286  0.1787  0.0576  55  LYS A NZ  
124 N N   . LEU A 30 ? 0.7410 0.6461 0.7570 0.0726  0.1342  0.1058  56  LEU A N   
125 C CA  . LEU A 30 ? 0.8030 0.7435 0.8135 0.0561  0.1117  0.1148  56  LEU A CA  
126 C C   . LEU A 30 ? 0.8478 0.8180 0.8659 0.0762  0.1148  0.1155  56  LEU A C   
127 O O   . LEU A 30 ? 0.8294 0.8003 0.8211 0.0663  0.1010  0.1176  56  LEU A O   
128 C CB  . LEU A 30 ? 0.7259 0.7222 0.7767 0.0458  0.0936  0.1367  56  LEU A CB  
129 C CG  . LEU A 30 ? 1.0706 1.0387 1.1120 0.0117  0.0828  0.1402  56  LEU A CG  
130 C CD1 . LEU A 30 ? 0.9790 1.0143 1.0647 -0.0009 0.0696  0.1644  56  LEU A CD1 
131 C CD2 . LEU A 30 ? 1.2085 1.1449 1.2041 -0.0140 0.0671  0.1225  56  LEU A CD2 
132 N N   . THR A 31 ? 0.6867 0.6830 0.7432 0.1045  0.1307  0.1149  57  THR A N   
133 C CA  . THR A 31 ? 0.7497 0.7693 0.8234 0.1221  0.1341  0.1136  57  THR A CA  
134 C C   . THR A 31 ? 0.8426 0.8133 0.8716 0.1172  0.1511  0.1014  57  THR A C   
135 O O   . THR A 31 ? 0.7587 0.7266 0.7712 0.1124  0.1441  0.1092  57  THR A O   
136 C CB  . THR A 31 ? 0.6711 0.7360 0.8012 0.1517  0.1459  0.1097  57  THR A CB  
137 O OG1 . THR A 31 ? 0.6148 0.7324 0.7783 0.1534  0.1319  0.1228  57  THR A OG1 
138 C CG2 . THR A 31 ? 0.6498 0.7403 0.8105 0.1680  0.1454  0.1059  57  THR A CG2 
139 N N   . GLN A 32 ? 0.7149 0.6476 0.7220 0.1179  0.1728  0.0834  58  GLN A N   
140 C CA  . GLN A 32 ? 0.7943 0.6900 0.7556 0.1106  0.1916  0.0685  58  GLN A CA  
141 C C   . GLN A 32 ? 0.9655 0.8388 0.8678 0.0838  0.1749  0.0737  58  GLN A C   
142 O O   . GLN A 32 ? 0.9368 0.8024 0.8046 0.0765  0.1803  0.0780  58  GLN A O   
143 C CB  . GLN A 32 ? 0.7561 0.6206 0.7079 0.1186  0.2148  0.0425  58  GLN A CB  
144 C CG  . GLN A 32 ? 0.8991 0.7897 0.9049 0.1482  0.2306  0.0356  58  GLN A CG  
145 C CD  . GLN A 32 ? 1.1109 0.9701 1.1130 0.1608  0.2447  0.0139  58  GLN A CD  
146 O OE1 . GLN A 32 ? 1.1336 0.9479 1.1001 0.1465  0.2393  0.0048  58  GLN A OE1 
147 N NE2 . GLN A 32 ? 1.2321 1.1188 1.2721 0.1813  0.2507  0.0040  58  GLN A NE2 
148 N N   . GLU A 33 ? 0.8034 0.6681 0.6930 0.0673  0.1545  0.0740  59  GLU A N   
149 C CA  . GLU A 33 ? 0.9825 0.8358 0.8188 0.0423  0.1344  0.0750  59  GLU A CA  
150 C C   . GLU A 33 ? 0.9502 0.8382 0.7918 0.0431  0.1123  0.1016  59  GLU A C   
151 O O   . GLU A 33 ? 0.9445 0.8239 0.7358 0.0326  0.1053  0.1079  59  GLU A O   
152 C CB  . GLU A 33 ? 0.9499 0.7924 0.7847 0.0222  0.1150  0.0679  59  GLU A CB  
153 C CG  . GLU A 33 ? 1.1789 0.9702 0.9989 0.0187  0.1314  0.0389  59  GLU A CG  
154 C CD  . GLU A 33 ? 1.3948 1.1707 1.2316 -0.0018 0.1127  0.0376  59  GLU A CD  
155 O OE1 . GLU A 33 ? 1.4177 1.2333 1.2940 -0.0070 0.0958  0.0625  59  GLU A OE1 
156 O OE2 . GLU A 33 ? 1.4526 1.1783 1.2658 -0.0137 0.1155  0.0102  59  GLU A OE2 
157 N N   . HIS A 34 ? 0.8390 0.7683 0.7406 0.0575  0.1003  0.1172  60  HIS A N   
158 C CA  . HIS A 34 ? 0.8278 0.7896 0.7468 0.0654  0.0782  0.1389  60  HIS A CA  
159 C C   . HIS A 34 ? 0.9285 0.8708 0.8355 0.0758  0.0944  0.1469  60  HIS A C   
160 O O   . HIS A 34 ? 0.8997 0.8358 0.7765 0.0714  0.0789  0.1656  60  HIS A O   
161 C CB  . HIS A 34 ? 0.7271 0.7427 0.7189 0.0829  0.0675  0.1452  60  HIS A CB  
162 C CG  . HIS A 34 ? 0.8572 0.9135 0.8732 0.0908  0.0363  0.1614  60  HIS A CG  
163 N ND1 . HIS A 34 ? 0.8466 0.8974 0.8211 0.0773  0.0105  0.1724  60  HIS A ND1 
164 C CD2 . HIS A 34 ? 0.9329 1.0404 1.0128 0.1137  0.0249  0.1654  60  HIS A CD2 
165 C CE1 . HIS A 34 ? 0.8682 0.9614 0.8816 0.0933  -0.0165 0.1847  60  HIS A CE1 
166 N NE2 . HIS A 34 ? 0.9139 1.0413 0.9929 0.1155  -0.0077 0.1787  60  HIS A NE2 
167 N N   . ILE A 35 ? 0.8423 0.7762 0.7743 0.0889  0.1250  0.1345  61  ILE A N   
168 C CA  . ILE A 35 ? 0.8418 0.7570 0.7664 0.0925  0.1453  0.1400  61  ILE A CA  
169 C C   . ILE A 35 ? 0.9935 0.8743 0.8377 0.0705  0.1538  0.1432  61  ILE A C   
170 O O   . ILE A 35 ? 0.9358 0.8041 0.7548 0.0648  0.1531  0.1658  61  ILE A O   
171 C CB  . ILE A 35 ? 0.8050 0.7253 0.7716 0.1079  0.1775  0.1189  61  ILE A CB  
172 C CG1 . ILE A 35 ? 0.7558 0.7198 0.8004 0.1319  0.1673  0.1179  61  ILE A CG1 
173 C CG2 . ILE A 35 ? 0.8776 0.7774 0.8297 0.1025  0.2040  0.1209  61  ILE A CG2 
174 C CD1 . ILE A 35 ? 0.7022 0.6840 0.7885 0.1497  0.1921  0.0944  61  ILE A CD1 
175 N N   . GLU A 36 ? 0.9689 0.8340 0.7711 0.0577  0.1612  0.1212  62  GLU A N   
176 C CA  . GLU A 36 ? 1.0624 0.9049 0.7852 0.0379  0.1697  0.1179  62  GLU A CA  
177 C C   . GLU A 36 ? 1.1284 0.9770 0.8084 0.0258  0.1351  0.1440  62  GLU A C   
178 O O   . GLU A 36 ? 1.1748 1.0143 0.7992 0.0155  0.1387  0.1621  62  GLU A O   
179 C CB  . GLU A 36 ? 1.2331 1.0577 0.9266 0.0299  0.1821  0.0807  62  GLU A CB  
180 C CG  . GLU A 36 ? 1.4942 1.3117 1.2213 0.0453  0.2169  0.0542  62  GLU A CG  
181 C CD  . GLU A 36 ? 1.7448 1.5403 1.4695 0.0458  0.2187  0.0207  62  GLU A CD  
182 O OE1 . GLU A 36 ? 1.8381 1.6183 1.5198 0.0279  0.2009  0.0100  62  GLU A OE1 
183 O OE2 . GLU A 36 ? 1.7867 1.5791 1.5547 0.0650  0.2361  0.0048  62  GLU A OE2 
184 N N   . ALA A 37 ? 0.9470 0.8167 0.6538 0.0274  0.1012  0.1488  63  ALA A N   
185 C CA  . ALA A 37 ? 1.1047 0.9891 0.7781 0.0198  0.0642  0.1715  63  ALA A CA  
186 C C   . ALA A 37 ? 1.1505 1.0361 0.8388 0.0339  0.0550  0.2090  63  ALA A C   
187 O O   . ALA A 37 ? 1.2565 1.1359 0.8905 0.0276  0.0388  0.2345  63  ALA A O   
188 C CB  . ALA A 37 ? 1.0036 0.9204 0.7154 0.0183  0.0320  0.1656  63  ALA A CB  
189 N N   . LEU A 38 ? 1.0485 0.9414 0.8108 0.0539  0.0635  0.2123  64  LEU A N   
190 C CA  . LEU A 38 ? 1.0822 0.9654 0.8699 0.0677  0.0588  0.2423  64  LEU A CA  
191 C C   . LEU A 38 ? 1.0921 0.9381 0.8217 0.0532  0.0848  0.2602  64  LEU A C   
192 O O   . LEU A 38 ? 1.1644 0.9938 0.8633 0.0515  0.0687  0.2972  64  LEU A O   
193 C CB  . LEU A 38 ? 0.9463 0.8449 0.8231 0.0893  0.0711  0.2293  64  LEU A CB  
194 C CG  . LEU A 38 ? 1.0107 0.9391 0.9520 0.1126  0.0375  0.2399  64  LEU A CG  
195 C CD1 . LEU A 38 ? 1.0838 1.0251 1.1027 0.1319  0.0555  0.2231  64  LEU A CD1 
196 C CD2 . LEU A 38 ? 0.7601 0.6644 0.6777 0.1159  0.0116  0.2777  64  LEU A CD2 
197 N N   . LEU A 39 ? 1.0305 0.8659 0.7460 0.0432  0.1254  0.2359  65  LEU A N   
198 C CA  . LEU A 39 ? 1.0080 0.8197 0.6715 0.0264  0.1553  0.2507  65  LEU A CA  
199 C C   . LEU A 39 ? 1.2925 1.1005 0.8578 0.0073  0.1431  0.2665  65  LEU A C   
200 O O   . LEU A 39 ? 1.5238 1.3159 1.0408 -0.0044 0.1497  0.3020  65  LEU A O   
201 C CB  . LEU A 39 ? 0.9886 0.8017 0.6615 0.0221  0.2007  0.2143  65  LEU A CB  
202 C CG  . LEU A 39 ? 1.1324 0.9565 0.8980 0.0416  0.2158  0.1954  65  LEU A CG  
203 C CD1 . LEU A 39 ? 1.0418 0.8722 0.8143 0.0395  0.2592  0.1600  65  LEU A CD1 
204 C CD2 . LEU A 39 ? 1.2753 1.0885 1.0886 0.0474  0.2104  0.2262  65  LEU A CD2 
205 N N   . ASP A 40 ? 1.2363 1.0604 0.7715 0.0029  0.1242  0.2421  66  ASP A N   
206 C CA  . ASP A 40 ? 1.4894 1.3202 0.9346 -0.0133 0.1056  0.2504  66  ASP A CA  
207 C C   . ASP A 40 ? 1.7364 1.5705 1.1660 -0.0064 0.0623  0.2992  66  ASP A C   
208 O O   . ASP A 40 ? 1.8978 1.7464 1.2570 -0.0157 0.0368  0.3089  66  ASP A O   
209 C CB  . ASP A 40 ? 1.6304 1.4769 1.0643 -0.0200 0.0924  0.2067  66  ASP A CB  
210 C CG  . ASP A 40 ? 1.9445 1.8030 1.2827 -0.0387 0.0792  0.1999  66  ASP A CG  
211 O OD1 . ASP A 40 ? 2.1277 1.9826 1.4038 -0.0512 0.1098  0.1907  66  ASP A OD1 
212 O OD2 . ASP A 40 ? 2.0403 1.9196 1.3664 -0.0411 0.0385  0.2006  66  ASP A OD2 
213 N N   . LYS A 41 ? 1.7175 1.5407 1.2119 0.0121  0.0502  0.3285  67  LYS A N   
214 C CA  . LYS A 41 ? 1.6581 1.4761 1.1401 0.0229  0.0109  0.3766  67  LYS A CA  
215 C C   . LYS A 41 ? 1.6678 1.4456 1.1715 0.0268  0.0270  0.4176  67  LYS A C   
216 O O   . LYS A 41 ? 1.7855 1.5500 1.3350 0.0472  -0.0026 0.4476  67  LYS A O   
217 C CB  . LYS A 41 ? 1.5297 1.3774 1.0785 0.0454  -0.0324 0.3697  67  LYS A CB  
218 C CG  . LYS A 41 ? 1.4719 1.3590 0.9978 0.0355  -0.0522 0.3357  67  LYS A CG  
219 C CD  . LYS A 41 ? 1.4951 1.4223 1.0858 0.0545  -0.0945 0.3323  67  LYS A CD  
220 C CE  . LYS A 41 ? 1.5289 1.4956 1.1006 0.0379  -0.1126 0.2988  67  LYS A CE  
221 N NZ  . LYS A 41 ? 1.5083 1.5254 1.1300 0.0531  -0.1586 0.3016  67  LYS A NZ  
222 N N   . PHE A 42 ? 1.6582 1.5016 1.7584 -0.1264 -0.5075 0.4403  68  PHE A N   
223 C CA  . PHE A 42 ? 1.6241 1.4854 1.8067 -0.1190 -0.4473 0.4423  68  PHE A CA  
224 C C   . PHE A 42 ? 1.6698 1.5066 1.8485 -0.0646 -0.3660 0.4432  68  PHE A C   
225 O O   . PHE A 42 ? 1.7085 1.5319 1.9421 -0.0380 -0.3552 0.4392  68  PHE A O   
226 C CB  . PHE A 42 ? 1.5987 1.4830 1.9209 -0.1388 -0.4761 0.4345  68  PHE A CB  
227 C CG  . PHE A 42 ? 1.6554 1.5557 1.9800 -0.1881 -0.5414 0.4337  68  PHE A CG  
228 C CD1 . PHE A 42 ? 1.5490 1.4749 1.9958 -0.2047 -0.5678 0.4214  68  PHE A CD1 
229 C CD2 . PHE A 42 ? 1.7384 1.6259 1.9443 -0.2163 -0.5765 0.4410  68  PHE A CD2 
230 C CE1 . PHE A 42 ? 1.5429 1.4732 1.9783 -0.2449 -0.6305 0.4201  68  PHE A CE1 
231 C CE2 . PHE A 42 ? 1.6385 1.5279 1.8353 -0.2604 -0.6318 0.4413  68  PHE A CE2 
232 C CZ  . PHE A 42 ? 1.5610 1.4677 1.8646 -0.2728 -0.6600 0.4327  68  PHE A CZ  
233 N N   . GLU A 45 ? 1.6054 1.3947 1.6026 -0.0125 -0.1842 0.4586  71  GLU A N   
234 C CA  . GLU A 45 ? 1.6432 1.4355 1.7662 -0.0125 -0.1762 0.4545  71  GLU A CA  
235 C C   . GLU A 45 ? 1.7642 1.5534 1.9961 -0.0179 -0.1005 0.4525  71  GLU A C   
236 O O   . GLU A 45 ? 1.7082 1.5233 2.0822 -0.0347 -0.1055 0.4409  71  GLU A O   
237 C CB  . GLU A 45 ? 1.6342 1.3838 1.7131 0.0406  -0.1529 0.4535  71  GLU A CB  
238 N N   . HIS A 46 ? 1.8584 1.6148 2.0253 -0.0025 -0.0300 0.4598  72  HIS A N   
239 C CA  . HIS A 46 ? 1.8948 1.6365 2.1529 -0.0091 0.0564  0.4560  72  HIS A CA  
240 C C   . HIS A 46 ? 1.7805 1.5761 2.1149 -0.0673 0.0239  0.4506  72  HIS A C   
241 O O   . HIS A 46 ? 1.7440 1.5792 2.2350 -0.0991 0.0191  0.4337  72  HIS A O   
242 C CB  . HIS A 46 ? 1.9575 1.6153 2.0917 0.0424  0.1581  0.4673  72  HIS A CB  
243 N N   . ASN A 47 ? 1.6674 1.4665 1.8946 -0.0794 -0.0010 0.4612  73  ASN A N   
244 C CA  . ASN A 47 ? 1.4777 1.3208 1.7462 -0.1328 -0.0371 0.4588  73  ASN A CA  
245 C C   . ASN A 47 ? 1.2751 1.1549 1.4837 -0.1613 -0.1438 0.4616  73  ASN A C   
246 O O   . ASN A 47 ? 1.1730 1.0528 1.2794 -0.1693 -0.1580 0.4686  73  ASN A O   
247 C CB  . ASN A 47 ? 1.4446 1.2511 1.6337 -0.1233 0.0355  0.4682  73  ASN A CB  
248 C CG  . ASN A 47 ? 1.3297 1.1775 1.5753 -0.1789 0.0115  0.4644  73  ASN A CG  
249 O OD1 . ASN A 47 ? 1.3108 1.2045 1.6940 -0.2189 -0.0242 0.4494  73  ASN A OD1 
250 N ND2 . ASN A 47 ? 1.2557 1.0853 1.3929 -0.1771 0.0294  0.4752  73  ASN A ND2 
251 N N   . PRO A 48 ? 1.2530 1.1586 1.5200 -0.1771 -0.2163 0.4543  74  PRO A N   
252 C CA  . PRO A 48 ? 1.1865 1.1038 1.3725 -0.1970 -0.3025 0.4571  74  PRO A CA  
253 C C   . PRO A 48 ? 1.1031 1.0414 1.2573 -0.2430 -0.3389 0.4597  74  PRO A C   
254 O O   . PRO A 48 ? 1.0861 1.0429 1.3201 -0.2708 -0.3302 0.4562  74  PRO A O   
255 C CB  . PRO A 48 ? 1.2041 1.1343 1.4775 -0.2074 -0.3646 0.4483  74  PRO A CB  
256 C CG  . PRO A 48 ? 1.2157 1.1386 1.5906 -0.1739 -0.3011 0.4407  74  PRO A CG  
257 C CD  . PRO A 48 ? 1.1528 1.0740 1.5630 -0.1769 -0.2214 0.4401  74  PRO A CD  
258 N N   . PRO A 49 ? 1.0984 1.0347 1.1396 -0.2529 -0.3767 0.4624  75  PRO A N   
259 C CA  . PRO A 49 ? 1.0757 1.0266 1.0736 -0.2947 -0.4014 0.4644  75  PRO A CA  
260 C C   . PRO A 49 ? 1.2372 1.2009 1.3024 -0.3438 -0.4645 0.4622  75  PRO A C   
261 O O   . PRO A 49 ? 1.0658 1.0223 1.1639 -0.3506 -0.5191 0.4580  75  PRO A O   
262 C CB  . PRO A 49 ? 1.1566 1.1036 1.0384 -0.2943 -0.4334 0.4593  75  PRO A CB  
263 C CG  . PRO A 49 ? 1.3065 1.2365 1.1580 -0.2398 -0.4035 0.4553  75  PRO A CG  
264 C CD  . PRO A 49 ? 1.3038 1.2247 1.2547 -0.2241 -0.3904 0.4587  75  PRO A CD  
265 N N   . SER A 50 ? 0.8805 0.7884 1.2042 -0.2027 -0.3816 0.5090  76  SER A N   
266 C CA  . SER A 50 ? 0.9414 0.7563 1.2444 -0.1920 -0.4125 0.4660  76  SER A CA  
267 C C   . SER A 50 ? 0.9329 0.7044 1.1404 -0.1564 -0.3736 0.4117  76  SER A C   
268 O O   . SER A 50 ? 0.9645 0.7131 1.1494 -0.1503 -0.3662 0.3859  76  SER A O   
269 C CB  . SER A 50 ? 1.0564 0.7746 1.3891 -0.1894 -0.4867 0.4377  76  SER A CB  
270 O OG  . SER A 50 ? 1.1631 0.9220 1.5923 -0.2270 -0.5256 0.4887  76  SER A OG  
271 N N   . ILE A 51 ? 0.9625 0.7506 1.1144 -0.1312 -0.3311 0.3690  77  ILE A N   
272 C CA  . ILE A 51 ? 1.0588 0.8304 1.1239 -0.0967 -0.2784 0.2895  77  ILE A CA  
273 C C   . ILE A 51 ? 0.9876 0.8394 1.0405 -0.1020 -0.2133 0.2956  77  ILE A C   
274 O O   . ILE A 51 ? 0.9807 0.8029 0.9852 -0.0838 -0.1897 0.2486  77  ILE A O   
275 C CB  . ILE A 51 ? 1.0678 0.8464 1.0859 -0.0716 -0.2491 0.2469  77  ILE A CB  
276 C CG1 . ILE A 51 ? 1.0363 0.7917 0.9692 -0.0370 -0.2009 0.1658  77  ILE A CG1 
277 C CG2 . ILE A 51 ? 1.0130 0.9050 1.0557 -0.0855 -0.2042 0.2911  77  ILE A CG2 
278 C CD1 . ILE A 51 ? 0.9575 0.7182 0.8456 -0.0121 -0.1747 0.1206  77  ILE A CD1 
279 N N   . TYR A 52 ? 0.8724 0.8314 0.9719 -0.1258 -0.1859 0.3541  78  TYR A N   
280 C CA  . TYR A 52 ? 0.9471 0.9862 1.0474 -0.1306 -0.1329 0.3606  78  TYR A CA  
281 C C   . TYR A 52 ? 0.9027 0.9070 1.0324 -0.1464 -0.1678 0.3831  78  TYR A C   
282 O O   . TYR A 52 ? 0.8262 0.8228 0.9246 -0.1343 -0.1396 0.3508  78  TYR A O   
283 C CB  . TYR A 52 ? 0.9028 1.0782 1.0497 -0.1495 -0.1002 0.4161  78  TYR A CB  
284 C CG  . TYR A 52 ? 0.9875 1.2244 1.1089 -0.1329 -0.0565 0.3946  78  TYR A CG  
285 C CD1 . TYR A 52 ? 0.9972 1.1707 1.0541 -0.1025 -0.0393 0.3249  78  TYR A CD1 
286 C CD2 . TYR A 52 ? 0.9783 1.3464 1.1414 -0.1468 -0.0323 0.4445  78  TYR A CD2 
287 C CE1 . TYR A 52 ? 1.0639 1.2960 1.1005 -0.0874 -0.0004 0.3042  78  TYR A CE1 
288 C CE2 . TYR A 52 ? 0.9336 1.3645 1.0750 -0.1300 0.0062  0.4237  78  TYR A CE2 
289 C CZ  . TYR A 52 ? 1.0172 1.3761 1.0962 -0.1007 0.0216  0.3528  78  TYR A CZ  
290 O OH  . TYR A 52 ? 1.1077 1.5308 1.1671 -0.0836 0.0593  0.3299  78  TYR A OH  
291 N N   . LEU A 53 ? 0.7980 0.7840 0.9935 -0.1748 -0.2303 0.4418  79  LEU A N   
292 C CA  . LEU A 53 ? 0.7678 0.7280 1.0006 -0.1926 -0.2668 0.4673  79  LEU A CA  
293 C C   . LEU A 53 ? 1.0104 0.8593 1.1918 -0.1671 -0.2901 0.4033  79  LEU A C   
294 O O   . LEU A 53 ? 0.8761 0.7172 1.0531 -0.1669 -0.2875 0.3967  79  LEU A O   
295 C CB  . LEU A 53 ? 0.8048 0.7794 1.1233 -0.2209 -0.3230 0.5066  79  LEU A CB  
296 C CG  . LEU A 53 ? 0.9221 1.0273 1.3024 -0.2441 -0.3037 0.5617  79  LEU A CG  
297 C CD1 . LEU A 53 ? 0.8818 0.9879 1.3497 -0.2733 -0.3667 0.5998  79  LEU A CD1 
298 C CD2 . LEU A 53 ? 0.8861 1.1018 1.2731 -0.2465 -0.2536 0.5776  79  LEU A CD2 
299 N N   . GLU A 54 ? 0.8409 0.6094 0.9822 -0.1435 -0.3133 0.3549  80  GLU A N   
300 C CA  . GLU A 54 ? 0.8782 0.5548 0.9661 -0.1150 -0.3346 0.2907  80  GLU A CA  
301 C C   . GLU A 54 ? 0.9084 0.6098 0.9244 -0.0904 -0.2644 0.2431  80  GLU A C   
302 O O   . GLU A 54 ? 0.9543 0.6187 0.9415 -0.0774 -0.2687 0.2158  80  GLU A O   
303 C CB  . GLU A 54 ? 0.9265 0.5249 0.9909 -0.0929 -0.3761 0.2473  80  GLU A CB  
304 C CG  . GLU A 54 ? 1.2836 0.8214 1.4206 -0.1102 -0.4653 0.2784  80  GLU A CG  
305 C CD  . GLU A 54 ? 1.4472 0.9128 1.5630 -0.0841 -0.5057 0.2294  80  GLU A CD  
306 O OE1 . GLU A 54 ? 1.4715 0.9556 1.5270 -0.0611 -0.4586 0.1904  80  GLU A OE1 
307 O OE2 . GLU A 54 ? 1.5827 1.0087 1.7434 -0.0880 -0.5688 0.2122  80  GLU A OE2 
308 N N   . ALA A 55 ? 0.8624 0.6263 0.8522 -0.0831 -0.2017 0.2328  81  ALA A N   
309 C CA  . ALA A 55 ? 0.8641 0.6546 0.7998 -0.0631 -0.1361 0.1928  81  ALA A CA  
310 C C   . ALA A 55 ? 0.8723 0.7134 0.8379 -0.0779 -0.1158 0.2235  81  ALA A C   
311 O O   . ALA A 55 ? 0.8335 0.6579 0.7635 -0.0629 -0.0923 0.1950  81  ALA A O   
312 C CB  . ALA A 55 ? 0.8235 0.6761 0.7389 -0.0541 -0.0777 0.1763  81  ALA A CB  
313 N N   . TYR A 56 ? 0.7114 0.6204 0.7436 -0.1071 -0.1246 0.2836  82  TYR A N   
314 C CA  . TYR A 56 ? 0.8366 0.7989 0.9022 -0.1210 -0.1108 0.3128  82  TYR A CA  
315 C C   . TYR A 56 ? 1.0175 0.9037 1.0776 -0.1189 -0.1542 0.3056  82  TYR A C   
316 O O   . TYR A 56 ? 0.8384 0.7297 0.8801 -0.1093 -0.1296 0.2903  82  TYR A O   
317 C CB  . TYR A 56 ? 0.7322 0.7852 0.8735 -0.1538 -0.1211 0.3827  82  TYR A CB  
318 C CG  . TYR A 56 ? 0.7685 0.8821 0.9498 -0.1687 -0.1131 0.4141  82  TYR A CG  
319 C CD1 . TYR A 56 ? 0.8411 1.0392 1.0177 -0.1586 -0.0530 0.4000  82  TYR A CD1 
320 C CD2 . TYR A 56 ? 0.8410 0.9273 1.0688 -0.1914 -0.1684 0.4542  82  TYR A CD2 
321 C CE1 . TYR A 56 ? 0.7185 0.9745 0.9334 -0.1695 -0.0480 0.4254  82  TYR A CE1 
322 C CE2 . TYR A 56 ? 0.9313 1.0755 1.1956 -0.2042 -0.1618 0.4815  82  TYR A CE2 
323 C CZ  . TYR A 56 ? 0.7003 0.9294 0.9561 -0.1924 -0.1015 0.4665  82  TYR A CZ  
324 O OH  . TYR A 56 ? 0.7186 1.0075 1.0141 -0.2027 -0.0998 0.4901  82  TYR A OH  
325 N N   . GLU A 57 ? 0.7742 0.5875 0.8504 -0.1249 -0.2209 0.3122  83  GLU A N   
326 C CA  . GLU A 57 ? 0.8691 0.6135 0.9421 -0.1201 -0.2670 0.2999  83  GLU A CA  
327 C C   . GLU A 57 ? 1.0305 0.7215 1.0220 -0.0834 -0.2458 0.2345  83  GLU A C   
328 O O   . GLU A 57 ? 1.0479 0.7184 1.0241 -0.0749 -0.2517 0.2238  83  GLU A O   
329 C CB  . GLU A 57 ? 0.9283 0.6074 1.0445 -0.1321 -0.3475 0.3152  83  GLU A CB  
330 C CG  . GLU A 57 ? 1.2864 0.9492 1.4580 -0.1519 -0.3994 0.3473  83  GLU A CG  
331 C CD  . GLU A 57 ? 1.5383 1.2441 1.8016 -0.1877 -0.4366 0.3920  83  GLU A CD  
332 O OE1 . GLU A 57 ? 1.5575 1.2459 1.8382 -0.1906 -0.4604 0.3900  83  GLU A OE1 
333 O OE2 . GLU A 57 ? 1.6228 1.3843 1.9429 -0.2124 -0.4426 0.4285  83  GLU A OE2 
334 N N   . GLU A 58 ? 0.9721 0.6470 0.9120 -0.0618 -0.2205 0.1933  84  GLU A N   
335 C CA  . GLU A 58 ? 0.9751 0.6092 0.8382 -0.0281 -0.1990 0.1352  84  GLU A CA  
336 C C   . GLU A 58 ? 1.0235 0.7022 0.8650 -0.0223 -0.1369 0.1324  84  GLU A C   
337 O O   . GLU A 58 ? 0.9745 0.6237 0.7759 -0.0039 -0.1341 0.1086  84  GLU A O   
338 C CB  . GLU A 58 ? 1.0696 0.6899 0.8902 -0.0095 -0.1826 0.0963  84  GLU A CB  
339 C CG  . GLU A 58 ? 1.2372 0.8275 0.9783 0.0247  -0.1573 0.0383  84  GLU A CG  
340 C CD  . GLU A 58 ? 1.3682 0.9704 1.0716 0.0395  -0.1207 0.0047  84  GLU A CD  
341 O OE1 . GLU A 58 ? 1.3918 0.9877 1.0351 0.0635  -0.0880 -0.0362 84  GLU A OE1 
342 O OE2 . GLU A 58 ? 1.3581 0.9807 1.0933 0.0266  -0.1247 0.0216  84  GLU A OE2 
343 N N   . TYR A 59 ? 0.9093 0.6626 0.7792 -0.0358 -0.0886 0.1551  85  TYR A N   
344 C CA  . TYR A 59 ? 0.9705 0.7667 0.8288 -0.0285 -0.0305 0.1473  85  TYR A CA  
345 C C   . TYR A 59 ? 1.0333 0.8530 0.9319 -0.0419 -0.0412 0.1806  85  TYR A C   
346 O O   . TYR A 59 ? 0.9374 0.7569 0.8172 -0.0296 -0.0147 0.1685  85  TYR A O   
347 C CB  . TYR A 59 ? 0.8292 0.7013 0.7050 -0.0326 0.0231  0.1482  85  TYR A CB  
348 C CG  . TYR A 59 ? 1.0146 0.8755 0.8589 -0.0217 0.0343  0.1192  85  TYR A CG  
349 C CD1 . TYR A 59 ? 1.0459 0.8352 0.8326 -0.0010 0.0179  0.0795  85  TYR A CD1 
350 C CD2 . TYR A 59 ? 1.0701 1.0015 0.9425 -0.0301 0.0618  0.1302  85  TYR A CD2 
351 C CE1 . TYR A 59 ? 1.1676 0.9513 0.9270 0.0099  0.0281  0.0512  85  TYR A CE1 
352 C CE2 . TYR A 59 ? 1.1336 1.0586 0.9789 -0.0197 0.0722  0.1040  85  TYR A CE2 
353 C CZ  . TYR A 59 ? 1.2177 1.0664 1.0072 -0.0002 0.0551  0.0644  85  TYR A CZ  
354 O OH  . TYR A 59 ? 1.1131 0.9600 0.8776 0.0110  0.0647  0.0371  85  TYR A OH  
355 N N   . THR A 60 ? 0.8174 0.6566 0.7732 -0.0670 -0.0815 0.2242  86  THR A N   
356 C CA  . THR A 60 ? 0.8229 0.6750 0.8123 -0.0776 -0.0993 0.2513  86  THR A CA  
357 C C   . THR A 60 ? 1.0569 0.8284 1.0065 -0.0602 -0.1352 0.2270  86  THR A C   
358 O O   . THR A 60 ? 1.0626 0.8360 1.0038 -0.0521 -0.1238 0.2253  86  THR A O   
359 C CB  . THR A 60 ? 0.8627 0.7566 0.9258 -0.1103 -0.1371 0.3064  86  THR A CB  
360 O OG1 . THR A 60 ? 0.9445 0.7805 1.0164 -0.1181 -0.1930 0.3119  86  THR A OG1 
361 C CG2 . THR A 60 ? 0.8566 0.8534 0.9572 -0.1240 -0.0948 0.3317  86  THR A CG2 
362 N N   . SER A 61 ? 0.9872 0.6916 0.9108 -0.0510 -0.1786 0.2046  87  SER A N   
363 C CA  . SER A 61 ? 1.0829 0.7226 0.9615 -0.0278 -0.2101 0.1727  87  SER A CA  
364 C C   . SER A 61 ? 0.9764 0.6157 0.7905 -0.0009 -0.1583 0.1400  87  SER A C   
365 O O   . SER A 61 ? 1.0529 0.6792 0.8465 0.0116  -0.1612 0.1356  87  SER A O   
366 C CB  . SER A 61 ? 1.1607 0.7384 1.0237 -0.0174 -0.2638 0.1449  87  SER A CB  
367 O OG  . SER A 61 ? 1.4437 1.0104 1.3752 -0.0425 -0.3229 0.1783  87  SER A OG  
368 N N   . LYS A 62 ? 0.9472 0.6031 0.7320 0.0075  -0.1111 0.1195  88  LYS A N   
369 C CA  . LYS A 62 ? 0.9608 0.6190 0.6940 0.0293  -0.0614 0.0943  88  LYS A CA  
370 C C   . LYS A 62 ? 1.1157 0.8135 0.8770 0.0230  -0.0287 0.1183  88  LYS A C   
371 O O   . LYS A 62 ? 1.0839 0.7684 0.8138 0.0393  -0.0132 0.1102  88  LYS A O   
372 C CB  . LYS A 62 ? 1.0186 0.6948 0.7293 0.0354  -0.0168 0.0707  88  LYS A CB  
373 C CG  . LYS A 62 ? 1.2993 0.9850 0.9717 0.0524  0.0384  0.0509  88  LYS A CG  
374 C CD  . LYS A 62 ? 1.5521 1.2359 1.1860 0.0645  0.0661  0.0168  88  LYS A CD  
375 C CE  . LYS A 62 ? 1.6034 1.2882 1.1965 0.0818  0.1110  -0.0014 88  LYS A CE  
376 N NZ  . LYS A 62 ? 1.5432 1.2285 1.0981 0.0935  0.1360  -0.0358 88  LYS A NZ  
377 N N   . LEU A 63 ? 1.0224 0.7739 0.8455 0.0004  -0.0203 0.1493  89  LEU A N   
378 C CA  . LEU A 63 ? 0.9242 0.7195 0.7820 -0.0041 0.0052  0.1690  89  LEU A CA  
379 C C   . LEU A 63 ? 1.0727 0.8376 0.9294 -0.0009 -0.0324 0.1820  89  LEU A C   
380 O O   . LEU A 63 ? 0.9959 0.7590 0.8398 0.0121  -0.0122 0.1797  89  LEU A O   
381 C CB  . LEU A 63 ? 0.9013 0.7719 0.8260 -0.0276 0.0139  0.1985  89  LEU A CB  
382 C CG  . LEU A 63 ? 0.9554 0.8951 0.9230 -0.0294 0.0511  0.2089  89  LEU A CG  
383 C CD1 . LEU A 63 ? 0.8302 0.7704 0.7734 -0.0091 0.1038  0.1763  89  LEU A CD1 
384 C CD2 . LEU A 63 ? 0.9375 0.9633 0.9626 -0.0500 0.0581  0.2332  89  LEU A CD2 
385 N N   . ASP A 64 ? 0.9629 0.7031 0.8370 -0.0123 -0.0897 0.1960  90  ASP A N   
386 C CA  . ASP A 64 ? 1.1522 0.8628 1.0244 -0.0070 -0.1300 0.2030  90  ASP A CA  
387 C C   . ASP A 64 ? 1.0706 0.7332 0.8718 0.0236  -0.1290 0.1710  90  ASP A C   
388 O O   . ASP A 64 ? 1.0996 0.7541 0.8897 0.0347  -0.1373 0.1755  90  ASP A O   
389 C CB  . ASP A 64 ? 1.2781 0.9649 1.1852 -0.0235 -0.1963 0.2175  90  ASP A CB  
390 C CG  . ASP A 64 ? 1.5893 1.3337 1.5728 -0.0568 -0.2015 0.2607  90  ASP A CG  
391 O OD1 . ASP A 64 ? 1.6043 1.4122 1.6159 -0.0639 -0.1617 0.2792  90  ASP A OD1 
392 O OD2 . ASP A 64 ? 1.7644 1.4948 1.7834 -0.0751 -0.2470 0.2768  90  ASP A OD2 
393 N N   . ALA A 65 ? 1.0794 0.7153 0.8321 0.0381  -0.1212 0.1397  91  ALA A N   
394 C CA  . ALA A 65 ? 1.1059 0.7120 0.7893 0.0679  -0.1162 0.1112  91  ALA A CA  
395 C C   . ALA A 65 ? 1.1022 0.7319 0.7723 0.0761  -0.0605 0.1195  91  ALA A C   
396 O O   . ALA A 65 ? 1.1161 0.7357 0.7562 0.0933  -0.0633 0.1212  91  ALA A O   
397 C CB  . ALA A 65 ? 1.1666 0.7510 0.8046 0.0815  -0.1157 0.0754  91  ALA A CB  
398 N N   . LEU A 66 ? 1.0469 0.7104 0.7435 0.0651  -0.0115 0.1245  92  LEU A N   
399 C CA  . LEU A 66 ? 1.0108 0.6920 0.7045 0.0732  0.0389  0.1288  92  LEU A CA  
400 C C   . LEU A 66 ? 1.0810 0.7758 0.8101 0.0706  0.0324  0.1560  92  LEU A C   
401 O O   . LEU A 66 ? 1.1170 0.8031 0.8269 0.0852  0.0472  0.1623  92  LEU A O   
402 C CB  . LEU A 66 ? 0.9214 0.6398 0.6464 0.0631  0.0868  0.1224  92  LEU A CB  
403 C CG  . LEU A 66 ? 0.9761 0.6849 0.6629 0.0693  0.1059  0.0932  92  LEU A CG  
404 C CD1 . LEU A 66 ? 0.9739 0.7290 0.7031 0.0572  0.1446  0.0878  92  LEU A CD1 
405 C CD2 . LEU A 66 ? 0.8870 0.5757 0.5218 0.0891  0.1306  0.0805  92  LEU A CD2 
406 N N   . GLN A 67 ? 1.0501 0.7687 0.8323 0.0520  0.0078  0.1750  93  GLN A N   
407 C CA  . GLN A 67 ? 1.1342 0.8740 0.9564 0.0486  0.0001  0.1993  93  GLN A CA  
408 C C   . GLN A 67 ? 1.1283 0.8310 0.9160 0.0635  -0.0380 0.2036  93  GLN A C   
409 O O   . GLN A 67 ? 1.2290 0.9373 1.0240 0.0725  -0.0302 0.2176  93  GLN A O   
410 C CB  . GLN A 67 ? 0.9072 0.6915 0.7939 0.0236  -0.0181 0.2194  93  GLN A CB  
411 C CG  . GLN A 67 ? 1.0940 0.9379 1.0228 0.0141  0.0267  0.2181  93  GLN A CG  
412 C CD  . GLN A 67 ? 1.3141 1.2224 1.3088 -0.0093 0.0132  0.2431  93  GLN A CD  
413 O OE1 . GLN A 67 ? 1.4297 1.3302 1.4377 -0.0248 -0.0311 0.2618  93  GLN A OE1 
414 N NE2 . GLN A 67 ? 1.3239 1.3020 1.3650 -0.0113 0.0496  0.2436  93  GLN A NE2 
415 N N   . GLN A 68 ? 1.1652 0.8331 0.9185 0.0685  -0.0815 0.1897  94  GLN A N   
416 C CA  . GLN A 68 ? 1.3032 0.9436 1.0199 0.0879  -0.1183 0.1869  94  GLN A CA  
417 C C   . GLN A 68 ? 1.2453 0.8759 0.9023 0.1136  -0.0879 0.1791  94  GLN A C   
418 O O   . GLN A 68 ? 1.2318 0.8625 0.8754 0.1278  -0.0931 0.1928  94  GLN A O   
419 C CB  . GLN A 68 ? 1.4240 1.0329 1.1228 0.0909  -0.1750 0.1657  94  GLN A CB  
420 C CG  . GLN A 68 ? 1.7550 1.3686 1.5179 0.0661  -0.2202 0.1822  94  GLN A CG  
421 C CD  . GLN A 68 ? 2.0825 1.6589 1.8397 0.0676  -0.2781 0.1584  94  GLN A CD  
422 O OE1 . GLN A 68 ? 2.2046 1.7594 1.9180 0.0821  -0.2761 0.1279  94  GLN A OE1 
423 N NE2 . GLN A 68 ? 2.1405 1.7104 1.9475 0.0532  -0.3324 0.1710  94  GLN A NE2 
424 N N   . ARG A 69 ? 1.1778 0.8036 0.7995 0.1196  -0.0576 0.1596  95  ARG A N   
425 C CA  . ARG A 69 ? 1.2243 0.8495 0.7962 0.1400  -0.0244 0.1586  95  ARG A CA  
426 C C   . ARG A 69 ? 1.2610 0.9026 0.8678 0.1371  0.0119  0.1882  95  ARG A C   
427 O O   . ARG A 69 ? 1.2635 0.9035 0.8441 0.1537  0.0165  0.2045  95  ARG A O   
428 C CB  . ARG A 69 ? 1.3182 0.9432 0.8619 0.1412  0.0072  0.1349  95  ARG A CB  
429 C CG  . ARG A 69 ? 1.6197 1.2485 1.1053 0.1619  0.0357  0.1316  95  ARG A CG  
430 C CD  . ARG A 69 ? 1.8554 1.4851 1.3132 0.1627  0.0560  0.1012  95  ARG A CD  
431 N NE  . ARG A 69 ? 1.9803 1.6245 1.4062 0.1723  0.1013  0.1047  95  ARG A NE  
432 C CZ  . ARG A 69 ? 1.9434 1.5947 1.3469 0.1732  0.1272  0.0811  95  ARG A CZ  
433 N NH1 . ARG A 69 ? 1.9284 1.5712 1.3358 0.1670  0.1118  0.0515  95  ARG A NH1 
434 N NH2 . ARG A 69 ? 1.9132 1.5817 1.2943 0.1796  0.1676  0.0898  95  ARG A NH2 
435 N N   . GLU A 70 ? 0.9720 0.6341 0.6419 0.1177  0.0343  0.1956  96  GLU A N   
436 C CA  . GLU A 70 ? 1.0368 0.7154 0.7503 0.1171  0.0641  0.2169  96  GLU A CA  
437 C C   . GLU A 70 ? 1.2286 0.9069 0.9560 0.1229  0.0325  0.2395  96  GLU A C   
438 O O   . GLU A 70 ? 1.2099 0.8821 0.9284 0.1370  0.0418  0.2584  96  GLU A O   
439 C CB  . GLU A 70 ? 0.9582 0.6708 0.7377 0.0989  0.0900  0.2120  96  GLU A CB  
440 C CG  . GLU A 70 ? 1.0490 0.7775 0.8741 0.1027  0.1270  0.2213  96  GLU A CG  
441 C CD  . GLU A 70 ? 1.1470 0.9238 1.0442 0.0892  0.1418  0.2138  96  GLU A CD  
442 O OE1 . GLU A 70 ? 1.1152 0.9119 1.0639 0.0937  0.1646  0.2156  96  GLU A OE1 
443 O OE2 . GLU A 70 ? 1.2562 1.0556 1.1613 0.0751  0.1283  0.2061  96  GLU A OE2 
444 N N   . GLN A 71 ? 1.1890 0.8755 0.9419 0.1115  -0.0061 0.2406  97  GLN A N   
445 C CA  . GLN A 71 ? 1.2836 0.9734 1.0533 0.1165  -0.0373 0.2601  97  GLN A CA  
446 C C   . GLN A 71 ? 1.3577 1.0223 1.0636 0.1409  -0.0594 0.2626  97  GLN A C   
447 O O   . GLN A 71 ? 1.3033 0.9706 1.0129 0.1529  -0.0666 0.2832  97  GLN A O   
448 C CB  . GLN A 71 ? 1.3145 1.0190 1.1232 0.0980  -0.0781 0.2615  97  GLN A CB  
449 C CG  . GLN A 71 ? 1.5477 1.2230 1.3173 0.1018  -0.1267 0.2464  97  GLN A CG  
450 C CD  . GLN A 71 ? 1.6890 1.3717 1.4977 0.0906  -0.1773 0.2570  97  GLN A CD  
451 O OE1 . GLN A 71 ? 1.7258 1.4427 1.5976 0.0681  -0.1770 0.2732  97  GLN A OE1 
452 N NE2 . GLN A 71 ? 1.7524 1.4104 1.5263 0.1070  -0.2219 0.2472  97  GLN A NE2 
453 N N   . GLN A 72 ? 1.2017 0.8483 0.8486 0.1511  -0.0691 0.2411  98  GLN A N   
454 C CA  . GLN A 72 ? 1.3254 0.9637 0.9076 0.1781  -0.0866 0.2407  98  GLN A CA  
455 C C   . GLN A 72 ? 1.4056 1.0502 0.9656 0.1911  -0.0431 0.2629  98  GLN A C   
456 O O   . GLN A 72 ? 1.4117 1.0622 0.9375 0.2116  -0.0536 0.2804  98  GLN A O   
457 C CB  . GLN A 72 ? 1.4395 1.0663 0.9678 0.1886  -0.1107 0.2061  98  GLN A CB  
458 C CG  . GLN A 72 ? 1.6400 1.2707 1.1100 0.2184  -0.1486 0.1968  98  GLN A CG  
459 C CD  . GLN A 72 ? 1.7832 1.4129 1.1941 0.2359  -0.1632 0.1584  98  GLN A CD  
460 O OE1 . GLN A 72 ? 1.7369 1.3550 1.1543 0.2236  -0.1525 0.1374  98  GLN A OE1 
461 N NE2 . GLN A 72 ? 1.8461 1.4947 1.1991 0.2675  -0.1889 0.1472  98  GLN A NE2 
462 N N   . LEU A 73 ? 1.4419 1.0881 1.0230 0.1796  0.0042  0.2638  99  LEU A N   
463 C CA  . LEU A 73 ? 1.3490 0.9988 0.9246 0.1882  0.0427  0.2899  99  LEU A CA  
464 C C   . LEU A 73 ? 1.3499 1.0023 0.9811 0.1872  0.0463  0.3210  99  LEU A C   
465 O O   . LEU A 73 ? 1.2958 0.9479 0.9213 0.1985  0.0624  0.3513  99  LEU A O   
466 C CB  . LEU A 73 ? 1.2280 0.8784 0.8191 0.1763  0.0895  0.2789  99  LEU A CB  
467 C CG  . LEU A 73 ? 1.3425 0.9930 0.8749 0.1808  0.0933  0.2504  99  LEU A CG  
468 C CD1 . LEU A 73 ? 1.3386 0.9921 0.8963 0.1670  0.1394  0.2381  99  LEU A CD1 
469 C CD2 . LEU A 73 ? 1.3241 0.9853 0.7853 0.2044  0.0876  0.2622  99  LEU A CD2 
470 N N   . LEU A 74 ? 1.2686 0.9275 0.9556 0.1742  0.0305  0.3161  100 LEU A N   
471 C CA  . LEU A 74 ? 1.1940 0.8606 0.9406 0.1744  0.0346  0.3393  100 LEU A CA  
472 C C   . LEU A 74 ? 1.4013 1.0671 1.1303 0.1904  -0.0023 0.3609  100 LEU A C   
473 O O   . LEU A 74 ? 1.4552 1.1325 1.2329 0.1876  -0.0189 0.3687  100 LEU A O   
474 C CB  . LEU A 74 ? 1.1117 0.8009 0.9282 0.1550  0.0369  0.3237  100 LEU A CB  
475 C CG  . LEU A 74 ? 1.2235 0.9232 1.0696 0.1423  0.0778  0.3037  100 LEU A CG  
476 C CD1 . LEU A 74 ? 1.1900 0.9288 1.1072 0.1272  0.0805  0.2912  100 LEU A CD1 
477 C CD2 . LEU A 74 ? 1.2533 0.9405 1.1138 0.1507  0.1150  0.3166  100 LEU A CD2 
478 N N   . GLU A 75 ? 1.5346 1.1948 1.1946 0.2094  -0.0159 0.3697  101 GLU A N   
479 C CA  . GLU A 75 ? 1.6850 1.3506 1.3257 0.2291  -0.0452 0.3944  101 GLU A CA  
480 C C   . GLU A 75 ? 1.6496 1.3133 1.2964 0.2404  -0.0170 0.4354  101 GLU A C   
481 O O   . GLU A 75 ? 1.8952 1.5669 1.4862 0.2576  -0.0138 0.4564  101 GLU A O   
482 C CB  . GLU A 75 ? 1.7577 1.4300 1.3233 0.2467  -0.0807 0.3784  101 GLU A CB  
483 C CG  . GLU A 75 ? 1.7441 1.4096 1.2946 0.2351  -0.0938 0.3363  101 GLU A CG  
484 C CD  . GLU A 75 ? 1.7738 1.4356 1.3829 0.2131  -0.1180 0.3201  101 GLU A CD  
485 O OE1 . GLU A 75 ? 1.7082 1.3767 1.3812 0.1991  -0.1042 0.3351  101 GLU A OE1 
486 O OE2 . GLU A 75 ? 1.8744 1.5306 1.4688 0.2100  -0.1530 0.2923  101 GLU A OE2 
487 N N   . SER A 76 ? 1.6081 1.2663 1.3299 0.2309  0.0017  0.4471  102 SER A N   
488 C CA  . SER A 76 ? 1.6047 1.2541 1.3557 0.2379  0.0267  0.4857  102 SER A CA  
489 C C   . SER A 76 ? 1.7008 1.3543 1.4655 0.2533  -0.0009 0.5152  102 SER A C   
490 O O   . SER A 76 ? 1.7082 1.3624 1.5362 0.2514  -0.0107 0.5133  102 SER A O   
491 C CB  . SER A 76 ? 1.5329 1.1746 1.3667 0.2220  0.0585  0.4744  102 SER A CB  
492 O OG  . SER A 76 ? 1.4638 1.1065 1.2893 0.2068  0.0830  0.4427  102 SER A OG  
# 
